data_8DBX
#
_entry.id   8DBX
#
_cell.length_a   1.00
_cell.length_b   1.00
_cell.length_c   1.00
_cell.angle_alpha   90.00
_cell.angle_beta   90.00
_cell.angle_gamma   90.00
#
_symmetry.space_group_name_H-M   'P 1'
#
loop_
_entity.id
_entity.type
_entity.pdbx_description
1 polymer 'Nitrogenase molybdenum-iron protein alpha chain'
2 polymer 'Nitrogenase molybdenum-iron protein beta chain'
3 non-polymer 'iron-sulfur-molybdenum cluster with interstitial carbon'
4 non-polymer '3-HYDROXY-3-CARBOXY-ADIPIC ACID'
5 non-polymer 'FE(8)-S(7) CLUSTER'
6 non-polymer 'FE(8)-S(7) CLUSTER, OXIDIZED'
7 non-polymer 'FE (III) ION'
8 water water
#
loop_
_entity_poly.entity_id
_entity_poly.type
_entity_poly.pdbx_seq_one_letter_code
_entity_poly.pdbx_strand_id
1 'polypeptide(L)'
;MTGMSREEVESLIQEVLEVYPEKARKDRNKHLAVNDPAVTQSKKCIISNKKSQPGLMTIRGCAYAGSKGVVWGPIKDMIH
ISHGPVGCGQYSRAGRRNYYIGTTGVNAFVTMNFTSDFQEKDIVFGGDKKLAKLIDEVETLFPLNKGISVQSECPIGLIG
DDIESVSKVKGAELSKTIVPVRCEGFRGVSQSLGHHIANDAVRDWVLGKRDEDTTFASTPYDVAIIGDYNIGGDAWSSRI
LLEEMGLRCVAQWSGDGSISEIELTPKVKLNLVHCYRSMNYISRHMEEKYGIPWMEYNFFGPTKTIESLRAIAAKFDESI
QKKCEEVIAKYKPEWEAVVAKYRPRLEGKRVMLYIGGLRPRHVIGAYEDLGMEVVGTGYEFAHNDDYDRTMKEMGDSTLL
YDDVTGYEFEEFVKRIKPDLIGSGIKEKFIFQKMGIPFREMHSWDYSGPYHGFDGFAIFARDMDMTLNNPCWKKLQAPWE
ASEGAEKVAASA
;
A,C
2 'polypeptide(L)'
;MSQQVDKIKASYPLFLDQDYKDMLAKKRDGFEEKYPQDKIDEVFQWTTTKEYQELNFQREALTVNPAKACQPLGAVLCAL
GFEKTMPYVHGSQGCVAYFRSYFNRHFREPVSCVSDSMTEDAAVFGGQQNMKDGLQNCKATYKPDMIAVSTTCMAEVIGD
DLNAFINNSKKEGFIPDEFPVPFAHTPSFVGSHVTGWDNMFEGIARYFTLKSMDDKVVGSNKKINIVPGFETYLGNFRVI
KRMLSEMGVGYSLLSDPEEVLDTPADGQFRMYAGGTTQEEMKDAPNALNTVLLQPWHLEKTKKFVEGTWKHEVPKLNIPM
GLDWTDEFLMKVSEISGQPIPASLTKERGRLVDMMTDSHTWLHGKRFALWGDPDFVMGLVKFLLELGCEPVHILCHNGNK
RWKKAVDAILAASPYGKNATVYIGKDLWHLRSLVFTDKPDFMIGNSYGKFIQRDTLHKGKEFEVPLIRIGFPIFDRHHLH
RSTTLGYEGAMQILTTLVNSILERLDEETRGMQATDYNHDLVR
;
B,D
#
loop_
_chem_comp.id
_chem_comp.type
_chem_comp.name
_chem_comp.formula
1CL non-polymer 'FE(8)-S(7) CLUSTER, OXIDIZED' 'Fe8 S7'
CLF non-polymer 'FE(8)-S(7) CLUSTER' 'Fe8 S7'
FE non-polymer 'FE (III) ION' 'Fe 3'
HCA non-polymer '3-HYDROXY-3-CARBOXY-ADIPIC ACID' 'C7 H10 O7'
ICS non-polymer 'iron-sulfur-molybdenum cluster with interstitial carbon' 'C Fe7 Mo S9'
#
# COMPACT_ATOMS: atom_id res chain seq x y z
N MET A 4 5.02 47.86 8.88
CA MET A 4 5.83 47.94 10.10
C MET A 4 6.96 48.96 9.91
N SER A 5 7.09 49.87 10.86
CA SER A 5 7.98 51.01 10.70
C SER A 5 9.45 50.58 10.75
N ARG A 6 10.31 51.44 10.17
CA ARG A 6 11.73 51.16 10.15
C ARG A 6 12.31 51.09 11.56
N GLU A 7 11.86 51.98 12.46
CA GLU A 7 12.31 51.94 13.84
C GLU A 7 11.90 50.63 14.51
N GLU A 8 10.69 50.15 14.22
CA GLU A 8 10.26 48.86 14.74
C GLU A 8 11.15 47.74 14.23
N VAL A 9 11.57 47.80 12.96
CA VAL A 9 12.45 46.79 12.41
C VAL A 9 13.82 46.83 13.10
N GLU A 10 14.34 48.02 13.35
CA GLU A 10 15.62 48.14 14.04
C GLU A 10 15.53 47.60 15.45
N SER A 11 14.45 47.91 16.15
CA SER A 11 14.23 47.36 17.49
C SER A 11 14.11 45.85 17.45
N LEU A 12 13.42 45.33 16.44
CA LEU A 12 13.37 43.88 16.22
C LEU A 12 14.76 43.28 16.08
N ILE A 13 15.60 43.89 15.26
CA ILE A 13 16.94 43.36 15.03
C ILE A 13 17.72 43.35 16.34
N GLN A 14 17.65 44.43 17.11
CA GLN A 14 18.37 44.47 18.38
C GLN A 14 17.82 43.45 19.38
N GLU A 15 16.49 43.33 19.47
CA GLU A 15 15.82 42.42 20.39
C GLU A 15 15.92 40.97 19.96
N VAL A 16 16.41 40.70 18.76
CA VAL A 16 16.82 39.35 18.39
C VAL A 16 18.30 39.14 18.66
N LEU A 17 19.11 40.17 18.44
CA LEU A 17 20.56 40.02 18.56
C LEU A 17 21.05 39.93 20.00
N GLU A 18 20.30 40.47 20.97
CA GLU A 18 20.83 40.56 22.32
C GLU A 18 21.13 39.18 22.92
N VAL A 19 20.51 38.12 22.38
CA VAL A 19 20.73 36.78 22.90
C VAL A 19 22.17 36.31 22.66
N TYR A 20 22.75 36.71 21.54
CA TYR A 20 24.07 36.19 21.15
C TYR A 20 25.16 36.67 22.10
N PRO A 21 26.26 35.92 22.19
CA PRO A 21 27.47 36.49 22.80
C PRO A 21 27.95 37.69 22.00
N GLU A 22 28.85 38.45 22.61
CA GLU A 22 29.22 39.75 22.07
C GLU A 22 29.82 39.63 20.67
N LYS A 23 30.75 38.68 20.48
CA LYS A 23 31.38 38.53 19.18
C LYS A 23 30.36 38.12 18.12
N ALA A 24 29.51 37.14 18.44
CA ALA A 24 28.47 36.73 17.50
C ALA A 24 27.49 37.86 17.26
N ARG A 25 27.17 38.63 18.30
CA ARG A 25 26.24 39.75 18.15
C ARG A 25 26.79 40.78 17.17
N LYS A 26 28.06 41.19 17.35
CA LYS A 26 28.63 42.21 16.49
C LYS A 26 28.82 41.69 15.07
N ASP A 27 29.14 40.40 14.91
CA ASP A 27 29.22 39.85 13.56
C ASP A 27 27.86 39.84 12.88
N ARG A 28 26.85 39.30 13.55
CA ARG A 28 25.53 39.16 12.95
C ARG A 28 24.82 40.49 12.78
N ASN A 29 25.24 41.53 13.50
CA ASN A 29 24.62 42.85 13.33
C ASN A 29 24.87 43.39 11.93
N LYS A 30 26.01 43.03 11.33
CA LYS A 30 26.33 43.49 9.99
C LYS A 30 25.49 42.80 8.92
N HIS A 31 24.86 41.67 9.26
CA HIS A 31 24.14 40.86 8.28
C HIS A 31 22.64 41.09 8.33
N LEU A 32 22.17 42.04 9.13
CA LEU A 32 20.76 42.36 9.24
C LEU A 32 20.55 43.84 8.94
N ALA A 33 19.53 44.15 8.15
CA ALA A 33 19.34 45.54 7.73
C ALA A 33 17.87 45.81 7.48
N VAL A 34 17.54 47.10 7.50
CA VAL A 34 16.23 47.59 7.09
C VAL A 34 16.37 48.16 5.69
N ASN A 35 15.60 47.64 4.74
CA ASN A 35 15.84 47.96 3.34
C ASN A 35 15.51 49.41 3.03
N ASP A 36 16.41 50.08 2.34
CA ASP A 36 16.18 51.42 1.83
C ASP A 36 16.10 51.38 0.31
N PRO A 37 14.92 51.53 -0.28
CA PRO A 37 14.82 51.48 -1.75
C PRO A 37 15.34 52.75 -2.40
N ALA A 38 15.91 53.66 -1.62
CA ALA A 38 16.56 54.85 -2.15
C ALA A 38 18.08 54.73 -2.19
N VAL A 39 18.63 53.60 -1.76
CA VAL A 39 20.08 53.40 -1.69
C VAL A 39 20.47 52.38 -2.76
N THR A 40 21.53 52.68 -3.49
CA THR A 40 22.00 51.85 -4.59
C THR A 40 23.33 51.16 -4.28
N GLN A 41 23.71 51.07 -3.01
CA GLN A 41 24.93 50.40 -2.62
C GLN A 41 24.66 49.47 -1.44
N SER A 42 25.37 48.35 -1.41
CA SER A 42 25.18 47.34 -0.37
C SER A 42 26.18 47.47 0.77
N LYS A 43 27.45 47.80 0.47
CA LYS A 43 28.47 47.86 1.50
C LYS A 43 28.14 48.88 2.59
N LYS A 44 27.35 49.90 2.26
CA LYS A 44 26.95 50.90 3.24
C LYS A 44 25.74 50.48 4.06
N CYS A 45 25.06 49.39 3.69
CA CYS A 45 23.85 48.96 4.36
C CYS A 45 23.94 47.57 4.95
N ILE A 46 24.53 46.61 4.22
CA ILE A 46 24.59 45.23 4.67
C ILE A 46 25.93 44.62 4.26
N ILE A 47 26.29 43.52 4.91
CA ILE A 47 27.48 42.75 4.60
C ILE A 47 27.04 41.34 4.22
N SER A 48 27.71 40.76 3.23
CA SER A 48 27.36 39.44 2.72
C SER A 48 28.62 38.69 2.33
N ASN A 49 28.43 37.45 1.88
CA ASN A 49 29.52 36.59 1.42
C ASN A 49 30.58 36.40 2.50
N LYS A 50 30.14 36.32 3.75
CA LYS A 50 31.03 36.18 4.89
C LYS A 50 30.81 34.83 5.57
N LYS A 51 31.81 34.41 6.35
CA LYS A 51 31.74 33.15 7.07
C LYS A 51 30.54 33.12 8.00
N SER A 52 29.89 31.97 8.08
CA SER A 52 28.82 31.77 9.03
C SER A 52 29.40 31.67 10.44
N GLN A 53 28.63 32.15 11.41
CA GLN A 53 29.03 32.03 12.81
C GLN A 53 28.92 30.59 13.26
N PRO A 54 29.96 30.03 13.88
CA PRO A 54 29.90 28.62 14.29
C PRO A 54 28.78 28.37 15.29
N GLY A 55 28.12 27.23 15.14
CA GLY A 55 27.14 26.78 16.10
C GLY A 55 25.82 27.51 16.08
N LEU A 56 25.57 28.35 15.07
CA LEU A 56 24.35 29.13 15.00
C LEU A 56 23.31 28.52 14.06
N MET A 57 23.55 27.29 13.59
CA MET A 57 22.63 26.59 12.68
C MET A 57 22.42 27.38 11.39
N THR A 58 23.51 27.59 10.66
CA THR A 58 23.42 28.21 9.35
C THR A 58 22.78 27.26 8.36
N ILE A 59 22.04 27.83 7.39
CA ILE A 59 21.35 27.06 6.37
C ILE A 59 22.22 26.81 5.14
N ARG A 60 23.39 27.46 5.06
CA ARG A 60 24.24 27.34 3.88
C ARG A 60 24.83 25.94 3.75
N GLY A 61 25.11 25.56 2.52
CA GLY A 61 25.80 24.33 2.19
C GLY A 61 27.27 24.55 1.97
N CYS A 62 27.86 23.70 1.13
CA CYS A 62 29.30 23.69 0.89
C CYS A 62 29.58 23.93 -0.59
N ALA A 63 30.87 24.03 -0.91
CA ALA A 63 31.29 24.23 -2.30
C ALA A 63 30.93 23.04 -3.17
N TYR A 64 30.98 21.82 -2.62
CA TYR A 64 30.58 20.64 -3.39
C TYR A 64 29.11 20.73 -3.78
N ALA A 65 28.25 21.17 -2.87
CA ALA A 65 26.85 21.34 -3.20
C ALA A 65 26.65 22.38 -4.30
N GLY A 66 27.39 23.48 -4.24
CA GLY A 66 27.28 24.50 -5.25
C GLY A 66 27.90 24.13 -6.59
N SER A 67 28.81 23.17 -6.61
CA SER A 67 29.45 22.73 -7.84
C SER A 67 28.84 21.43 -8.38
N LYS A 68 28.87 20.36 -7.58
CA LYS A 68 28.27 19.11 -8.02
C LYS A 68 26.75 19.23 -8.07
N GLY A 69 26.14 19.55 -6.94
CA GLY A 69 24.68 19.58 -6.87
C GLY A 69 24.03 20.63 -7.74
N VAL A 70 24.75 21.70 -8.07
CA VAL A 70 24.15 22.86 -8.71
C VAL A 70 24.54 22.96 -10.18
N VAL A 71 25.82 23.11 -10.49
CA VAL A 71 26.25 23.47 -11.84
C VAL A 71 26.51 22.23 -12.67
N TRP A 72 27.42 21.38 -12.22
CA TRP A 72 27.86 20.24 -13.03
C TRP A 72 26.84 19.11 -13.06
N GLY A 73 26.18 18.84 -11.93
CA GLY A 73 25.26 17.74 -11.82
C GLY A 73 24.20 17.64 -12.89
N PRO A 74 23.52 18.75 -13.20
CA PRO A 74 22.44 18.68 -14.20
C PRO A 74 22.88 18.23 -15.59
N ILE A 75 24.15 18.37 -15.93
CA ILE A 75 24.61 18.04 -17.28
C ILE A 75 24.45 16.53 -17.47
N LYS A 76 23.48 16.16 -18.31
CA LYS A 76 22.94 14.80 -18.27
C LYS A 76 23.90 13.77 -18.86
N ASP A 77 24.49 14.05 -20.02
CA ASP A 77 25.26 13.02 -20.70
C ASP A 77 26.66 12.84 -20.14
N MET A 78 27.02 13.58 -19.10
CA MET A 78 28.27 13.38 -18.41
C MET A 78 28.06 12.51 -17.17
N ILE A 79 29.14 11.87 -16.73
CA ILE A 79 29.14 11.08 -15.51
C ILE A 79 29.92 11.86 -14.46
N HIS A 80 29.24 12.22 -13.37
CA HIS A 80 29.82 13.02 -12.31
C HIS A 80 30.15 12.13 -11.13
N ILE A 81 31.44 11.96 -10.87
CA ILE A 81 31.95 11.15 -9.78
C ILE A 81 32.08 12.02 -8.54
N SER A 82 31.35 11.67 -7.49
CA SER A 82 31.56 12.30 -6.19
C SER A 82 32.79 11.63 -5.57
N HIS A 83 33.94 12.28 -5.72
CA HIS A 83 35.21 11.69 -5.34
C HIS A 83 35.43 11.87 -3.84
N GLY A 84 35.44 10.76 -3.10
CA GLY A 84 35.58 10.80 -1.67
C GLY A 84 34.66 9.79 -0.99
N PRO A 85 34.38 10.01 0.30
CA PRO A 85 33.51 9.09 1.02
C PRO A 85 32.07 9.14 0.52
N VAL A 86 31.32 8.09 0.87
CA VAL A 86 30.00 7.84 0.28
C VAL A 86 28.97 8.90 0.64
N GLY A 87 29.18 9.64 1.73
CA GLY A 87 28.11 10.46 2.28
C GLY A 87 27.62 11.55 1.34
N CYS A 88 28.56 12.32 0.79
CA CYS A 88 28.15 13.52 0.04
C CYS A 88 27.36 13.15 -1.20
N GLY A 89 27.88 12.19 -1.98
CA GLY A 89 27.15 11.72 -3.14
C GLY A 89 25.82 11.11 -2.78
N GLN A 90 25.76 10.37 -1.66
CA GLN A 90 24.49 9.77 -1.29
C GLN A 90 23.46 10.82 -0.90
N TYR A 91 23.87 11.86 -0.15
CA TYR A 91 22.91 12.87 0.26
C TYR A 91 22.50 13.77 -0.90
N SER A 92 23.39 13.98 -1.86
CA SER A 92 23.09 14.83 -3.01
C SER A 92 22.49 14.06 -4.18
N ARG A 93 22.32 12.74 -4.07
CA ARG A 93 21.79 11.95 -5.18
C ARG A 93 20.32 12.27 -5.37
N ALA A 94 19.99 12.87 -6.51
CA ALA A 94 18.61 13.18 -6.89
C ALA A 94 17.91 14.06 -5.87
N GLY A 95 18.68 14.88 -5.15
CA GLY A 95 18.08 15.83 -4.22
C GLY A 95 17.55 17.07 -4.89
N ARG A 96 18.15 17.46 -6.01
CA ARG A 96 17.78 18.66 -6.75
C ARG A 96 17.09 18.26 -8.04
N ARG A 97 15.94 18.88 -8.31
CA ARG A 97 15.08 18.47 -9.42
C ARG A 97 15.49 19.14 -10.74
N ASN A 98 16.76 19.02 -11.11
CA ASN A 98 17.23 19.55 -12.39
C ASN A 98 16.83 18.57 -13.49
N TYR A 99 15.69 18.86 -14.11
CA TYR A 99 15.05 17.89 -15.00
C TYR A 99 15.80 17.76 -16.32
N TYR A 100 15.66 16.59 -16.93
CA TYR A 100 16.38 16.27 -18.15
C TYR A 100 15.64 15.18 -18.91
N ILE A 101 16.00 15.02 -20.18
CA ILE A 101 15.50 13.95 -21.03
C ILE A 101 16.66 13.02 -21.35
N GLY A 102 16.48 11.73 -21.08
CA GLY A 102 17.53 10.78 -21.36
C GLY A 102 17.15 9.39 -20.90
N THR A 103 18.04 8.45 -21.17
CA THR A 103 17.88 7.06 -20.74
C THR A 103 18.87 6.83 -19.61
N THR A 104 18.36 6.84 -18.38
CA THR A 104 19.24 6.82 -17.21
C THR A 104 20.01 5.51 -17.13
N GLY A 105 21.31 5.62 -16.85
CA GLY A 105 22.20 4.48 -16.86
C GLY A 105 22.70 4.08 -18.23
N VAL A 106 22.20 4.69 -19.29
CA VAL A 106 22.61 4.34 -20.65
C VAL A 106 23.28 5.55 -21.30
N ASN A 107 22.51 6.63 -21.48
CA ASN A 107 23.04 7.85 -22.08
C ASN A 107 22.88 9.09 -21.20
N ALA A 108 22.18 9.00 -20.08
CA ALA A 108 22.05 10.10 -19.13
C ALA A 108 22.25 9.56 -17.72
N PHE A 109 22.85 10.35 -16.84
CA PHE A 109 23.26 9.84 -15.53
C PHE A 109 23.04 10.85 -14.41
N VAL A 110 22.04 11.72 -14.54
CA VAL A 110 21.87 12.82 -13.58
C VAL A 110 21.51 12.28 -12.20
N THR A 111 20.55 11.34 -12.14
CA THR A 111 20.01 10.87 -10.86
C THR A 111 20.79 9.71 -10.28
N MET A 112 21.92 9.33 -10.86
CA MET A 112 22.74 8.26 -10.33
C MET A 112 23.83 8.83 -9.41
N ASN A 113 24.30 7.98 -8.51
CA ASN A 113 25.36 8.34 -7.57
C ASN A 113 26.61 7.55 -7.93
N PHE A 114 27.49 8.16 -8.70
CA PHE A 114 28.81 7.61 -8.95
C PHE A 114 29.77 8.14 -7.89
N THR A 115 30.46 7.24 -7.21
CA THR A 115 31.34 7.65 -6.13
C THR A 115 32.48 6.65 -6.01
N SER A 116 33.63 7.14 -5.55
CA SER A 116 34.76 6.27 -5.26
C SER A 116 34.63 5.59 -3.90
N ASP A 117 33.65 5.98 -3.09
CA ASP A 117 33.34 5.34 -1.80
C ASP A 117 34.61 5.14 -0.97
N PHE A 118 35.20 6.27 -0.60
CA PHE A 118 36.48 6.26 0.08
C PHE A 118 36.43 5.44 1.36
N GLN A 119 37.41 4.57 1.53
CA GLN A 119 37.62 3.82 2.76
C GLN A 119 38.84 4.37 3.48
N GLU A 120 39.21 3.72 4.59
CA GLU A 120 40.37 4.16 5.36
C GLU A 120 41.64 4.09 4.53
N LYS A 121 41.82 3.01 3.77
CA LYS A 121 43.02 2.87 2.95
C LYS A 121 43.09 3.96 1.90
N ASP A 122 41.94 4.36 1.35
CA ASP A 122 41.92 5.47 0.40
C ASP A 122 42.36 6.77 1.06
N ILE A 123 41.92 7.01 2.30
CA ILE A 123 42.31 8.22 3.01
C ILE A 123 43.81 8.23 3.28
N VAL A 124 44.36 7.11 3.76
CA VAL A 124 45.76 7.09 4.16
C VAL A 124 46.67 7.08 2.94
N PHE A 125 46.32 6.33 1.90
CA PHE A 125 47.20 6.14 0.75
C PHE A 125 46.82 6.96 -0.47
N GLY A 126 45.68 7.64 -0.45
CA GLY A 126 45.28 8.41 -1.61
C GLY A 126 44.38 7.62 -2.55
N GLY A 127 43.55 8.35 -3.28
CA GLY A 127 42.59 7.72 -4.18
C GLY A 127 42.84 7.93 -5.65
N ASP A 128 44.07 8.31 -6.03
CA ASP A 128 44.35 8.64 -7.42
C ASP A 128 44.30 7.41 -8.32
N LYS A 129 44.99 6.34 -7.93
CA LYS A 129 44.91 5.12 -8.73
C LYS A 129 43.54 4.48 -8.62
N LYS A 130 42.88 4.61 -7.47
CA LYS A 130 41.48 4.21 -7.39
C LYS A 130 40.63 5.03 -8.34
N LEU A 131 40.92 6.32 -8.48
CA LEU A 131 40.18 7.15 -9.44
C LEU A 131 40.41 6.68 -10.87
N ALA A 132 41.65 6.31 -11.20
CA ALA A 132 41.94 5.81 -12.55
C ALA A 132 41.17 4.52 -12.83
N LYS A 133 41.21 3.59 -11.88
CA LYS A 133 40.48 2.33 -12.06
C LYS A 133 38.98 2.58 -12.13
N LEU A 134 38.47 3.53 -11.34
CA LEU A 134 37.07 3.88 -11.39
C LEU A 134 36.69 4.44 -12.77
N ILE A 135 37.56 5.27 -13.35
CA ILE A 135 37.29 5.80 -14.69
C ILE A 135 37.27 4.68 -15.71
N ASP A 136 38.21 3.74 -15.60
CA ASP A 136 38.21 2.60 -16.52
C ASP A 136 36.93 1.79 -16.40
N GLU A 137 36.47 1.54 -15.17
CA GLU A 137 35.23 0.80 -14.98
C GLU A 137 34.04 1.59 -15.47
N VAL A 138 34.07 2.92 -15.35
CA VAL A 138 33.01 3.77 -15.86
C VAL A 138 32.90 3.62 -17.37
N GLU A 139 34.05 3.67 -18.05
CA GLU A 139 34.04 3.53 -19.50
C GLU A 139 33.60 2.14 -19.93
N THR A 140 34.01 1.12 -19.18
CA THR A 140 33.60 -0.25 -19.50
C THR A 140 32.09 -0.44 -19.34
N LEU A 141 31.52 0.10 -18.26
CA LEU A 141 30.13 -0.18 -17.93
C LEU A 141 29.16 0.90 -18.40
N PHE A 142 29.64 2.07 -18.80
CA PHE A 142 28.79 3.14 -19.31
C PHE A 142 29.46 3.72 -20.56
N PRO A 143 29.48 2.96 -21.65
CA PRO A 143 30.26 3.40 -22.83
C PRO A 143 29.66 4.57 -23.56
N LEU A 144 28.38 4.90 -23.33
CA LEU A 144 27.74 6.00 -24.03
C LEU A 144 27.87 7.34 -23.31
N ASN A 145 28.60 7.40 -22.20
CA ASN A 145 28.82 8.67 -21.54
C ASN A 145 29.71 9.56 -22.41
N LYS A 146 29.40 10.86 -22.42
CA LYS A 146 30.09 11.82 -23.28
C LYS A 146 31.05 12.70 -22.51
N GLY A 147 31.59 12.20 -21.41
CA GLY A 147 32.51 12.96 -20.59
C GLY A 147 32.34 12.63 -19.12
N ILE A 148 33.39 12.91 -18.36
CA ILE A 148 33.43 12.60 -16.94
C ILE A 148 33.84 13.86 -16.18
N SER A 149 33.12 14.17 -15.11
CA SER A 149 33.54 15.20 -14.16
C SER A 149 33.82 14.55 -12.82
N VAL A 150 34.82 15.07 -12.12
CA VAL A 150 35.26 14.54 -10.84
C VAL A 150 35.08 15.65 -9.81
N GLN A 151 34.03 15.56 -9.01
CA GLN A 151 33.72 16.57 -8.00
C GLN A 151 34.38 16.21 -6.68
N SER A 152 35.32 17.04 -6.24
CA SER A 152 36.10 16.75 -5.04
C SER A 152 35.29 16.99 -3.78
N GLU A 153 35.38 16.05 -2.84
CA GLU A 153 34.87 16.23 -1.50
C GLU A 153 36.05 16.55 -0.57
N CYS A 154 35.73 16.95 0.67
CA CYS A 154 36.73 17.50 1.59
C CYS A 154 38.02 16.68 1.68
N PRO A 155 38.00 15.36 1.87
CA PRO A 155 39.27 14.63 1.98
C PRO A 155 40.16 14.79 0.76
N ILE A 156 39.59 14.94 -0.43
CA ILE A 156 40.40 15.07 -1.64
C ILE A 156 41.33 16.27 -1.51
N GLY A 157 40.78 17.41 -1.11
CA GLY A 157 41.61 18.58 -0.88
C GLY A 157 42.47 18.49 0.35
N LEU A 158 42.11 17.65 1.31
CA LEU A 158 42.90 17.58 2.54
C LEU A 158 44.00 16.52 2.52
N ILE A 159 43.94 15.53 1.64
CA ILE A 159 44.96 14.48 1.60
C ILE A 159 45.96 14.66 0.47
N GLY A 160 45.84 15.73 -0.30
CA GLY A 160 46.78 15.96 -1.38
C GLY A 160 46.56 15.12 -2.62
N ASP A 161 45.31 14.78 -2.93
CA ASP A 161 45.02 14.03 -4.14
C ASP A 161 45.22 14.91 -5.37
N ASP A 162 45.91 14.38 -6.38
CA ASP A 162 46.14 15.09 -7.63
C ASP A 162 45.16 14.57 -8.68
N ILE A 163 43.90 15.03 -8.57
CA ILE A 163 42.88 14.61 -9.51
C ILE A 163 43.05 15.27 -10.87
N GLU A 164 43.74 16.41 -10.93
CA GLU A 164 43.99 17.07 -12.21
C GLU A 164 44.85 16.20 -13.11
N SER A 165 45.93 15.64 -12.55
CA SER A 165 46.81 14.77 -13.33
C SER A 165 46.07 13.53 -13.80
N VAL A 166 45.28 12.92 -12.92
CA VAL A 166 44.52 11.73 -13.28
C VAL A 166 43.55 12.06 -14.41
N SER A 167 42.85 13.18 -14.28
CA SER A 167 41.89 13.58 -15.31
C SER A 167 42.59 13.80 -16.64
N LYS A 168 43.72 14.51 -16.64
CA LYS A 168 44.43 14.78 -17.89
C LYS A 168 44.93 13.50 -18.53
N VAL A 169 45.56 12.63 -17.74
CA VAL A 169 46.15 11.41 -18.29
C VAL A 169 45.06 10.48 -18.83
N LYS A 170 44.01 10.25 -18.04
CA LYS A 170 42.95 9.36 -18.50
C LYS A 170 42.17 9.97 -19.65
N GLY A 171 42.06 11.30 -19.73
CA GLY A 171 41.45 11.91 -20.88
C GLY A 171 42.25 11.73 -22.15
N ALA A 172 43.58 11.90 -22.05
CA ALA A 172 44.44 11.66 -23.20
C ALA A 172 44.38 10.20 -23.64
N GLU A 173 44.36 9.28 -22.66
CA GLU A 173 44.36 7.86 -22.99
C GLU A 173 43.02 7.43 -23.58
N LEU A 174 41.92 7.95 -23.05
CA LEU A 174 40.58 7.54 -23.43
C LEU A 174 39.96 8.44 -24.50
N SER A 175 40.64 9.52 -24.89
CA SER A 175 40.09 10.50 -25.82
C SER A 175 38.72 11.01 -25.36
N LYS A 176 38.64 11.32 -24.06
CA LYS A 176 37.39 11.75 -23.44
C LYS A 176 37.66 12.93 -22.53
N THR A 177 36.70 13.84 -22.46
CA THR A 177 36.83 15.03 -21.61
C THR A 177 36.63 14.64 -20.15
N ILE A 178 37.67 14.79 -19.35
CA ILE A 178 37.62 14.54 -17.91
C ILE A 178 37.94 15.84 -17.19
N VAL A 179 36.99 16.34 -16.41
CA VAL A 179 37.02 17.65 -15.79
C VAL A 179 37.23 17.47 -14.29
N PRO A 180 38.40 17.81 -13.75
CA PRO A 180 38.57 17.80 -12.29
C PRO A 180 38.06 19.10 -11.69
N VAL A 181 37.16 19.00 -10.71
CA VAL A 181 36.58 20.15 -10.04
C VAL A 181 36.98 20.11 -8.58
N ARG A 182 37.76 21.12 -8.17
CA ARG A 182 38.25 21.23 -6.80
C ARG A 182 37.22 21.98 -5.95
N CYS A 183 36.11 21.28 -5.70
CA CYS A 183 34.97 21.84 -4.99
C CYS A 183 34.82 21.25 -3.60
N GLU A 184 35.94 21.04 -2.92
CA GLU A 184 35.90 20.51 -1.56
C GLU A 184 35.08 21.41 -0.66
N GLY A 185 34.30 20.79 0.24
CA GLY A 185 33.30 21.53 0.99
C GLY A 185 33.86 22.60 1.90
N PHE A 186 35.09 22.45 2.36
CA PHE A 186 35.67 23.45 3.25
C PHE A 186 36.04 24.74 2.50
N ARG A 187 36.17 24.68 1.19
CA ARG A 187 36.54 25.87 0.43
C ARG A 187 35.41 26.89 0.43
N GLY A 188 35.77 28.16 0.61
CA GLY A 188 34.76 29.19 0.63
C GLY A 188 33.96 29.16 1.92
N VAL A 189 32.75 29.72 1.84
CA VAL A 189 31.90 29.88 3.02
C VAL A 189 30.53 29.26 2.76
N SER A 190 30.27 28.86 1.53
CA SER A 190 28.92 28.48 1.13
C SER A 190 28.98 27.80 -0.23
N GLN A 191 27.81 27.60 -0.84
CA GLN A 191 27.71 27.04 -2.18
C GLN A 191 28.23 27.99 -3.25
N SER A 192 28.32 29.30 -2.96
CA SER A 192 28.65 30.28 -4.00
C SER A 192 30.04 30.05 -4.59
N LEU A 193 31.03 29.80 -3.73
CA LEU A 193 32.35 29.48 -4.25
C LEU A 193 32.31 28.20 -5.08
N GLY A 194 31.39 27.29 -4.76
CA GLY A 194 31.15 26.16 -5.64
C GLY A 194 30.72 26.61 -7.02
N HIS A 195 29.81 27.59 -7.10
CA HIS A 195 29.44 28.16 -8.38
C HIS A 195 30.67 28.64 -9.14
N HIS A 196 31.53 29.42 -8.47
CA HIS A 196 32.68 30.00 -9.16
C HIS A 196 33.68 28.93 -9.60
N ILE A 197 33.95 27.94 -8.75
CA ILE A 197 34.92 26.90 -9.10
C ILE A 197 34.38 26.03 -10.24
N ALA A 198 33.08 25.71 -10.22
CA ALA A 198 32.48 24.97 -11.31
C ALA A 198 32.51 25.77 -12.61
N ASN A 199 32.27 27.08 -12.51
CA ASN A 199 32.36 27.93 -13.70
C ASN A 199 33.77 27.90 -14.28
N ASP A 200 34.78 28.00 -13.42
CA ASP A 200 36.16 27.93 -13.90
C ASP A 200 36.46 26.58 -14.53
N ALA A 201 35.91 25.51 -13.96
CA ALA A 201 36.10 24.18 -14.54
C ALA A 201 35.49 24.09 -15.95
N VAL A 202 34.28 24.62 -16.10
CA VAL A 202 33.64 24.64 -17.42
C VAL A 202 34.48 25.44 -18.41
N ARG A 203 34.95 26.63 -17.97
CA ARG A 203 35.74 27.49 -18.85
C ARG A 203 37.04 26.82 -19.26
N ASP A 204 37.70 26.12 -18.34
CA ASP A 204 39.05 25.63 -18.57
C ASP A 204 39.10 24.27 -19.23
N TRP A 205 38.08 23.43 -19.05
CA TRP A 205 38.15 22.06 -19.54
C TRP A 205 37.18 21.72 -20.66
N VAL A 206 36.10 22.48 -20.82
CA VAL A 206 35.03 22.15 -21.76
C VAL A 206 34.79 23.25 -22.78
N LEU A 207 34.80 24.51 -22.34
CA LEU A 207 34.27 25.60 -23.15
C LEU A 207 35.05 25.78 -24.46
N GLY A 208 36.36 25.67 -24.40
CA GLY A 208 37.20 26.00 -25.54
C GLY A 208 37.42 24.91 -26.55
N LYS A 209 36.73 23.77 -26.44
CA LYS A 209 37.03 22.64 -27.30
C LYS A 209 36.52 22.83 -28.73
N ARG A 210 35.60 23.76 -28.96
CA ARG A 210 35.12 24.05 -30.31
C ARG A 210 35.50 25.46 -30.76
N ASP A 211 36.57 26.03 -30.17
CA ASP A 211 36.98 27.38 -30.54
C ASP A 211 37.42 27.44 -32.00
N GLU A 212 38.14 26.44 -32.47
CA GLU A 212 38.64 26.39 -33.84
C GLU A 212 37.72 25.63 -34.77
N ASP A 213 36.52 25.25 -34.32
CA ASP A 213 35.57 24.50 -35.12
C ASP A 213 34.49 25.46 -35.62
N THR A 214 34.30 25.48 -36.95
CA THR A 214 33.31 26.35 -37.58
C THR A 214 32.23 25.57 -38.30
N THR A 215 32.09 24.28 -37.99
CA THR A 215 31.09 23.46 -38.66
C THR A 215 29.67 23.76 -38.19
N PHE A 216 29.50 24.47 -37.10
CA PHE A 216 28.17 24.78 -36.58
C PHE A 216 27.59 25.96 -37.34
N ALA A 217 26.42 25.77 -37.94
CA ALA A 217 25.75 26.81 -38.70
C ALA A 217 25.15 27.83 -37.74
N SER A 218 25.79 28.99 -37.63
CA SER A 218 25.35 30.02 -36.71
C SER A 218 24.42 31.00 -37.41
N THR A 219 23.49 31.55 -36.63
CA THR A 219 22.53 32.53 -37.10
C THR A 219 22.58 33.77 -36.21
N PRO A 220 22.18 34.93 -36.72
CA PRO A 220 22.11 36.13 -35.88
C PRO A 220 21.02 36.07 -34.83
N TYR A 221 20.23 34.99 -34.76
CA TYR A 221 19.21 34.80 -33.74
C TYR A 221 19.62 33.75 -32.72
N ASP A 222 20.91 33.61 -32.48
CA ASP A 222 21.42 32.58 -31.58
C ASP A 222 21.58 33.15 -30.17
N VAL A 223 20.94 32.50 -29.21
CA VAL A 223 21.07 32.84 -27.80
C VAL A 223 21.38 31.57 -27.02
N ALA A 224 22.01 31.76 -25.88
CA ALA A 224 22.20 30.70 -24.90
C ALA A 224 21.49 31.08 -23.62
N ILE A 225 20.99 30.07 -22.90
CA ILE A 225 20.42 30.27 -21.58
C ILE A 225 21.51 29.92 -20.57
N ILE A 226 21.85 30.87 -19.70
CA ILE A 226 22.97 30.74 -18.78
C ILE A 226 22.44 30.85 -17.36
N GLY A 227 22.80 29.90 -16.52
CA GLY A 227 22.32 29.89 -15.15
C GLY A 227 20.85 29.57 -15.00
N ASP A 228 20.34 28.62 -15.78
CA ASP A 228 19.03 28.04 -15.55
C ASP A 228 19.19 26.54 -15.41
N TYR A 229 18.64 25.98 -14.34
CA TYR A 229 18.91 24.59 -13.99
C TYR A 229 17.67 23.71 -14.11
N ASN A 230 16.65 24.19 -14.81
CA ASN A 230 15.52 23.38 -15.22
C ASN A 230 14.82 22.72 -14.04
N ILE A 231 14.78 23.44 -12.91
CA ILE A 231 14.17 22.91 -11.69
C ILE A 231 12.69 22.67 -11.95
N GLY A 232 12.29 21.40 -11.95
CA GLY A 232 10.94 21.06 -12.33
C GLY A 232 10.59 21.42 -13.76
N GLY A 233 11.58 21.64 -14.61
CA GLY A 233 11.35 22.07 -15.98
C GLY A 233 11.35 23.56 -16.22
N ASP A 234 12.00 24.34 -15.35
CA ASP A 234 11.99 25.80 -15.50
C ASP A 234 12.68 26.25 -16.78
N ALA A 235 13.82 25.63 -17.10
CA ALA A 235 14.56 26.02 -18.30
C ALA A 235 13.74 25.75 -19.56
N TRP A 236 12.98 24.64 -19.57
CA TRP A 236 12.14 24.35 -20.72
C TRP A 236 11.04 25.38 -20.89
N SER A 237 10.43 25.80 -19.78
CA SER A 237 9.39 26.83 -19.82
C SER A 237 9.94 28.19 -20.22
N SER A 238 11.24 28.43 -20.02
CA SER A 238 11.83 29.67 -20.53
C SER A 238 12.22 29.54 -22.01
N ARG A 239 12.79 28.40 -22.39
CA ARG A 239 13.22 28.16 -23.76
C ARG A 239 12.05 28.17 -24.73
N ILE A 240 10.89 27.67 -24.31
CA ILE A 240 9.72 27.71 -25.18
C ILE A 240 9.40 29.16 -25.58
N LEU A 241 9.46 30.08 -24.62
CA LEU A 241 9.18 31.48 -24.93
C LEU A 241 10.29 32.09 -25.75
N LEU A 242 11.53 31.70 -25.48
CA LEU A 242 12.64 32.22 -26.27
C LEU A 242 12.51 31.84 -27.73
N GLU A 243 12.14 30.59 -28.01
CA GLU A 243 12.06 30.12 -29.39
C GLU A 243 10.77 30.57 -30.07
N GLU A 244 9.68 30.75 -29.33
CA GLU A 244 8.48 31.32 -29.93
C GLU A 244 8.69 32.77 -30.38
N MET A 245 9.62 33.48 -29.75
CA MET A 245 10.02 34.82 -30.17
C MET A 245 10.87 34.81 -31.43
N GLY A 246 11.11 33.64 -32.01
CA GLY A 246 11.93 33.50 -33.20
C GLY A 246 13.39 33.25 -32.94
N LEU A 247 13.82 33.24 -31.68
CA LEU A 247 15.23 33.04 -31.37
C LEU A 247 15.58 31.55 -31.38
N ARG A 248 16.86 31.28 -31.54
CA ARG A 248 17.39 29.92 -31.47
C ARG A 248 18.18 29.77 -30.19
N CYS A 249 17.71 28.90 -29.29
CA CYS A 249 18.39 28.60 -28.04
C CYS A 249 19.36 27.46 -28.30
N VAL A 250 20.62 27.80 -28.52
CA VAL A 250 21.63 26.80 -28.85
C VAL A 250 21.96 25.93 -27.64
N ALA A 251 22.09 26.54 -26.46
CA ALA A 251 22.58 25.82 -25.30
C ALA A 251 21.74 26.16 -24.08
N GLN A 252 21.74 25.23 -23.12
CA GLN A 252 21.15 25.43 -21.81
C GLN A 252 22.20 25.13 -20.75
N TRP A 253 22.35 26.04 -19.80
CA TRP A 253 23.35 25.94 -18.74
C TRP A 253 22.64 25.99 -17.39
N SER A 254 22.50 24.84 -16.74
CA SER A 254 22.96 23.55 -17.23
C SER A 254 21.87 22.50 -17.06
N GLY A 255 20.68 22.95 -16.70
CA GLY A 255 19.53 22.08 -16.60
C GLY A 255 19.17 21.47 -17.93
N ASP A 256 19.03 20.14 -17.99
CA ASP A 256 18.85 19.40 -19.23
C ASP A 256 19.97 19.68 -20.22
N GLY A 257 21.10 20.16 -19.73
CA GLY A 257 22.19 20.58 -20.60
C GLY A 257 23.10 19.41 -20.95
N SER A 258 23.57 19.42 -22.18
CA SER A 258 24.55 18.44 -22.65
C SER A 258 25.89 19.13 -22.80
N ILE A 259 26.95 18.30 -22.80
CA ILE A 259 28.30 18.83 -22.94
C ILE A 259 28.48 19.52 -24.29
N SER A 260 27.87 18.95 -25.34
CA SER A 260 27.98 19.53 -26.67
C SER A 260 27.35 20.93 -26.71
N GLU A 261 26.23 21.12 -26.02
CA GLU A 261 25.63 22.44 -25.94
C GLU A 261 26.58 23.45 -25.29
N ILE A 262 27.27 23.03 -24.22
CA ILE A 262 28.26 23.89 -23.60
C ILE A 262 29.36 24.24 -24.59
N GLU A 263 29.82 23.25 -25.36
CA GLU A 263 30.87 23.52 -26.34
C GLU A 263 30.38 24.42 -27.47
N LEU A 264 29.08 24.44 -27.74
CA LEU A 264 28.50 25.28 -28.78
C LEU A 264 28.16 26.68 -28.30
N THR A 265 28.21 26.94 -27.00
CA THR A 265 27.82 28.24 -26.48
C THR A 265 28.63 29.42 -27.03
N PRO A 266 29.96 29.32 -27.22
CA PRO A 266 30.70 30.47 -27.76
C PRO A 266 30.24 30.93 -29.14
N LYS A 267 29.35 30.21 -29.81
CA LYS A 267 28.88 30.59 -31.14
C LYS A 267 27.58 31.37 -31.13
N VAL A 268 26.99 31.62 -29.96
CA VAL A 268 25.69 32.30 -29.89
C VAL A 268 25.90 33.80 -30.00
N LYS A 269 24.80 34.52 -30.25
CA LYS A 269 24.85 35.98 -30.35
C LYS A 269 24.52 36.68 -29.05
N LEU A 270 23.70 36.07 -28.20
CA LEU A 270 23.35 36.69 -26.93
C LEU A 270 23.27 35.65 -25.82
N ASN A 271 23.89 35.94 -24.69
CA ASN A 271 23.78 35.11 -23.49
C ASN A 271 22.71 35.70 -22.60
N LEU A 272 21.70 34.91 -22.27
CA LEU A 272 20.62 35.32 -21.39
C LEU A 272 20.90 34.70 -20.02
N VAL A 273 21.44 35.51 -19.13
CA VAL A 273 21.85 35.05 -17.80
C VAL A 273 20.66 35.19 -16.87
N HIS A 274 20.10 34.05 -16.46
CA HIS A 274 19.02 34.08 -15.49
C HIS A 274 19.57 34.19 -14.07
N CYS A 275 20.34 33.20 -13.63
CA CYS A 275 20.94 33.24 -12.30
C CYS A 275 22.30 33.93 -12.44
N TYR A 276 22.29 35.24 -12.21
CA TYR A 276 23.54 35.99 -12.24
C TYR A 276 24.53 35.44 -11.23
N ARG A 277 24.04 35.03 -10.06
CA ARG A 277 24.93 34.64 -8.97
C ARG A 277 25.81 33.45 -9.35
N SER A 278 25.26 32.46 -10.04
CA SER A 278 26.00 31.23 -10.29
C SER A 278 26.81 31.23 -11.59
N MET A 279 26.37 31.95 -12.62
CA MET A 279 27.06 31.89 -13.91
C MET A 279 27.40 33.27 -14.48
N ASN A 280 27.37 34.33 -13.67
CA ASN A 280 27.86 35.61 -14.13
C ASN A 280 29.35 35.54 -14.44
N TYR A 281 30.09 34.67 -13.75
CA TYR A 281 31.51 34.52 -14.02
C TYR A 281 31.75 34.02 -15.44
N ILE A 282 31.06 32.95 -15.83
CA ILE A 282 31.24 32.41 -17.17
C ILE A 282 30.68 33.37 -18.21
N SER A 283 29.61 34.12 -17.86
CA SER A 283 29.10 35.11 -18.80
C SER A 283 30.13 36.22 -19.05
N ARG A 284 30.78 36.70 -18.00
CA ARG A 284 31.81 37.73 -18.15
C ARG A 284 32.99 37.19 -18.95
N HIS A 285 33.42 35.96 -18.68
CA HIS A 285 34.52 35.39 -19.45
C HIS A 285 34.15 35.24 -20.92
N MET A 286 32.92 34.82 -21.21
CA MET A 286 32.47 34.69 -22.59
C MET A 286 32.43 36.05 -23.28
N GLU A 287 31.98 37.09 -22.57
CA GLU A 287 32.00 38.43 -23.14
C GLU A 287 33.42 38.88 -23.42
N GLU A 288 34.36 38.56 -22.54
CA GLU A 288 35.73 39.01 -22.72
C GLU A 288 36.40 38.28 -23.88
N LYS A 289 36.50 36.96 -23.80
CA LYS A 289 37.30 36.22 -24.77
C LYS A 289 36.59 36.07 -26.12
N TYR A 290 35.27 35.90 -26.12
CA TYR A 290 34.55 35.62 -27.35
C TYR A 290 33.73 36.80 -27.86
N GLY A 291 33.58 37.86 -27.08
CA GLY A 291 32.88 39.04 -27.52
C GLY A 291 31.37 38.99 -27.41
N ILE A 292 30.80 37.91 -26.87
CA ILE A 292 29.35 37.78 -26.78
C ILE A 292 28.81 38.63 -25.65
N PRO A 293 27.89 39.56 -25.92
CA PRO A 293 27.27 40.30 -24.83
C PRO A 293 26.26 39.45 -24.07
N TRP A 294 26.15 39.72 -22.77
CA TRP A 294 25.18 39.04 -21.92
C TRP A 294 24.34 40.06 -21.19
N MET A 295 23.11 39.66 -20.87
CA MET A 295 22.22 40.51 -20.10
C MET A 295 21.45 39.65 -19.10
N GLU A 296 21.26 40.20 -17.90
CA GLU A 296 20.42 39.54 -16.91
C GLU A 296 18.96 39.59 -17.35
N TYR A 297 18.21 38.54 -17.00
CA TYR A 297 16.82 38.46 -17.41
C TYR A 297 16.02 37.73 -16.34
N ASN A 298 14.70 37.93 -16.37
CA ASN A 298 13.81 37.50 -15.30
C ASN A 298 12.52 37.00 -15.92
N PHE A 299 12.21 35.72 -15.69
CA PHE A 299 10.99 35.09 -16.19
C PHE A 299 10.05 34.66 -15.06
N PHE A 300 10.16 35.29 -13.90
CA PHE A 300 9.27 34.99 -12.77
C PHE A 300 8.08 35.94 -12.82
N GLY A 301 6.90 35.42 -13.16
CA GLY A 301 5.69 36.20 -13.16
C GLY A 301 5.48 36.97 -14.44
N PRO A 302 4.23 37.35 -14.73
CA PRO A 302 3.89 37.92 -16.04
C PRO A 302 4.55 39.27 -16.33
N THR A 303 4.49 40.19 -15.38
CA THR A 303 5.10 41.50 -15.60
C THR A 303 6.59 41.38 -15.88
N LYS A 304 7.28 40.60 -15.05
CA LYS A 304 8.72 40.44 -15.22
C LYS A 304 9.06 39.74 -16.53
N THR A 305 8.30 38.69 -16.90
CA THR A 305 8.65 37.99 -18.13
C THR A 305 8.33 38.83 -19.35
N ILE A 306 7.27 39.64 -19.29
CA ILE A 306 6.96 40.53 -20.41
C ILE A 306 8.07 41.58 -20.57
N GLU A 307 8.48 42.18 -19.45
CA GLU A 307 9.56 43.17 -19.51
C GLU A 307 10.85 42.54 -20.01
N SER A 308 11.18 41.34 -19.55
CA SER A 308 12.42 40.69 -19.97
C SER A 308 12.35 40.24 -21.42
N LEU A 309 11.19 39.74 -21.87
CA LEU A 309 11.04 39.37 -23.27
C LEU A 309 11.22 40.58 -24.17
N ARG A 310 10.61 41.72 -23.80
CA ARG A 310 10.78 42.93 -24.58
C ARG A 310 12.23 43.38 -24.58
N ALA A 311 12.91 43.28 -23.44
CA ALA A 311 14.32 43.66 -23.37
C ALA A 311 15.17 42.79 -24.28
N ILE A 312 14.93 41.48 -24.26
CA ILE A 312 15.70 40.56 -25.10
C ILE A 312 15.44 40.83 -26.58
N ALA A 313 14.17 41.05 -26.94
CA ALA A 313 13.84 41.36 -28.33
C ALA A 313 14.45 42.68 -28.78
N ALA A 314 14.64 43.63 -27.86
CA ALA A 314 15.26 44.90 -28.21
C ALA A 314 16.73 44.76 -28.61
N LYS A 315 17.36 43.62 -28.33
CA LYS A 315 18.74 43.40 -28.71
C LYS A 315 18.88 42.77 -30.09
N PHE A 316 17.79 42.55 -30.79
CA PHE A 316 17.82 42.00 -32.15
C PHE A 316 17.01 42.89 -33.10
N ASP A 317 16.77 42.43 -34.32
CA ASP A 317 16.15 43.27 -35.33
C ASP A 317 14.64 43.35 -35.11
N GLU A 318 13.94 43.92 -36.09
CA GLU A 318 12.51 44.22 -35.92
C GLU A 318 11.65 42.97 -36.00
N SER A 319 12.09 41.95 -36.74
CA SER A 319 11.33 40.70 -36.78
C SER A 319 11.22 40.09 -35.40
N ILE A 320 12.31 40.13 -34.63
CA ILE A 320 12.29 39.59 -33.28
C ILE A 320 11.35 40.40 -32.39
N GLN A 321 11.36 41.72 -32.53
CA GLN A 321 10.46 42.55 -31.73
C GLN A 321 9.00 42.28 -32.06
N LYS A 322 8.69 42.10 -33.35
CA LYS A 322 7.32 41.76 -33.73
C LYS A 322 6.92 40.41 -33.17
N LYS A 323 7.83 39.43 -33.24
CA LYS A 323 7.54 38.12 -32.67
C LYS A 323 7.33 38.21 -31.17
N CYS A 324 8.11 39.06 -30.49
CA CYS A 324 7.95 39.27 -29.06
C CYS A 324 6.58 39.83 -28.74
N GLU A 325 6.14 40.82 -29.52
CA GLU A 325 4.81 41.39 -29.31
C GLU A 325 3.73 40.34 -29.54
N GLU A 326 3.90 39.51 -30.57
CA GLU A 326 2.93 38.45 -30.82
C GLU A 326 2.88 37.44 -29.67
N VAL A 327 4.05 37.06 -29.15
CA VAL A 327 4.10 36.14 -28.01
C VAL A 327 3.42 36.76 -26.79
N ILE A 328 3.72 38.03 -26.53
CA ILE A 328 3.12 38.71 -25.37
C ILE A 328 1.61 38.77 -25.53
N ALA A 329 1.13 39.07 -26.74
CA ALA A 329 -0.31 39.13 -26.97
C ALA A 329 -0.95 37.76 -26.78
N LYS A 330 -0.29 36.70 -27.23
CA LYS A 330 -0.88 35.37 -27.12
C LYS A 330 -0.86 34.86 -25.67
N TYR A 331 0.12 35.29 -24.87
CA TYR A 331 0.20 34.85 -23.49
C TYR A 331 -0.50 35.77 -22.51
N LYS A 332 -0.88 36.98 -22.93
CA LYS A 332 -1.58 37.90 -22.03
C LYS A 332 -2.88 37.33 -21.48
N PRO A 333 -3.77 36.74 -22.29
CA PRO A 333 -5.00 36.19 -21.69
C PRO A 333 -4.74 35.10 -20.67
N GLU A 334 -3.69 34.28 -20.85
CA GLU A 334 -3.43 33.18 -19.93
C GLU A 334 -3.07 33.71 -18.54
N TRP A 335 -2.09 34.60 -18.46
CA TRP A 335 -1.71 35.10 -17.14
C TRP A 335 -2.75 36.06 -16.59
N GLU A 336 -3.51 36.73 -17.45
CA GLU A 336 -4.62 37.55 -16.96
C GLU A 336 -5.69 36.69 -16.31
N ALA A 337 -6.01 35.53 -16.91
CA ALA A 337 -6.98 34.63 -16.29
C ALA A 337 -6.44 34.02 -15.02
N VAL A 338 -5.14 33.71 -14.98
CA VAL A 338 -4.53 33.22 -13.75
C VAL A 338 -4.64 34.28 -12.65
N VAL A 339 -4.35 35.53 -12.99
CA VAL A 339 -4.45 36.62 -12.02
C VAL A 339 -5.90 36.78 -11.54
N ALA A 340 -6.84 36.73 -12.48
CA ALA A 340 -8.24 36.87 -12.09
C ALA A 340 -8.66 35.75 -11.14
N LYS A 341 -8.17 34.52 -11.38
CA LYS A 341 -8.55 33.41 -10.53
C LYS A 341 -7.91 33.52 -9.14
N TYR A 342 -6.65 33.93 -9.06
CA TYR A 342 -5.88 33.75 -7.83
C TYR A 342 -5.54 35.01 -7.06
N ARG A 343 -5.66 36.20 -7.67
CA ARG A 343 -5.34 37.44 -6.96
C ARG A 343 -6.23 37.68 -5.75
N PRO A 344 -7.57 37.56 -5.83
CA PRO A 344 -8.39 37.85 -4.65
C PRO A 344 -8.04 36.98 -3.46
N ARG A 345 -7.58 35.75 -3.68
CA ARG A 345 -7.26 34.86 -2.57
C ARG A 345 -5.89 35.14 -1.97
N LEU A 346 -5.04 35.90 -2.65
CA LEU A 346 -3.71 36.22 -2.14
C LEU A 346 -3.45 37.71 -2.00
N GLU A 347 -4.43 38.56 -2.31
CA GLU A 347 -4.20 40.00 -2.35
C GLU A 347 -3.76 40.52 -0.99
N GLY A 348 -2.67 41.27 -0.97
CA GLY A 348 -2.18 41.94 0.23
C GLY A 348 -1.72 41.02 1.33
N LYS A 349 -0.97 39.98 0.99
CA LYS A 349 -0.50 38.99 1.97
C LYS A 349 1.01 39.04 2.06
N ARG A 350 1.52 39.14 3.28
CA ARG A 350 2.94 39.37 3.49
C ARG A 350 3.71 38.06 3.46
N VAL A 351 4.88 38.10 2.83
CA VAL A 351 5.74 36.93 2.65
C VAL A 351 7.13 37.26 3.14
N MET A 352 7.74 36.32 3.83
CA MET A 352 9.17 36.33 4.08
C MET A 352 9.82 35.25 3.23
N LEU A 353 10.93 35.59 2.61
CA LEU A 353 11.67 34.67 1.75
C LEU A 353 13.09 34.50 2.26
N TYR A 354 13.57 33.27 2.28
CA TYR A 354 14.97 32.99 2.53
C TYR A 354 15.38 31.85 1.60
N ILE A 355 16.02 32.20 0.50
CA ILE A 355 16.42 31.26 -0.53
C ILE A 355 17.89 31.52 -0.77
N GLY A 356 18.45 30.98 -1.84
CA GLY A 356 19.88 31.08 -2.04
C GLY A 356 20.29 32.40 -2.67
N GLY A 357 20.91 32.39 -3.84
CA GLY A 357 21.55 33.58 -4.35
C GLY A 357 20.79 34.44 -5.35
N LEU A 358 19.75 33.90 -5.98
CA LEU A 358 19.02 34.66 -6.98
C LEU A 358 17.55 34.84 -6.63
N ARG A 359 16.87 33.75 -6.28
CA ARG A 359 15.44 33.72 -6.00
C ARG A 359 14.99 34.57 -4.80
N PRO A 360 15.85 34.93 -3.83
CA PRO A 360 15.41 35.96 -2.86
C PRO A 360 14.90 37.23 -3.51
N ARG A 361 15.69 37.86 -4.37
CA ARG A 361 15.14 38.83 -5.32
C ARG A 361 14.58 38.04 -6.50
N HIS A 362 14.21 38.71 -7.58
CA HIS A 362 13.94 38.03 -8.85
C HIS A 362 12.64 37.22 -8.80
N VAL A 363 12.06 37.07 -7.62
CA VAL A 363 10.74 36.48 -7.47
C VAL A 363 9.76 37.42 -6.79
N ILE A 364 10.23 38.59 -6.34
CA ILE A 364 9.34 39.58 -5.73
C ILE A 364 8.27 40.00 -6.72
N GLY A 365 8.65 40.23 -7.98
CA GLY A 365 7.68 40.61 -8.99
C GLY A 365 6.60 39.56 -9.18
N ALA A 366 6.96 38.28 -9.12
CA ALA A 366 5.97 37.22 -9.25
C ALA A 366 4.96 37.27 -8.12
N TYR A 367 5.43 37.55 -6.89
CA TYR A 367 4.51 37.70 -5.76
C TYR A 367 3.62 38.92 -5.95
N GLU A 368 4.20 40.06 -6.34
CA GLU A 368 3.43 41.29 -6.44
C GLU A 368 2.45 41.27 -7.60
N ASP A 369 2.71 40.46 -8.64
CA ASP A 369 1.76 40.30 -9.73
C ASP A 369 0.47 39.64 -9.26
N LEU A 370 0.49 38.99 -8.10
CA LEU A 370 -0.71 38.46 -7.48
C LEU A 370 -1.19 39.34 -6.33
N GLY A 371 -0.70 40.58 -6.25
CA GLY A 371 -1.04 41.49 -5.17
C GLY A 371 -0.51 41.06 -3.82
N MET A 372 0.73 40.59 -3.75
CA MET A 372 1.26 39.95 -2.56
C MET A 372 2.56 40.65 -2.18
N GLU A 373 2.61 41.19 -0.97
CA GLU A 373 3.76 41.97 -0.54
C GLU A 373 4.81 41.08 0.12
N VAL A 374 6.07 41.41 -0.10
CA VAL A 374 7.20 40.75 0.55
C VAL A 374 7.72 41.70 1.62
N VAL A 375 7.63 41.27 2.88
CA VAL A 375 8.04 42.13 3.99
C VAL A 375 9.45 41.82 4.48
N GLY A 376 9.95 40.61 4.23
CA GLY A 376 11.32 40.28 4.58
C GLY A 376 11.90 39.36 3.53
N THR A 377 13.21 39.47 3.35
CA THR A 377 13.91 38.64 2.38
C THR A 377 15.36 38.49 2.82
N GLY A 378 16.00 37.47 2.30
CA GLY A 378 17.35 37.19 2.72
C GLY A 378 18.02 36.19 1.81
N TYR A 379 19.34 36.19 1.88
CA TYR A 379 20.18 35.37 1.01
C TYR A 379 21.00 34.41 1.85
N GLU A 380 21.14 33.18 1.36
CA GLU A 380 22.04 32.23 2.01
C GLU A 380 23.50 32.58 1.75
N PHE A 381 23.83 32.89 0.49
CA PHE A 381 25.24 32.97 0.09
C PHE A 381 25.51 34.09 -0.91
N ALA A 382 24.71 35.16 -0.90
CA ALA A 382 24.86 36.16 -1.93
C ALA A 382 26.07 37.06 -1.66
N HIS A 383 26.45 37.80 -2.70
CA HIS A 383 27.48 38.81 -2.61
C HIS A 383 26.83 40.19 -2.58
N ASN A 384 27.65 41.24 -2.55
CA ASN A 384 27.12 42.58 -2.40
C ASN A 384 26.40 43.04 -3.67
N ASP A 385 26.83 42.58 -4.85
CA ASP A 385 26.13 42.92 -6.08
C ASP A 385 24.70 42.40 -6.05
N ASP A 386 24.51 41.20 -5.50
CA ASP A 386 23.16 40.68 -5.31
C ASP A 386 22.32 41.63 -4.47
N TYR A 387 22.91 42.21 -3.42
CA TYR A 387 22.13 43.10 -2.57
C TYR A 387 21.86 44.44 -3.25
N ASP A 388 22.81 44.95 -4.05
CA ASP A 388 22.52 46.15 -4.82
C ASP A 388 21.35 45.92 -5.76
N ARG A 389 21.28 44.75 -6.40
CA ARG A 389 20.10 44.46 -7.20
C ARG A 389 18.87 44.16 -6.34
N THR A 390 19.07 43.81 -5.07
CA THR A 390 17.94 43.48 -4.20
C THR A 390 17.22 44.73 -3.68
N MET A 391 17.96 45.80 -3.40
CA MET A 391 17.33 46.95 -2.74
C MET A 391 16.20 47.54 -3.58
N LYS A 392 16.40 47.66 -4.89
CA LYS A 392 15.38 48.26 -5.74
C LYS A 392 14.10 47.44 -5.75
N GLU A 393 14.21 46.12 -5.84
CA GLU A 393 13.03 45.27 -5.89
C GLU A 393 12.31 45.19 -4.56
N MET A 394 13.01 45.40 -3.44
CA MET A 394 12.40 45.34 -2.13
C MET A 394 11.72 46.66 -1.80
N GLY A 395 10.55 46.57 -1.15
CA GLY A 395 9.81 47.73 -0.75
C GLY A 395 10.46 48.44 0.43
N ASP A 396 9.86 49.56 0.81
CA ASP A 396 10.38 50.36 1.91
C ASP A 396 10.09 49.70 3.26
N SER A 397 11.03 49.85 4.19
CA SER A 397 10.89 49.35 5.55
C SER A 397 10.65 47.84 5.58
N THR A 398 11.45 47.12 4.80
CA THR A 398 11.43 45.67 4.80
C THR A 398 12.71 45.15 5.44
N LEU A 399 12.64 43.91 5.92
CA LEU A 399 13.77 43.28 6.59
C LEU A 399 14.66 42.56 5.59
N LEU A 400 15.97 42.72 5.73
CA LEU A 400 16.94 42.04 4.88
C LEU A 400 17.90 41.26 5.77
N TYR A 401 18.06 39.97 5.49
CA TYR A 401 18.93 39.11 6.28
C TYR A 401 19.87 38.32 5.38
N ASP A 402 21.16 38.35 5.71
CA ASP A 402 22.19 37.57 5.04
C ASP A 402 22.64 36.44 5.94
N ASP A 403 22.61 35.22 5.42
CA ASP A 403 23.07 34.04 6.16
C ASP A 403 22.33 33.93 7.50
N VAL A 404 21.00 34.01 7.43
CA VAL A 404 20.20 34.08 8.64
C VAL A 404 20.37 32.80 9.46
N THR A 405 20.44 32.96 10.77
CA THR A 405 20.53 31.80 11.65
C THR A 405 19.14 31.24 11.91
N GLY A 406 19.09 29.98 12.33
CA GLY A 406 17.82 29.36 12.64
C GLY A 406 17.06 30.11 13.73
N TYR A 407 17.77 30.52 14.77
CA TYR A 407 17.15 31.34 15.81
C TYR A 407 16.70 32.68 15.27
N GLU A 408 17.55 33.32 14.44
CA GLU A 408 17.20 34.62 13.88
C GLU A 408 15.95 34.52 13.03
N PHE A 409 15.90 33.55 12.13
CA PHE A 409 14.71 33.33 11.30
C PHE A 409 13.49 33.06 12.18
N GLU A 410 13.67 32.23 13.21
CA GLU A 410 12.58 31.92 14.12
C GLU A 410 12.00 33.19 14.74
N GLU A 411 12.87 34.04 15.29
CA GLU A 411 12.42 35.26 15.96
C GLU A 411 11.81 36.25 14.98
N PHE A 412 12.42 36.39 13.79
CA PHE A 412 11.89 37.29 12.79
C PHE A 412 10.48 36.90 12.40
N VAL A 413 10.26 35.60 12.14
CA VAL A 413 8.93 35.14 11.79
C VAL A 413 7.98 35.29 12.98
N LYS A 414 8.50 35.09 14.20
CA LYS A 414 7.67 35.21 15.39
C LYS A 414 7.09 36.62 15.53
N ARG A 415 7.92 37.64 15.30
CA ARG A 415 7.42 39.00 15.48
C ARG A 415 6.69 39.51 14.25
N ILE A 416 7.29 39.35 13.07
CA ILE A 416 6.68 39.86 11.83
C ILE A 416 5.37 39.14 11.55
N LYS A 417 5.31 37.84 11.86
CA LYS A 417 4.15 36.99 11.60
C LYS A 417 3.76 37.04 10.12
N PRO A 418 4.63 36.61 9.21
CA PRO A 418 4.28 36.65 7.79
C PRO A 418 3.15 35.68 7.47
N ASP A 419 2.39 36.01 6.42
CA ASP A 419 1.33 35.12 5.96
C ASP A 419 1.91 33.86 5.34
N LEU A 420 3.12 33.94 4.79
CA LEU A 420 3.72 32.83 4.06
C LEU A 420 5.23 32.95 4.13
N ILE A 421 5.90 31.80 4.11
CA ILE A 421 7.36 31.75 4.12
C ILE A 421 7.81 30.95 2.91
N GLY A 422 8.88 31.41 2.27
CA GLY A 422 9.52 30.66 1.20
C GLY A 422 10.98 30.40 1.49
N SER A 423 11.32 29.13 1.71
CA SER A 423 12.67 28.76 2.10
C SER A 423 12.90 27.29 1.73
N GLY A 424 13.96 26.69 2.29
CA GLY A 424 14.34 25.33 1.97
C GLY A 424 13.68 24.29 2.85
N ILE A 425 14.17 23.05 2.71
CA ILE A 425 13.58 21.91 3.41
C ILE A 425 13.93 21.92 4.89
N LYS A 426 15.01 22.59 5.29
CA LYS A 426 15.43 22.62 6.70
C LYS A 426 14.68 23.65 7.51
N GLU A 427 13.81 24.44 6.88
CA GLU A 427 12.93 25.38 7.56
C GLU A 427 11.47 25.02 7.44
N LYS A 428 11.12 24.14 6.49
CA LYS A 428 9.73 23.89 6.16
C LYS A 428 8.95 23.38 7.36
N PHE A 429 9.46 22.33 8.00
CA PHE A 429 8.70 21.71 9.08
C PHE A 429 8.73 22.56 10.34
N ILE A 430 9.83 23.30 10.56
CA ILE A 430 9.89 24.24 11.67
C ILE A 430 8.77 25.25 11.56
N PHE A 431 8.61 25.86 10.39
CA PHE A 431 7.61 26.91 10.25
C PHE A 431 6.19 26.36 10.05
N GLN A 432 6.06 25.14 9.54
CA GLN A 432 4.75 24.50 9.50
C GLN A 432 4.24 24.19 10.90
N LYS A 433 5.14 23.81 11.81
CA LYS A 433 4.72 23.55 13.18
C LYS A 433 4.23 24.81 13.90
N MET A 434 4.64 25.99 13.46
CA MET A 434 4.13 27.23 14.03
C MET A 434 2.83 27.69 13.39
N GLY A 435 2.34 26.96 12.40
CA GLY A 435 1.10 27.31 11.73
C GLY A 435 1.21 28.31 10.61
N ILE A 436 2.43 28.63 10.16
CA ILE A 436 2.63 29.58 9.08
C ILE A 436 2.80 28.79 7.78
N PRO A 437 1.94 29.00 6.77
CA PRO A 437 2.07 28.24 5.52
C PRO A 437 3.44 28.41 4.91
N PHE A 438 3.99 27.31 4.42
CA PHE A 438 5.35 27.26 3.92
C PHE A 438 5.36 26.77 2.47
N ARG A 439 6.13 27.44 1.63
CA ARG A 439 6.39 27.00 0.27
C ARG A 439 7.88 26.79 0.10
N GLU A 440 8.29 25.58 -0.27
CA GLU A 440 9.66 25.33 -0.64
C GLU A 440 9.98 26.09 -1.91
N MET A 441 10.85 27.09 -1.82
CA MET A 441 11.27 27.89 -2.97
C MET A 441 12.59 27.42 -3.55
N HIS A 442 13.10 26.27 -3.12
CA HIS A 442 14.22 25.63 -3.80
C HIS A 442 13.73 24.61 -4.83
N SER A 443 12.83 23.72 -4.41
CA SER A 443 12.36 22.61 -5.24
C SER A 443 10.94 22.82 -5.75
N TRP A 444 10.36 24.00 -5.53
CA TRP A 444 8.95 24.27 -5.82
C TRP A 444 8.03 23.26 -5.14
N ASP A 445 8.48 22.70 -4.01
CA ASP A 445 7.73 21.69 -3.28
C ASP A 445 7.33 20.53 -4.20
N TYR A 446 8.31 20.08 -5.00
CA TYR A 446 8.13 18.98 -5.95
C TYR A 446 7.04 19.29 -6.96
N SER A 447 6.89 20.57 -7.28
CA SER A 447 5.94 21.05 -8.27
C SER A 447 6.69 21.92 -9.28
N GLY A 448 5.97 22.66 -10.11
CA GLY A 448 6.60 23.55 -11.04
C GLY A 448 6.36 23.14 -12.48
N PRO A 449 7.03 23.83 -13.42
CA PRO A 449 8.03 24.89 -13.24
C PRO A 449 7.40 26.20 -12.76
N TYR A 450 8.21 27.20 -12.39
CA TYR A 450 7.72 28.52 -12.06
C TYR A 450 8.15 29.60 -13.05
N HIS A 451 9.06 29.29 -13.97
CA HIS A 451 9.49 30.24 -14.98
C HIS A 451 8.44 30.36 -16.09
N GLY A 452 8.39 31.53 -16.71
CA GLY A 452 7.50 31.74 -17.83
C GLY A 452 6.05 31.89 -17.42
N PHE A 453 5.18 31.93 -18.42
CA PHE A 453 3.75 32.09 -18.15
C PHE A 453 3.14 30.81 -17.59
N ASP A 454 3.49 29.66 -18.16
CA ASP A 454 3.04 28.38 -17.61
C ASP A 454 3.56 28.21 -16.18
N GLY A 455 4.83 28.55 -15.97
CA GLY A 455 5.38 28.48 -14.63
C GLY A 455 4.70 29.43 -13.66
N PHE A 456 4.31 30.62 -14.14
CA PHE A 456 3.59 31.54 -13.26
C PHE A 456 2.21 31.02 -12.90
N ALA A 457 1.53 30.37 -13.85
CA ALA A 457 0.25 29.75 -13.52
C ALA A 457 0.43 28.71 -12.42
N ILE A 458 1.47 27.87 -12.55
CA ILE A 458 1.77 26.90 -11.52
C ILE A 458 2.09 27.58 -10.20
N PHE A 459 2.86 28.68 -10.26
CA PHE A 459 3.27 29.42 -9.07
C PHE A 459 2.06 29.94 -8.32
N ALA A 460 1.12 30.56 -9.03
CA ALA A 460 -0.09 31.07 -8.41
C ALA A 460 -0.92 29.95 -7.82
N ARG A 461 -1.07 28.84 -8.55
CA ARG A 461 -1.85 27.71 -8.03
C ARG A 461 -1.24 27.16 -6.75
N ASP A 462 0.09 26.98 -6.72
CA ASP A 462 0.74 26.44 -5.54
C ASP A 462 0.64 27.42 -4.35
N MET A 463 0.84 28.70 -4.61
CA MET A 463 0.72 29.69 -3.55
C MET A 463 -0.68 29.68 -2.95
N ASP A 464 -1.71 29.60 -3.81
CA ASP A 464 -3.07 29.53 -3.30
C ASP A 464 -3.31 28.24 -2.52
N MET A 465 -2.80 27.12 -3.01
CA MET A 465 -3.05 25.84 -2.36
C MET A 465 -2.43 25.78 -0.97
N THR A 466 -1.26 26.39 -0.80
CA THR A 466 -0.61 26.31 0.51
C THR A 466 -1.04 27.43 1.44
N LEU A 467 -1.18 28.65 0.93
CA LEU A 467 -1.58 29.76 1.78
C LEU A 467 -2.95 29.52 2.41
N ASN A 468 -3.93 29.15 1.59
CA ASN A 468 -5.32 29.06 2.03
C ASN A 468 -5.73 27.65 2.38
N ASN A 469 -4.77 26.78 2.68
CA ASN A 469 -5.10 25.41 3.03
C ASN A 469 -5.89 25.36 4.34
N PRO A 470 -6.91 24.50 4.43
CA PRO A 470 -7.65 24.40 5.69
C PRO A 470 -6.78 23.95 6.86
N CYS A 471 -5.69 23.24 6.60
CA CYS A 471 -4.87 22.67 7.66
C CYS A 471 -4.31 23.72 8.60
N TRP A 472 -4.23 24.98 8.18
CA TRP A 472 -3.66 26.01 9.03
C TRP A 472 -4.65 26.56 10.05
N LYS A 473 -5.94 26.26 9.91
CA LYS A 473 -6.93 26.65 10.90
C LYS A 473 -7.20 25.54 11.91
N LYS A 474 -6.22 24.66 12.13
CA LYS A 474 -6.43 23.46 12.90
C LYS A 474 -5.33 23.16 13.92
N LEU A 475 -4.24 23.93 13.91
CA LEU A 475 -3.10 23.60 14.76
C LEU A 475 -3.43 23.72 16.24
N GLN A 476 -4.30 24.65 16.61
CA GLN A 476 -4.69 24.82 18.00
C GLN A 476 -5.88 23.93 18.31
N ALA A 477 -5.73 23.07 19.31
CA ALA A 477 -6.83 22.21 19.72
C ALA A 477 -7.97 23.04 20.29
N PRO A 478 -9.22 22.67 20.03
CA PRO A 478 -10.34 23.49 20.50
C PRO A 478 -10.46 23.58 22.01
N TRP A 479 -9.88 22.63 22.75
CA TRP A 479 -9.95 22.63 24.20
C TRP A 479 -8.76 23.33 24.84
N GLU A 480 -7.94 24.02 24.06
CA GLU A 480 -6.81 24.77 24.60
C GLU A 480 -6.95 26.26 24.29
N SER B 2 1.71 26.25 -23.04
CA SER B 2 0.61 27.06 -22.54
C SER B 2 -0.03 26.39 -21.32
N GLN B 3 -1.04 27.05 -20.75
CA GLN B 3 -1.75 26.53 -19.59
C GLN B 3 -3.20 26.98 -19.63
N GLN B 4 -4.09 26.10 -19.18
CA GLN B 4 -5.49 26.45 -18.96
C GLN B 4 -5.70 26.68 -17.47
N VAL B 5 -6.37 27.80 -17.14
CA VAL B 5 -6.56 28.17 -15.74
C VAL B 5 -7.44 27.16 -15.00
N ASP B 6 -8.30 26.43 -15.70
CA ASP B 6 -9.18 25.48 -15.03
C ASP B 6 -8.42 24.23 -14.59
N LYS B 7 -7.48 23.76 -15.41
CA LYS B 7 -6.71 22.56 -15.12
C LYS B 7 -5.24 22.87 -15.38
N ILE B 8 -4.56 23.38 -14.37
CA ILE B 8 -3.14 23.73 -14.50
C ILE B 8 -2.32 22.45 -14.43
N LYS B 9 -1.34 22.32 -15.32
CA LYS B 9 -0.51 21.13 -15.41
C LYS B 9 0.85 21.41 -14.79
N ALA B 10 1.26 20.56 -13.85
CA ALA B 10 2.64 20.56 -13.41
C ALA B 10 3.51 19.92 -14.49
N SER B 11 4.81 19.85 -14.23
CA SER B 11 5.78 19.39 -15.24
C SER B 11 5.28 18.16 -15.97
N TYR B 12 4.81 17.17 -15.24
CA TYR B 12 4.02 16.11 -15.81
C TYR B 12 2.54 16.40 -15.59
N PRO B 13 1.70 16.41 -16.62
CA PRO B 13 1.98 16.14 -18.02
C PRO B 13 2.18 17.38 -18.89
N LEU B 14 2.60 18.51 -18.32
CA LEU B 14 2.75 19.73 -19.13
C LEU B 14 3.75 19.53 -20.26
N PHE B 15 4.88 18.88 -19.98
CA PHE B 15 5.92 18.73 -20.99
C PHE B 15 5.64 17.60 -21.97
N LEU B 16 4.52 16.90 -21.81
CA LEU B 16 4.02 15.99 -22.83
C LEU B 16 3.22 16.71 -23.90
N ASP B 17 3.03 18.02 -23.76
CA ASP B 17 2.31 18.77 -24.78
C ASP B 17 3.07 18.75 -26.10
N GLN B 18 2.32 18.84 -27.20
CA GLN B 18 2.91 18.68 -28.52
C GLN B 18 3.97 19.74 -28.78
N ASP B 19 3.68 20.99 -28.43
CA ASP B 19 4.64 22.07 -28.62
C ASP B 19 5.91 21.85 -27.79
N TYR B 20 5.77 21.42 -26.54
CA TYR B 20 6.94 21.09 -25.74
C TYR B 20 7.67 19.89 -26.33
N LYS B 21 6.94 18.92 -26.87
CA LYS B 21 7.57 17.76 -27.51
C LYS B 21 8.42 18.19 -28.68
N ASP B 22 7.90 19.07 -29.54
CA ASP B 22 8.67 19.57 -30.67
C ASP B 22 9.86 20.40 -30.21
N MET B 23 9.70 21.22 -29.19
CA MET B 23 10.83 21.99 -28.67
C MET B 23 11.94 21.07 -28.18
N LEU B 24 11.57 20.02 -27.43
CA LEU B 24 12.57 19.09 -26.91
C LEU B 24 13.22 18.28 -28.02
N ALA B 25 12.44 17.89 -29.04
CA ALA B 25 13.02 17.18 -30.17
C ALA B 25 13.99 18.06 -30.94
N LYS B 26 13.65 19.32 -31.14
CA LYS B 26 14.55 20.24 -31.83
C LYS B 26 15.82 20.47 -31.01
N LYS B 27 15.67 20.58 -29.69
CA LYS B 27 16.84 20.69 -28.81
C LYS B 27 17.74 19.46 -28.95
N ARG B 28 17.14 18.27 -28.94
CA ARG B 28 17.93 17.04 -29.03
C ARG B 28 18.64 16.93 -30.36
N ASP B 29 17.94 17.22 -31.46
CA ASP B 29 18.51 17.03 -32.78
C ASP B 29 19.54 18.10 -33.11
N GLY B 30 19.25 19.35 -32.78
CA GLY B 30 20.12 20.44 -33.21
C GLY B 30 21.43 20.51 -32.45
N PHE B 31 21.40 20.31 -31.14
CA PHE B 31 22.54 20.66 -30.30
C PHE B 31 22.97 19.59 -29.31
N GLU B 32 22.12 18.63 -28.95
CA GLU B 32 22.52 17.65 -27.94
C GLU B 32 23.51 16.63 -28.46
N GLU B 33 23.55 16.40 -29.78
CA GLU B 33 24.44 15.41 -30.39
C GLU B 33 24.23 14.03 -29.74
N LYS B 34 22.97 13.68 -29.58
CA LYS B 34 22.59 12.46 -28.87
C LYS B 34 22.92 11.22 -29.69
N TYR B 35 23.25 10.15 -28.98
CA TYR B 35 23.43 8.86 -29.63
C TYR B 35 22.12 8.40 -30.27
N PRO B 36 22.19 7.68 -31.38
CA PRO B 36 20.96 7.20 -32.02
C PRO B 36 20.20 6.27 -31.09
N GLN B 37 18.88 6.28 -31.23
CA GLN B 37 18.02 5.50 -30.34
C GLN B 37 18.34 4.01 -30.41
N ASP B 38 18.70 3.50 -31.59
CA ASP B 38 19.03 2.08 -31.70
C ASP B 38 20.29 1.74 -30.91
N LYS B 39 21.28 2.64 -30.93
CA LYS B 39 22.47 2.44 -30.10
C LYS B 39 22.12 2.41 -28.62
N ILE B 40 21.26 3.33 -28.18
CA ILE B 40 20.87 3.38 -26.78
C ILE B 40 20.13 2.10 -26.39
N ASP B 41 19.22 1.64 -27.24
CA ASP B 41 18.49 0.40 -26.98
C ASP B 41 19.43 -0.79 -26.90
N GLU B 42 20.39 -0.88 -27.81
CA GLU B 42 21.33 -1.99 -27.80
C GLU B 42 22.18 -1.97 -26.54
N VAL B 43 22.65 -0.79 -26.13
CA VAL B 43 23.46 -0.69 -24.92
C VAL B 43 22.64 -1.08 -23.70
N PHE B 44 21.39 -0.63 -23.61
CA PHE B 44 20.56 -0.99 -22.47
C PHE B 44 20.33 -2.50 -22.42
N GLN B 45 19.94 -3.09 -23.55
CA GLN B 45 19.77 -4.54 -23.61
C GLN B 45 21.03 -5.26 -23.17
N TRP B 46 22.19 -4.74 -23.55
CA TRP B 46 23.45 -5.31 -23.10
C TRP B 46 23.59 -5.19 -21.59
N THR B 47 23.17 -4.06 -21.01
CA THR B 47 23.24 -3.89 -19.57
C THR B 47 22.30 -4.84 -18.82
N THR B 48 21.33 -5.43 -19.52
CA THR B 48 20.46 -6.41 -18.87
C THR B 48 20.99 -7.84 -18.92
N THR B 49 22.17 -8.08 -19.48
CA THR B 49 22.65 -9.43 -19.74
C THR B 49 23.55 -9.94 -18.61
N LYS B 50 23.85 -11.24 -18.66
CA LYS B 50 24.73 -11.84 -17.66
C LYS B 50 26.19 -11.53 -17.91
N GLU B 51 26.58 -11.27 -19.16
CA GLU B 51 27.95 -10.81 -19.42
C GLU B 51 28.16 -9.44 -18.78
N TYR B 52 27.19 -8.54 -18.92
CA TYR B 52 27.26 -7.27 -18.22
C TYR B 52 27.26 -7.48 -16.72
N GLN B 53 26.51 -8.46 -16.21
CA GLN B 53 26.53 -8.74 -14.79
C GLN B 53 27.92 -9.16 -14.33
N GLU B 54 28.62 -9.97 -15.12
CA GLU B 54 29.98 -10.37 -14.78
C GLU B 54 30.91 -9.15 -14.75
N LEU B 55 30.83 -8.30 -15.77
CA LEU B 55 31.64 -7.09 -15.78
C LEU B 55 31.30 -6.19 -14.60
N ASN B 56 30.02 -6.07 -14.27
CA ASN B 56 29.56 -5.26 -13.16
C ASN B 56 30.12 -5.78 -11.84
N PHE B 57 30.08 -7.08 -11.64
CA PHE B 57 30.58 -7.68 -10.41
C PHE B 57 32.09 -7.76 -10.37
N GLN B 58 32.77 -7.46 -11.47
CA GLN B 58 34.22 -7.30 -11.44
C GLN B 58 34.67 -5.94 -10.92
N ARG B 59 33.73 -5.06 -10.56
CA ARG B 59 34.09 -3.72 -10.12
C ARG B 59 34.93 -3.75 -8.84
N GLU B 60 35.96 -2.91 -8.79
CA GLU B 60 36.86 -2.85 -7.65
C GLU B 60 36.96 -1.45 -7.08
N ALA B 61 36.76 -0.44 -7.93
CA ALA B 61 36.91 0.95 -7.51
C ALA B 61 35.66 1.79 -7.66
N LEU B 62 34.79 1.47 -8.61
CA LEU B 62 33.60 2.29 -8.88
C LEU B 62 32.42 1.77 -8.08
N THR B 63 31.76 2.67 -7.37
CA THR B 63 30.51 2.38 -6.67
C THR B 63 29.40 3.17 -7.33
N VAL B 64 28.31 2.48 -7.71
CA VAL B 64 27.18 3.11 -8.37
C VAL B 64 25.95 2.88 -7.51
N ASN B 65 25.28 3.96 -7.15
CA ASN B 65 24.07 3.90 -6.33
C ASN B 65 24.28 3.11 -5.04
N PRO B 66 25.15 3.57 -4.15
CA PRO B 66 25.40 2.84 -2.91
C PRO B 66 24.17 2.78 -2.02
N ALA B 67 24.04 1.68 -1.29
CA ALA B 67 22.96 1.52 -0.32
C ALA B 67 23.47 1.77 1.11
N LYS B 68 24.03 2.95 1.35
CA LYS B 68 24.55 3.30 2.67
C LYS B 68 24.92 4.78 2.70
N ALA B 69 25.09 5.30 3.91
CA ALA B 69 25.47 6.68 4.17
C ALA B 69 26.72 6.70 5.06
N CYS B 70 27.07 7.89 5.55
CA CYS B 70 28.28 8.06 6.34
C CYS B 70 27.95 8.18 7.83
N GLN B 71 28.96 7.89 8.65
CA GLN B 71 28.82 7.76 10.10
C GLN B 71 28.15 8.95 10.79
N PRO B 72 28.53 10.21 10.54
CA PRO B 72 27.93 11.31 11.32
C PRO B 72 26.43 11.41 11.19
N LEU B 73 25.83 10.86 10.12
CA LEU B 73 24.37 10.79 10.06
C LEU B 73 23.82 9.96 11.21
N GLY B 74 24.38 8.77 11.42
CA GLY B 74 23.96 7.94 12.54
C GLY B 74 24.29 8.59 13.87
N ALA B 75 25.42 9.29 13.94
CA ALA B 75 25.76 10.02 15.17
C ALA B 75 24.71 11.08 15.47
N VAL B 76 24.24 11.80 14.46
CA VAL B 76 23.21 12.82 14.65
C VAL B 76 21.92 12.18 15.14
N LEU B 77 21.52 11.06 14.52
CA LEU B 77 20.32 10.36 14.98
C LEU B 77 20.44 9.98 16.45
N CYS B 78 21.54 9.31 16.81
CA CYS B 78 21.75 8.92 18.20
C CYS B 78 21.69 10.12 19.13
N ALA B 79 22.38 11.21 18.79
CA ALA B 79 22.37 12.41 19.62
C ALA B 79 20.96 12.95 19.79
N LEU B 80 20.17 12.97 18.71
CA LEU B 80 18.78 13.35 18.81
C LEU B 80 18.00 12.45 19.75
N GLY B 81 18.51 11.24 20.00
CA GLY B 81 17.85 10.35 20.95
C GLY B 81 17.84 10.85 22.40
N PHE B 82 18.61 11.88 22.74
CA PHE B 82 18.77 12.27 24.14
C PHE B 82 18.08 13.59 24.44
N GLU B 83 17.79 13.79 25.72
CA GLU B 83 16.91 14.88 26.15
C GLU B 83 17.61 16.23 26.03
N LYS B 84 16.94 17.17 25.34
CA LYS B 84 17.40 18.54 25.18
C LYS B 84 18.85 18.59 24.70
N THR B 85 19.18 17.67 23.81
CA THR B 85 20.54 17.51 23.32
C THR B 85 20.64 18.08 21.93
N MET B 86 21.65 18.91 21.70
CA MET B 86 21.92 19.42 20.37
C MET B 86 22.99 18.57 19.71
N PRO B 87 22.69 17.90 18.60
CA PRO B 87 23.77 17.30 17.81
C PRO B 87 24.66 18.39 17.24
N TYR B 88 25.96 18.20 17.39
CA TYR B 88 26.96 19.21 17.03
C TYR B 88 28.05 18.48 16.28
N VAL B 89 28.13 18.70 14.97
CA VAL B 89 29.12 18.01 14.15
C VAL B 89 30.30 18.94 13.93
N HIS B 90 31.45 18.55 14.45
CA HIS B 90 32.68 19.33 14.31
C HIS B 90 33.25 19.09 12.92
N GLY B 91 33.25 20.13 12.09
CA GLY B 91 33.69 19.99 10.71
C GLY B 91 33.07 21.07 9.85
N SER B 92 32.83 20.71 8.60
CA SER B 92 32.30 21.66 7.62
C SER B 92 30.78 21.64 7.62
N GLN B 93 30.20 22.80 7.31
CA GLN B 93 28.76 23.01 7.44
C GLN B 93 27.95 22.28 6.37
N GLY B 94 28.54 22.02 5.20
CA GLY B 94 27.80 21.34 4.16
C GLY B 94 27.34 19.96 4.57
N CYS B 95 28.16 19.26 5.36
CA CYS B 95 27.77 17.96 5.90
C CYS B 95 26.49 18.08 6.73
N VAL B 96 26.44 19.09 7.61
CA VAL B 96 25.27 19.26 8.47
C VAL B 96 24.05 19.63 7.64
N ALA B 97 24.24 20.47 6.62
CA ALA B 97 23.13 20.77 5.73
C ALA B 97 22.58 19.50 5.09
N TYR B 98 23.48 18.61 4.64
CA TYR B 98 23.03 17.38 4.01
C TYR B 98 22.38 16.42 4.99
N PHE B 99 22.94 16.29 6.20
CA PHE B 99 22.32 15.42 7.21
C PHE B 99 20.91 15.91 7.54
N ARG B 100 20.78 17.22 7.79
CA ARG B 100 19.48 17.77 8.12
C ARG B 100 18.50 17.58 6.98
N SER B 101 18.94 17.79 5.73
CA SER B 101 18.05 17.60 4.59
C SER B 101 17.64 16.13 4.45
N TYR B 102 18.59 15.21 4.61
CA TYR B 102 18.31 13.79 4.51
C TYR B 102 17.24 13.37 5.53
N PHE B 103 17.45 13.74 6.79
CA PHE B 103 16.50 13.37 7.83
C PHE B 103 15.18 14.14 7.70
N ASN B 104 15.23 15.39 7.23
CA ASN B 104 14.00 16.13 6.97
C ASN B 104 13.15 15.41 5.93
N ARG B 105 13.80 14.92 4.87
CA ARG B 105 13.06 14.25 3.82
C ARG B 105 12.51 12.91 4.28
N HIS B 106 13.29 12.15 5.06
CA HIS B 106 12.80 10.86 5.53
C HIS B 106 11.69 11.02 6.57
N PHE B 107 11.90 11.86 7.58
CA PHE B 107 10.98 11.95 8.70
C PHE B 107 9.91 13.02 8.53
N ARG B 108 10.10 13.96 7.60
CA ARG B 108 9.18 15.08 7.41
C ARG B 108 8.99 15.87 8.70
N GLU B 109 10.09 16.12 9.39
CA GLU B 109 10.12 16.79 10.67
C GLU B 109 11.36 17.67 10.73
N PRO B 110 11.36 18.70 11.58
CA PRO B 110 12.58 19.48 11.78
C PRO B 110 13.68 18.61 12.34
N VAL B 111 14.90 18.82 11.86
CA VAL B 111 16.08 18.16 12.38
C VAL B 111 17.05 19.25 12.81
N SER B 112 17.32 19.32 14.11
CA SER B 112 18.17 20.35 14.67
C SER B 112 19.59 19.80 14.80
N CYS B 113 20.53 20.47 14.14
CA CYS B 113 21.93 20.07 14.16
C CYS B 113 22.75 21.29 13.79
N VAL B 114 23.87 21.47 14.47
CA VAL B 114 24.73 22.62 14.24
C VAL B 114 26.10 22.15 13.82
N SER B 115 26.82 23.05 13.16
CA SER B 115 28.20 22.84 12.77
C SER B 115 29.02 24.03 13.26
N ASP B 116 30.30 23.79 13.53
CA ASP B 116 31.16 24.92 13.81
C ASP B 116 31.66 25.60 12.53
N SER B 117 31.16 25.16 11.37
CA SER B 117 31.40 25.82 10.09
C SER B 117 32.90 26.02 9.84
N MET B 118 33.66 24.95 9.97
CA MET B 118 35.08 25.02 9.69
C MET B 118 35.31 25.28 8.21
N THR B 119 36.35 26.04 7.90
CA THR B 119 36.65 26.43 6.53
C THR B 119 38.12 26.17 6.20
N GLU B 120 38.58 26.69 5.07
CA GLU B 120 39.96 26.46 4.64
C GLU B 120 40.96 27.01 5.65
N ASP B 121 40.58 28.05 6.40
CA ASP B 121 41.46 28.56 7.45
C ASP B 121 41.71 27.50 8.51
N ALA B 122 40.68 26.75 8.89
CA ALA B 122 40.83 25.66 9.85
C ALA B 122 41.49 24.43 9.27
N ALA B 123 41.68 24.37 7.94
CA ALA B 123 42.21 23.16 7.32
C ALA B 123 43.63 22.86 7.76
N VAL B 124 44.38 23.87 8.17
CA VAL B 124 45.75 23.69 8.64
C VAL B 124 45.87 24.02 10.13
N PHE B 125 45.17 25.04 10.60
CA PHE B 125 45.27 25.43 12.01
C PHE B 125 44.52 24.44 12.90
N GLY B 126 43.34 24.02 12.49
CA GLY B 126 42.49 23.15 13.27
C GLY B 126 41.18 23.82 13.63
N GLY B 127 40.32 23.05 14.30
CA GLY B 127 39.00 23.53 14.65
C GLY B 127 38.82 23.96 16.09
N GLN B 128 39.94 24.24 16.78
CA GLN B 128 39.86 24.63 18.20
C GLN B 128 39.02 25.88 18.39
N GLN B 129 39.34 26.96 17.66
CA GLN B 129 38.57 28.19 17.78
C GLN B 129 37.13 27.98 17.32
N ASN B 130 36.96 27.22 16.23
CA ASN B 130 35.61 26.85 15.81
C ASN B 130 34.88 26.11 16.91
N MET B 131 35.57 25.19 17.59
CA MET B 131 34.94 24.44 18.68
C MET B 131 34.48 25.38 19.79
N LYS B 132 35.37 26.27 20.25
CA LYS B 132 35.03 27.16 21.35
C LYS B 132 33.86 28.07 20.99
N ASP B 133 33.98 28.77 19.86
CA ASP B 133 32.93 29.69 19.44
C ASP B 133 31.62 28.97 19.18
N GLY B 134 31.67 27.82 18.52
CA GLY B 134 30.45 27.09 18.23
C GLY B 134 29.76 26.57 19.47
N LEU B 135 30.53 26.02 20.43
CA LEU B 135 29.94 25.57 21.67
C LEU B 135 29.28 26.73 22.41
N GLN B 136 29.98 27.86 22.52
CA GLN B 136 29.42 29.02 23.22
C GLN B 136 28.16 29.52 22.54
N ASN B 137 28.19 29.68 21.21
CA ASN B 137 27.03 30.20 20.49
C ASN B 137 25.86 29.23 20.56
N CYS B 138 26.12 27.93 20.41
CA CYS B 138 25.06 26.95 20.48
C CYS B 138 24.39 26.96 21.85
N LYS B 139 25.18 26.95 22.92
CA LYS B 139 24.60 26.98 24.26
C LYS B 139 23.82 28.27 24.49
N ALA B 140 24.38 29.41 24.10
CA ALA B 140 23.72 30.68 24.37
C ALA B 140 22.47 30.88 23.51
N THR B 141 22.41 30.29 22.32
CA THR B 141 21.35 30.56 21.37
C THR B 141 20.21 29.54 21.43
N TYR B 142 20.54 28.26 21.47
CA TYR B 142 19.52 27.21 21.44
C TYR B 142 19.29 26.57 22.79
N LYS B 143 20.08 26.94 23.80
CA LYS B 143 19.92 26.48 25.17
C LYS B 143 19.73 24.97 25.29
N PRO B 144 20.67 24.17 24.80
CA PRO B 144 20.58 22.73 25.05
C PRO B 144 21.03 22.39 26.47
N ASP B 145 20.50 21.28 26.98
CA ASP B 145 21.03 20.74 28.22
C ASP B 145 22.29 19.91 28.00
N MET B 146 22.57 19.50 26.77
CA MET B 146 23.76 18.72 26.46
C MET B 146 24.10 18.91 24.98
N ILE B 147 25.39 18.84 24.67
CA ILE B 147 25.88 18.95 23.31
C ILE B 147 26.66 17.68 22.99
N ALA B 148 26.18 16.92 22.01
CA ALA B 148 26.82 15.69 21.59
C ALA B 148 27.60 15.95 20.30
N VAL B 149 28.91 15.76 20.35
CA VAL B 149 29.81 16.21 19.29
C VAL B 149 30.26 15.03 18.47
N SER B 150 30.01 15.09 17.17
CA SER B 150 30.55 14.17 16.18
C SER B 150 31.44 14.95 15.22
N THR B 151 31.97 14.26 14.22
CA THR B 151 32.92 14.86 13.29
C THR B 151 32.52 14.60 11.86
N THR B 152 32.85 15.54 10.98
CA THR B 152 32.83 15.32 9.55
C THR B 152 34.19 14.79 9.10
N CYS B 153 34.25 14.31 7.86
CA CYS B 153 35.49 13.71 7.38
C CYS B 153 36.63 14.71 7.35
N MET B 154 36.32 16.01 7.20
CA MET B 154 37.38 17.02 7.25
C MET B 154 38.10 17.02 8.59
N ALA B 155 37.33 17.07 9.69
CA ALA B 155 37.94 17.08 11.02
C ALA B 155 38.69 15.79 11.29
N GLU B 156 38.14 14.65 10.83
CA GLU B 156 38.82 13.38 11.02
C GLU B 156 40.13 13.33 10.25
N VAL B 157 40.15 13.89 9.04
CA VAL B 157 41.37 13.87 8.23
C VAL B 157 42.43 14.76 8.85
N ILE B 158 42.06 15.97 9.26
CA ILE B 158 43.04 16.87 9.87
C ILE B 158 43.37 16.50 11.31
N GLY B 159 42.73 15.49 11.87
CA GLY B 159 43.08 14.99 13.19
C GLY B 159 42.68 15.88 14.35
N ASP B 160 41.50 16.47 14.31
CA ASP B 160 41.03 17.30 15.40
C ASP B 160 40.77 16.45 16.64
N ASP B 161 41.39 16.81 17.76
CA ASP B 161 41.20 16.11 19.02
C ASP B 161 39.95 16.66 19.69
N LEU B 162 38.84 15.92 19.58
CA LEU B 162 37.59 16.38 20.16
C LEU B 162 37.70 16.58 21.66
N ASN B 163 38.35 15.63 22.35
CA ASN B 163 38.44 15.69 23.80
C ASN B 163 39.23 16.91 24.26
N ALA B 164 40.40 17.13 23.66
CA ALA B 164 41.20 18.30 24.03
C ALA B 164 40.48 19.59 23.68
N PHE B 165 39.81 19.63 22.53
CA PHE B 165 39.11 20.86 22.12
C PHE B 165 38.00 21.20 23.09
N ILE B 166 37.20 20.21 23.47
CA ILE B 166 36.10 20.43 24.42
C ILE B 166 36.65 20.82 25.79
N ASN B 167 37.71 20.14 26.24
CA ASN B 167 38.29 20.48 27.54
C ASN B 167 38.84 21.91 27.55
N ASN B 168 39.54 22.31 26.49
CA ASN B 168 40.07 23.67 26.40
C ASN B 168 38.96 24.70 26.33
N SER B 169 37.85 24.36 25.66
CA SER B 169 36.70 25.26 25.67
C SER B 169 36.13 25.43 27.06
N LYS B 170 36.06 24.34 27.83
CA LYS B 170 35.56 24.42 29.20
C LYS B 170 36.51 25.23 30.08
N LYS B 171 37.82 25.05 29.89
CA LYS B 171 38.78 25.72 30.77
C LYS B 171 38.73 27.23 30.63
N GLU B 172 38.36 27.75 29.46
CA GLU B 172 38.41 29.18 29.18
C GLU B 172 37.04 29.83 29.25
N GLY B 173 36.05 29.16 29.82
CA GLY B 173 34.77 29.77 30.08
C GLY B 173 33.85 29.88 28.88
N PHE B 174 34.22 29.29 27.74
CA PHE B 174 33.32 29.28 26.59
C PHE B 174 32.06 28.46 26.89
N ILE B 175 32.16 27.49 27.78
CA ILE B 175 31.05 26.60 28.13
C ILE B 175 31.26 26.20 29.59
N PRO B 176 30.21 26.04 30.39
CA PRO B 176 30.39 25.67 31.80
C PRO B 176 31.08 24.33 31.94
N ASP B 177 31.87 24.19 33.01
CA ASP B 177 32.62 22.97 33.25
C ASP B 177 31.71 21.77 33.48
N GLU B 178 30.53 21.99 34.07
CA GLU B 178 29.60 20.91 34.35
C GLU B 178 28.63 20.63 33.20
N PHE B 179 28.75 21.36 32.10
CA PHE B 179 27.85 21.14 30.97
C PHE B 179 28.24 19.86 30.24
N PRO B 180 27.34 18.90 30.07
CA PRO B 180 27.70 17.63 29.43
C PRO B 180 27.99 17.83 27.94
N VAL B 181 29.21 17.50 27.54
CA VAL B 181 29.59 17.54 26.13
C VAL B 181 30.23 16.20 25.75
N PRO B 182 29.43 15.15 25.57
CA PRO B 182 30.00 13.89 25.06
C PRO B 182 30.45 14.05 23.62
N PHE B 183 31.43 13.24 23.25
CA PHE B 183 32.02 13.31 21.92
C PHE B 183 32.28 11.91 21.38
N ALA B 184 32.29 11.80 20.06
CA ALA B 184 32.62 10.55 19.38
C ALA B 184 33.19 10.88 18.02
N HIS B 185 34.29 10.23 17.66
CA HIS B 185 34.85 10.36 16.33
C HIS B 185 34.09 9.48 15.36
N THR B 186 33.52 10.08 14.33
CA THR B 186 32.63 9.40 13.39
C THR B 186 33.13 9.61 11.97
N PRO B 187 34.23 8.98 11.59
CA PRO B 187 34.80 9.21 10.25
C PRO B 187 33.88 8.70 9.15
N SER B 188 33.68 9.52 8.12
CA SER B 188 32.78 9.12 7.04
C SER B 188 33.39 8.06 6.14
N PHE B 189 34.68 7.75 6.29
CA PHE B 189 35.35 6.76 5.46
C PHE B 189 35.52 5.41 6.17
N VAL B 190 34.85 5.21 7.30
CA VAL B 190 34.86 3.94 8.01
C VAL B 190 33.43 3.48 8.23
N GLY B 191 33.14 2.23 7.86
CA GLY B 191 31.81 1.68 8.11
C GLY B 191 30.74 2.46 7.38
N SER B 192 29.64 2.72 8.08
CA SER B 192 28.51 3.43 7.50
C SER B 192 27.84 4.24 8.61
N HIS B 193 26.63 4.72 8.32
CA HIS B 193 25.90 5.53 9.29
C HIS B 193 25.65 4.77 10.59
N VAL B 194 25.39 3.46 10.50
CA VAL B 194 25.13 2.67 11.69
C VAL B 194 26.37 2.64 12.59
N THR B 195 27.56 2.62 11.97
CA THR B 195 28.79 2.72 12.75
C THR B 195 28.87 4.05 13.49
N GLY B 196 28.40 5.13 12.86
CA GLY B 196 28.35 6.41 13.54
C GLY B 196 27.39 6.40 14.71
N TRP B 197 26.23 5.74 14.54
CA TRP B 197 25.30 5.61 15.67
C TRP B 197 25.96 4.87 16.82
N ASP B 198 26.61 3.74 16.52
CA ASP B 198 27.31 2.96 17.54
C ASP B 198 28.35 3.82 18.26
N ASN B 199 29.16 4.55 17.49
CA ASN B 199 30.22 5.38 18.07
C ASN B 199 29.64 6.48 18.95
N MET B 200 28.58 7.14 18.49
CA MET B 200 27.99 8.22 19.26
C MET B 200 27.41 7.71 20.57
N PHE B 201 26.68 6.59 20.50
CA PHE B 201 26.10 6.02 21.72
C PHE B 201 27.19 5.60 22.70
N GLU B 202 28.24 4.96 22.21
CA GLU B 202 29.32 4.54 23.10
C GLU B 202 30.01 5.74 23.72
N GLY B 203 30.21 6.81 22.95
CA GLY B 203 30.80 8.01 23.51
C GLY B 203 29.95 8.64 24.60
N ILE B 204 28.64 8.69 24.38
CA ILE B 204 27.75 9.26 25.40
C ILE B 204 27.75 8.38 26.66
N ALA B 205 27.70 7.06 26.48
CA ALA B 205 27.72 6.16 27.62
C ALA B 205 29.03 6.26 28.41
N ARG B 206 30.15 6.37 27.69
CA ARG B 206 31.43 6.55 28.37
C ARG B 206 31.49 7.89 29.10
N TYR B 207 30.91 8.94 28.51
CA TYR B 207 30.88 10.24 29.17
C TYR B 207 30.09 10.17 30.48
N PHE B 208 28.98 9.43 30.48
CA PHE B 208 28.10 9.47 31.64
C PHE B 208 28.34 8.35 32.65
N THR B 209 29.11 7.33 32.33
CA THR B 209 29.24 6.18 33.24
C THR B 209 30.67 5.76 33.57
N LEU B 210 31.66 6.07 32.73
CA LEU B 210 32.97 5.46 32.89
C LEU B 210 33.64 5.88 34.19
N LYS B 211 33.44 7.12 34.61
CA LYS B 211 34.11 7.65 35.79
C LYS B 211 33.32 7.47 37.08
N SER B 212 32.11 6.91 37.01
CA SER B 212 31.24 6.77 38.18
C SER B 212 30.82 5.32 38.40
N MET B 213 31.70 4.37 38.08
CA MET B 213 31.38 2.96 38.23
C MET B 213 31.56 2.44 39.65
N ASP B 214 32.06 3.26 40.57
CA ASP B 214 32.35 2.77 41.92
C ASP B 214 31.08 2.36 42.66
N ASP B 215 30.02 3.16 42.54
CA ASP B 215 28.80 2.93 43.30
C ASP B 215 27.73 2.20 42.50
N LYS B 216 28.13 1.50 41.44
CA LYS B 216 27.19 0.82 40.55
C LYS B 216 27.10 -0.66 40.91
N VAL B 217 25.87 -1.13 41.12
CA VAL B 217 25.60 -2.54 41.39
C VAL B 217 24.64 -3.05 40.32
N VAL B 218 25.04 -4.12 39.64
CA VAL B 218 24.24 -4.65 38.55
C VAL B 218 22.91 -5.16 39.08
N GLY B 219 21.82 -4.71 38.45
CA GLY B 219 20.49 -5.12 38.85
C GLY B 219 19.91 -4.37 40.02
N SER B 220 20.62 -3.38 40.57
CA SER B 220 20.12 -2.69 41.75
C SER B 220 18.86 -1.88 41.45
N ASN B 221 18.70 -1.39 40.22
CA ASN B 221 17.49 -0.66 39.87
C ASN B 221 16.40 -1.56 39.27
N LYS B 222 16.66 -2.87 39.15
CA LYS B 222 15.68 -3.84 38.66
C LYS B 222 15.13 -3.46 37.29
N LYS B 223 16.01 -3.02 36.40
CA LYS B 223 15.61 -2.58 35.07
C LYS B 223 16.49 -3.26 34.02
N ILE B 224 16.00 -3.26 32.79
CA ILE B 224 16.72 -3.78 31.63
C ILE B 224 17.00 -2.62 30.69
N ASN B 225 18.26 -2.44 30.32
CA ASN B 225 18.61 -1.43 29.34
C ASN B 225 18.34 -1.94 27.93
N ILE B 226 17.76 -1.08 27.11
CA ILE B 226 17.50 -1.39 25.71
C ILE B 226 18.22 -0.35 24.86
N VAL B 227 19.16 -0.80 24.04
CA VAL B 227 19.86 0.04 23.09
C VAL B 227 19.32 -0.29 21.70
N PRO B 228 18.61 0.62 21.03
CA PRO B 228 17.95 0.26 19.78
C PRO B 228 18.85 0.33 18.54
N GLY B 229 19.95 1.07 18.59
CA GLY B 229 20.77 1.25 17.42
C GLY B 229 20.15 2.23 16.44
N PHE B 230 20.77 2.32 15.26
CA PHE B 230 20.28 3.19 14.21
C PHE B 230 18.90 2.73 13.77
N GLU B 231 17.87 3.50 14.14
CA GLU B 231 16.50 3.12 13.87
C GLU B 231 15.75 4.31 13.32
N THR B 232 15.05 4.11 12.20
CA THR B 232 14.32 5.19 11.55
C THR B 232 12.83 4.89 11.45
N TYR B 233 12.34 3.87 12.14
CA TYR B 233 10.92 3.63 12.28
C TYR B 233 10.54 3.98 13.72
N LEU B 234 9.70 5.01 13.88
CA LEU B 234 9.26 5.39 15.22
C LEU B 234 8.48 4.26 15.88
N GLY B 235 7.74 3.50 15.08
CA GLY B 235 7.01 2.36 15.60
C GLY B 235 7.89 1.32 16.25
N ASN B 236 9.17 1.27 15.89
CA ASN B 236 10.07 0.30 16.49
C ASN B 236 10.37 0.65 17.95
N PHE B 237 10.75 1.90 18.21
CA PHE B 237 10.87 2.36 19.59
C PHE B 237 9.56 2.16 20.34
N ARG B 238 8.45 2.54 19.71
CA ARG B 238 7.16 2.46 20.38
C ARG B 238 6.80 1.03 20.74
N VAL B 239 7.07 0.08 19.84
CA VAL B 239 6.68 -1.30 20.07
C VAL B 239 7.58 -1.95 21.12
N ILE B 240 8.86 -1.59 21.15
CA ILE B 240 9.73 -2.12 22.19
C ILE B 240 9.27 -1.63 23.56
N LYS B 241 8.97 -0.34 23.66
CA LYS B 241 8.48 0.21 24.92
C LYS B 241 7.16 -0.44 25.32
N ARG B 242 6.26 -0.62 24.36
CA ARG B 242 4.95 -1.21 24.66
C ARG B 242 5.09 -2.66 25.13
N MET B 243 5.92 -3.45 24.43
CA MET B 243 6.08 -4.85 24.79
C MET B 243 6.70 -4.99 26.18
N LEU B 244 7.70 -4.15 26.49
CA LEU B 244 8.28 -4.21 27.82
C LEU B 244 7.31 -3.71 28.89
N SER B 245 6.43 -2.78 28.54
CA SER B 245 5.45 -2.29 29.51
C SER B 245 4.40 -3.35 29.82
N GLU B 246 3.92 -4.07 28.78
CA GLU B 246 2.95 -5.14 29.01
C GLU B 246 3.55 -6.25 29.88
N MET B 247 4.82 -6.57 29.69
CA MET B 247 5.48 -7.59 30.49
C MET B 247 5.68 -7.18 31.94
N GLY B 248 5.46 -5.91 32.27
CA GLY B 248 5.78 -5.42 33.59
C GLY B 248 7.25 -5.28 33.85
N VAL B 249 8.06 -5.19 32.80
CA VAL B 249 9.51 -5.13 32.93
C VAL B 249 9.94 -3.68 32.99
N GLY B 250 10.58 -3.29 34.09
CA GLY B 250 11.21 -2.00 34.17
C GLY B 250 12.32 -1.88 33.13
N TYR B 251 12.33 -0.80 32.36
CA TYR B 251 13.29 -0.67 31.28
C TYR B 251 13.74 0.78 31.17
N SER B 252 14.90 0.96 30.54
CA SER B 252 15.41 2.28 30.18
C SER B 252 15.77 2.25 28.70
N LEU B 253 15.01 2.96 27.88
CA LEU B 253 15.34 3.11 26.47
C LEU B 253 16.41 4.18 26.34
N LEU B 254 17.62 3.78 25.98
CA LEU B 254 18.74 4.70 25.83
C LEU B 254 18.84 5.14 24.39
N SER B 255 19.00 6.45 24.18
CA SER B 255 18.93 7.07 22.85
C SER B 255 17.54 6.84 22.23
N ASP B 256 16.57 7.50 22.82
CA ASP B 256 15.17 7.48 22.39
C ASP B 256 14.80 8.76 21.65
N PRO B 257 14.95 8.80 20.32
CA PRO B 257 14.56 10.00 19.56
C PRO B 257 13.10 10.06 19.15
N GLU B 258 12.26 9.19 19.71
CA GLU B 258 10.89 9.05 19.23
C GLU B 258 10.09 10.33 19.38
N GLU B 259 10.24 11.04 20.51
CA GLU B 259 9.42 12.21 20.74
C GLU B 259 9.86 13.38 19.86
N VAL B 260 11.16 13.61 19.74
CA VAL B 260 11.66 14.77 18.99
C VAL B 260 11.42 14.61 17.50
N LEU B 261 11.26 13.39 17.01
CA LEU B 261 11.00 13.15 15.60
C LEU B 261 9.51 13.04 15.28
N ASP B 262 8.64 13.23 16.27
CA ASP B 262 7.20 13.21 16.05
C ASP B 262 6.52 14.29 16.86
N THR B 263 7.10 15.49 16.89
CA THR B 263 6.52 16.57 17.68
C THR B 263 5.22 17.05 17.07
N PRO B 264 4.20 17.35 17.88
CA PRO B 264 2.94 17.84 17.34
C PRO B 264 3.09 19.22 16.71
N ALA B 265 2.26 19.46 15.69
CA ALA B 265 2.15 20.78 15.08
C ALA B 265 0.98 21.48 15.78
N ASP B 266 1.30 22.22 16.84
CA ASP B 266 0.28 22.84 17.68
C ASP B 266 0.49 24.35 17.81
N GLY B 267 1.13 24.97 16.83
CA GLY B 267 1.35 26.40 16.83
C GLY B 267 2.69 26.85 17.36
N GLN B 268 3.49 25.94 17.90
CA GLN B 268 4.83 26.26 18.36
C GLN B 268 5.80 25.19 17.88
N PHE B 269 7.06 25.59 17.73
CA PHE B 269 8.12 24.69 17.31
C PHE B 269 8.96 24.32 18.53
N ARG B 270 9.07 23.02 18.80
CA ARG B 270 9.89 22.51 19.90
C ARG B 270 11.17 21.95 19.31
N MET B 271 12.29 22.60 19.60
CA MET B 271 13.58 22.08 19.15
C MET B 271 13.96 20.81 19.92
N TYR B 272 13.44 20.66 21.14
CA TYR B 272 13.71 19.49 21.95
C TYR B 272 12.40 18.90 22.45
N ALA B 273 12.40 17.58 22.62
CA ALA B 273 11.22 16.87 23.12
C ALA B 273 11.63 15.47 23.55
N GLY B 274 11.21 15.07 24.74
CA GLY B 274 11.46 13.72 25.21
C GLY B 274 12.94 13.40 25.25
N GLY B 275 13.26 12.15 24.91
CA GLY B 275 14.63 11.71 24.85
C GLY B 275 15.12 11.11 26.15
N THR B 276 16.20 10.36 26.05
CA THR B 276 16.80 9.73 27.22
C THR B 276 17.42 10.79 28.13
N THR B 277 17.01 10.80 29.39
CA THR B 277 17.52 11.77 30.34
C THR B 277 18.96 11.43 30.73
N GLN B 278 19.66 12.46 31.23
CA GLN B 278 21.03 12.24 31.71
C GLN B 278 21.04 11.35 32.95
N GLU B 279 20.02 11.46 33.81
CA GLU B 279 19.93 10.58 34.96
C GLU B 279 19.78 9.12 34.55
N GLU B 280 18.99 8.87 33.50
CA GLU B 280 18.82 7.49 33.01
C GLU B 280 20.14 6.91 32.56
N MET B 281 20.93 7.68 31.81
CA MET B 281 22.22 7.16 31.35
C MET B 281 23.21 7.03 32.50
N LYS B 282 23.12 7.91 33.49
CA LYS B 282 23.97 7.79 34.68
C LYS B 282 23.65 6.51 35.45
N ASP B 283 22.37 6.17 35.56
CA ASP B 283 21.92 5.01 36.32
C ASP B 283 21.90 3.72 35.53
N ALA B 284 22.13 3.79 34.21
CA ALA B 284 22.13 2.60 33.37
C ALA B 284 23.03 1.45 33.85
N PRO B 285 24.23 1.68 34.39
CA PRO B 285 25.03 0.54 34.88
C PRO B 285 24.36 -0.24 36.00
N ASN B 286 23.34 0.31 36.65
CA ASN B 286 22.64 -0.37 37.72
C ASN B 286 21.54 -1.30 37.21
N ALA B 287 21.41 -1.45 35.91
CA ALA B 287 20.37 -2.29 35.34
C ALA B 287 20.69 -3.76 35.53
N LEU B 288 19.64 -4.59 35.43
CA LEU B 288 19.83 -6.03 35.45
C LEU B 288 20.69 -6.49 34.29
N ASN B 289 20.40 -6.01 33.08
CA ASN B 289 21.16 -6.35 31.90
C ASN B 289 20.88 -5.31 30.82
N THR B 290 21.68 -5.34 29.77
CA THR B 290 21.49 -4.49 28.60
C THR B 290 21.23 -5.38 27.40
N VAL B 291 20.16 -5.09 26.67
CA VAL B 291 19.78 -5.84 25.48
C VAL B 291 19.98 -4.93 24.27
N LEU B 292 20.76 -5.40 23.30
CA LEU B 292 21.00 -4.66 22.07
C LEU B 292 20.04 -5.17 21.00
N LEU B 293 19.19 -4.27 20.49
CA LEU B 293 18.20 -4.69 19.49
C LEU B 293 18.85 -5.00 18.16
N GLN B 294 19.95 -4.35 17.83
CA GLN B 294 20.62 -4.51 16.53
C GLN B 294 22.08 -4.81 16.79
N PRO B 295 22.39 -6.03 17.21
CA PRO B 295 23.77 -6.35 17.63
C PRO B 295 24.81 -6.18 16.54
N TRP B 296 24.46 -6.37 15.28
CA TRP B 296 25.47 -6.42 14.22
C TRP B 296 26.08 -5.06 13.90
N HIS B 297 25.50 -3.95 14.37
CA HIS B 297 26.17 -2.67 14.27
C HIS B 297 26.36 -1.99 15.62
N LEU B 298 26.17 -2.72 16.72
CA LEU B 298 26.40 -2.22 18.07
C LEU B 298 27.56 -2.93 18.74
N GLU B 299 28.62 -3.21 17.98
CA GLU B 299 29.76 -3.94 18.52
C GLU B 299 30.49 -3.12 19.59
N LYS B 300 30.84 -1.88 19.26
CA LYS B 300 31.56 -1.04 20.23
C LYS B 300 30.74 -0.83 21.49
N THR B 301 29.45 -0.58 21.33
CA THR B 301 28.56 -0.45 22.49
C THR B 301 28.54 -1.74 23.30
N LYS B 302 28.53 -2.88 22.61
CA LYS B 302 28.52 -4.17 23.31
C LYS B 302 29.78 -4.36 24.14
N LYS B 303 30.94 -4.05 23.55
CA LYS B 303 32.19 -4.17 24.31
C LYS B 303 32.21 -3.23 25.51
N PHE B 304 31.72 -2.00 25.34
CA PHE B 304 31.70 -1.08 26.47
C PHE B 304 30.76 -1.58 27.58
N VAL B 305 29.57 -2.05 27.20
CA VAL B 305 28.61 -2.50 28.21
C VAL B 305 29.12 -3.73 28.94
N GLU B 306 29.68 -4.69 28.21
CA GLU B 306 30.18 -5.90 28.87
C GLU B 306 31.39 -5.61 29.74
N GLY B 307 32.34 -4.82 29.22
CA GLY B 307 33.59 -4.64 29.93
C GLY B 307 33.55 -3.67 31.08
N THR B 308 32.67 -2.66 31.01
CA THR B 308 32.61 -1.62 32.02
C THR B 308 31.36 -1.72 32.90
N TRP B 309 30.19 -1.89 32.29
CA TRP B 309 28.97 -2.04 33.06
C TRP B 309 28.82 -3.43 33.66
N LYS B 310 29.67 -4.38 33.25
CA LYS B 310 29.67 -5.76 33.74
C LYS B 310 28.36 -6.49 33.43
N HIS B 311 27.60 -6.01 32.45
CA HIS B 311 26.39 -6.71 32.05
C HIS B 311 26.75 -7.85 31.10
N GLU B 312 26.16 -9.02 31.32
CA GLU B 312 26.33 -10.15 30.42
C GLU B 312 25.27 -10.01 29.33
N VAL B 313 25.64 -9.35 28.25
CA VAL B 313 24.72 -8.98 27.18
C VAL B 313 24.24 -10.24 26.47
N PRO B 314 22.93 -10.49 26.43
CA PRO B 314 22.45 -11.75 25.84
C PRO B 314 22.68 -11.78 24.33
N LYS B 315 23.04 -12.96 23.84
CA LYS B 315 23.24 -13.18 22.41
C LYS B 315 21.87 -13.33 21.77
N LEU B 316 21.28 -12.21 21.38
CA LEU B 316 19.94 -12.16 20.83
C LEU B 316 19.98 -11.59 19.42
N ASN B 317 19.24 -12.22 18.51
CA ASN B 317 19.06 -11.63 17.20
C ASN B 317 18.08 -10.47 17.28
N ILE B 318 18.02 -9.69 16.21
CA ILE B 318 17.06 -8.58 16.16
C ILE B 318 15.66 -9.14 16.35
N PRO B 319 14.81 -8.54 17.19
CA PRO B 319 13.48 -9.10 17.40
C PRO B 319 12.54 -8.88 16.22
N MET B 320 12.86 -9.52 15.10
CA MET B 320 12.04 -9.50 13.90
C MET B 320 11.57 -10.90 13.59
N GLY B 321 10.36 -11.02 13.07
CA GLY B 321 9.80 -12.31 12.78
C GLY B 321 9.18 -12.96 14.01
N LEU B 322 8.97 -14.26 13.91
CA LEU B 322 8.32 -15.01 14.99
C LEU B 322 9.31 -15.65 15.94
N ASP B 323 10.24 -16.46 15.43
CA ASP B 323 11.18 -17.15 16.30
C ASP B 323 12.05 -16.17 17.08
N TRP B 324 12.54 -15.13 16.41
CA TRP B 324 13.47 -14.21 17.05
C TRP B 324 12.76 -13.30 18.05
N THR B 325 11.53 -12.88 17.75
CA THR B 325 10.74 -12.17 18.73
C THR B 325 10.44 -13.05 19.93
N ASP B 326 10.14 -14.33 19.70
CA ASP B 326 9.96 -15.26 20.80
C ASP B 326 11.21 -15.34 21.66
N GLU B 327 12.38 -15.44 21.02
CA GLU B 327 13.63 -15.52 21.77
C GLU B 327 13.86 -14.26 22.59
N PHE B 328 13.55 -13.10 22.01
CA PHE B 328 13.69 -11.83 22.72
C PHE B 328 12.78 -11.81 23.95
N LEU B 329 11.52 -12.21 23.79
CA LEU B 329 10.58 -12.20 24.90
C LEU B 329 10.98 -13.19 25.98
N MET B 330 11.43 -14.39 25.60
CA MET B 330 11.86 -15.37 26.59
C MET B 330 13.09 -14.89 27.36
N LYS B 331 14.05 -14.30 26.64
CA LYS B 331 15.25 -13.79 27.30
C LYS B 331 14.89 -12.66 28.26
N VAL B 332 14.00 -11.76 27.86
CA VAL B 332 13.56 -10.70 28.75
C VAL B 332 12.87 -11.28 29.97
N SER B 333 12.04 -12.31 29.75
CA SER B 333 11.34 -12.96 30.86
C SER B 333 12.31 -13.56 31.86
N GLU B 334 13.35 -14.23 31.38
CA GLU B 334 14.28 -14.87 32.30
C GLU B 334 15.22 -13.87 32.96
N ILE B 335 15.56 -12.77 32.27
CA ILE B 335 16.43 -11.77 32.88
C ILE B 335 15.67 -11.01 33.97
N SER B 336 14.45 -10.60 33.68
CA SER B 336 13.66 -9.80 34.62
C SER B 336 12.88 -10.63 35.61
N GLY B 337 12.75 -11.94 35.38
CA GLY B 337 11.94 -12.78 36.24
C GLY B 337 10.45 -12.68 36.01
N GLN B 338 10.00 -11.79 35.12
CA GLN B 338 8.59 -11.56 34.79
C GLN B 338 8.12 -12.56 33.75
N PRO B 339 6.99 -13.21 33.94
CA PRO B 339 6.46 -14.10 32.91
C PRO B 339 5.89 -13.33 31.74
N ILE B 340 5.85 -13.98 30.59
CA ILE B 340 5.28 -13.38 29.38
C ILE B 340 3.77 -13.28 29.57
N PRO B 341 3.19 -12.10 29.43
CA PRO B 341 1.76 -11.94 29.72
C PRO B 341 0.89 -12.55 28.62
N ALA B 342 -0.39 -12.72 28.96
CA ALA B 342 -1.33 -13.31 28.02
C ALA B 342 -1.52 -12.46 26.78
N SER B 343 -1.34 -11.14 26.91
CA SER B 343 -1.50 -10.27 25.74
C SER B 343 -0.44 -10.52 24.69
N LEU B 344 0.81 -10.73 25.10
CA LEU B 344 1.88 -10.99 24.14
C LEU B 344 1.74 -12.37 23.50
N THR B 345 1.32 -13.36 24.29
CA THR B 345 1.03 -14.68 23.72
C THR B 345 -0.11 -14.61 22.71
N LYS B 346 -1.15 -13.84 23.02
CA LYS B 346 -2.24 -13.63 22.07
C LYS B 346 -1.73 -12.96 20.80
N GLU B 347 -0.88 -11.94 20.95
CA GLU B 347 -0.30 -11.28 19.77
C GLU B 347 0.47 -12.26 18.91
N ARG B 348 1.26 -13.13 19.56
CA ARG B 348 1.99 -14.16 18.82
C ARG B 348 1.05 -15.08 18.06
N GLY B 349 -0.02 -15.53 18.72
CA GLY B 349 -0.98 -16.40 18.06
C GLY B 349 -1.67 -15.70 16.89
N ARG B 350 -1.93 -14.41 17.02
CA ARG B 350 -2.56 -13.66 15.93
C ARG B 350 -1.61 -13.52 14.74
N LEU B 351 -0.33 -13.28 15.00
CA LEU B 351 0.64 -13.26 13.91
C LEU B 351 0.74 -14.61 13.23
N VAL B 352 0.73 -15.69 14.02
CA VAL B 352 0.75 -17.03 13.45
C VAL B 352 -0.50 -17.27 12.60
N ASP B 353 -1.64 -16.77 13.07
CA ASP B 353 -2.87 -16.89 12.31
C ASP B 353 -2.76 -16.17 10.97
N MET B 354 -2.15 -14.98 10.98
CA MET B 354 -1.93 -14.27 9.71
C MET B 354 -1.03 -15.06 8.79
N MET B 355 0.01 -15.70 9.34
CA MET B 355 0.89 -16.52 8.53
C MET B 355 0.13 -17.69 7.89
N THR B 356 -0.69 -18.38 8.67
CA THR B 356 -1.50 -19.48 8.11
C THR B 356 -2.47 -18.95 7.07
N ASP B 357 -3.06 -17.78 7.32
CA ASP B 357 -4.02 -17.19 6.40
C ASP B 357 -3.38 -16.85 5.05
N SER B 358 -2.14 -16.36 5.06
CA SER B 358 -1.52 -15.79 3.87
C SER B 358 -0.42 -16.64 3.25
N HIS B 359 -0.13 -17.82 3.81
CA HIS B 359 1.02 -18.60 3.35
C HIS B 359 0.88 -19.01 1.88
N THR B 360 -0.34 -19.23 1.41
CA THR B 360 -0.52 -19.68 0.03
C THR B 360 0.00 -18.66 -0.97
N TRP B 361 -0.34 -17.38 -0.75
CA TRP B 361 0.18 -16.34 -1.62
C TRP B 361 1.66 -16.06 -1.34
N LEU B 362 2.10 -16.24 -0.09
CA LEU B 362 3.50 -15.98 0.21
C LEU B 362 4.43 -17.10 -0.26
N HIS B 363 3.93 -18.32 -0.42
CA HIS B 363 4.79 -19.48 -0.60
C HIS B 363 5.56 -19.40 -1.91
N GLY B 364 6.87 -19.60 -1.84
CA GLY B 364 7.72 -19.70 -3.00
C GLY B 364 8.07 -18.39 -3.67
N LYS B 365 7.54 -17.27 -3.17
CA LYS B 365 7.82 -15.98 -3.80
C LYS B 365 9.28 -15.61 -3.62
N ARG B 366 9.90 -15.14 -4.70
CA ARG B 366 11.33 -14.84 -4.74
C ARG B 366 11.55 -13.35 -4.51
N PHE B 367 12.57 -13.03 -3.71
CA PHE B 367 12.81 -11.66 -3.31
C PHE B 367 14.27 -11.27 -3.47
N ALA B 368 14.45 -10.01 -3.86
CA ALA B 368 15.72 -9.31 -3.69
C ALA B 368 15.51 -8.25 -2.62
N LEU B 369 16.49 -8.10 -1.73
CA LEU B 369 16.32 -7.20 -0.60
C LEU B 369 17.67 -6.63 -0.20
N TRP B 370 17.63 -5.45 0.41
CA TRP B 370 18.84 -4.78 0.87
C TRP B 370 18.51 -3.84 2.02
N GLY B 371 19.54 -3.41 2.72
CA GLY B 371 19.42 -2.53 3.86
C GLY B 371 20.56 -2.77 4.83
N ASP B 372 20.37 -2.30 6.06
CA ASP B 372 21.37 -2.46 7.10
C ASP B 372 21.41 -3.91 7.59
N PRO B 373 22.54 -4.34 8.17
CA PRO B 373 22.73 -5.78 8.44
C PRO B 373 21.67 -6.42 9.33
N ASP B 374 21.40 -5.84 10.50
CA ASP B 374 20.42 -6.44 11.40
C ASP B 374 19.04 -6.46 10.77
N PHE B 375 18.64 -5.36 10.14
CA PHE B 375 17.34 -5.31 9.48
C PHE B 375 17.26 -6.33 8.35
N VAL B 376 18.32 -6.45 7.55
CA VAL B 376 18.31 -7.39 6.43
C VAL B 376 18.21 -8.81 6.94
N MET B 377 18.99 -9.16 7.97
CA MET B 377 18.96 -10.53 8.47
C MET B 377 17.63 -10.86 9.12
N GLY B 378 17.01 -9.87 9.79
CA GLY B 378 15.67 -10.09 10.30
C GLY B 378 14.65 -10.30 9.18
N LEU B 379 14.78 -9.54 8.10
CA LEU B 379 13.91 -9.73 6.95
C LEU B 379 14.09 -11.12 6.35
N VAL B 380 15.34 -11.58 6.23
CA VAL B 380 15.60 -12.92 5.70
C VAL B 380 14.98 -13.98 6.59
N LYS B 381 15.16 -13.84 7.91
CA LYS B 381 14.58 -14.81 8.84
C LYS B 381 13.06 -14.86 8.71
N PHE B 382 12.42 -13.68 8.68
CA PHE B 382 10.97 -13.66 8.55
C PHE B 382 10.52 -14.25 7.22
N LEU B 383 11.26 -13.95 6.14
CA LEU B 383 10.90 -14.50 4.84
C LEU B 383 10.98 -16.02 4.82
N LEU B 384 12.03 -16.57 5.44
CA LEU B 384 12.12 -18.02 5.55
C LEU B 384 11.02 -18.58 6.43
N GLU B 385 10.61 -17.84 7.46
CA GLU B 385 9.49 -18.28 8.29
C GLU B 385 8.18 -18.28 7.50
N LEU B 386 8.05 -17.40 6.51
CA LEU B 386 6.84 -17.28 5.73
C LEU B 386 6.80 -18.21 4.53
N GLY B 387 7.83 -19.03 4.33
CA GLY B 387 7.90 -19.87 3.16
C GLY B 387 8.36 -19.17 1.90
N CYS B 388 8.74 -17.89 1.99
CA CYS B 388 9.23 -17.16 0.85
C CYS B 388 10.69 -17.51 0.59
N GLU B 389 11.15 -17.23 -0.62
CA GLU B 389 12.51 -17.57 -1.01
C GLU B 389 13.32 -16.30 -1.24
N PRO B 390 14.14 -15.88 -0.28
CA PRO B 390 15.01 -14.73 -0.53
C PRO B 390 16.10 -15.09 -1.52
N VAL B 391 15.97 -14.64 -2.77
CA VAL B 391 16.93 -15.06 -3.78
C VAL B 391 18.18 -14.19 -3.73
N HIS B 392 18.00 -12.88 -3.69
CA HIS B 392 19.13 -11.95 -3.62
C HIS B 392 19.07 -11.20 -2.30
N ILE B 393 20.09 -11.39 -1.47
CA ILE B 393 20.22 -10.66 -0.22
C ILE B 393 21.46 -9.78 -0.35
N LEU B 394 21.30 -8.48 -0.15
CA LEU B 394 22.39 -7.54 -0.35
C LEU B 394 22.52 -6.64 0.86
N CYS B 395 23.74 -6.51 1.36
CA CYS B 395 24.04 -5.59 2.46
C CYS B 395 25.31 -4.86 2.07
N HIS B 396 25.16 -3.61 1.63
CA HIS B 396 26.31 -2.83 1.19
C HIS B 396 27.32 -2.64 2.31
N ASN B 397 26.83 -2.44 3.54
CA ASN B 397 27.70 -2.20 4.68
C ASN B 397 27.86 -3.42 5.59
N GLY B 398 27.44 -4.60 5.13
CA GLY B 398 27.62 -5.81 5.91
C GLY B 398 29.04 -6.34 5.81
N ASN B 399 29.35 -7.32 6.67
CA ASN B 399 30.68 -7.90 6.75
C ASN B 399 30.60 -9.41 6.61
N LYS B 400 31.77 -10.05 6.63
CA LYS B 400 31.84 -11.50 6.40
C LYS B 400 31.29 -12.29 7.58
N ARG B 401 31.44 -11.79 8.81
CA ARG B 401 30.83 -12.47 9.95
C ARG B 401 29.32 -12.48 9.83
N TRP B 402 28.75 -11.32 9.50
CA TRP B 402 27.31 -11.23 9.29
C TRP B 402 26.87 -12.09 8.12
N LYS B 403 27.70 -12.14 7.07
CA LYS B 403 27.41 -13.01 5.93
C LYS B 403 27.38 -14.48 6.34
N LYS B 404 28.34 -14.90 7.18
CA LYS B 404 28.35 -16.28 7.66
C LYS B 404 27.13 -16.57 8.50
N ALA B 405 26.73 -15.61 9.33
CA ALA B 405 25.53 -15.80 10.15
C ALA B 405 24.29 -15.96 9.28
N VAL B 406 24.13 -15.11 8.27
CA VAL B 406 22.93 -15.20 7.44
C VAL B 406 22.97 -16.44 6.55
N ASP B 407 24.16 -16.87 6.11
CA ASP B 407 24.27 -18.14 5.39
C ASP B 407 23.87 -19.30 6.28
N ALA B 408 24.27 -19.27 7.56
CA ALA B 408 23.85 -20.31 8.49
C ALA B 408 22.33 -20.32 8.67
N ILE B 409 21.72 -19.14 8.79
CA ILE B 409 20.27 -19.06 8.88
C ILE B 409 19.59 -19.59 7.62
N LEU B 410 20.16 -19.31 6.44
CA LEU B 410 19.55 -19.79 5.20
C LEU B 410 19.69 -21.30 5.06
N ALA B 411 20.79 -21.87 5.58
CA ALA B 411 21.03 -23.30 5.48
C ALA B 411 20.07 -24.10 6.34
N ALA B 412 19.52 -23.50 7.40
CA ALA B 412 18.57 -24.22 8.26
C ALA B 412 17.24 -24.44 7.57
N SER B 413 16.87 -23.56 6.64
CA SER B 413 15.58 -23.71 6.01
C SER B 413 15.73 -24.19 4.57
N PRO B 414 14.80 -25.02 4.07
CA PRO B 414 14.83 -25.41 2.66
C PRO B 414 14.48 -24.28 1.70
N TYR B 415 14.01 -23.15 2.21
CA TYR B 415 13.67 -22.00 1.37
C TYR B 415 14.85 -21.07 1.14
N GLY B 416 16.01 -21.36 1.73
CA GLY B 416 17.22 -20.61 1.49
C GLY B 416 18.20 -21.26 0.54
N LYS B 417 17.81 -22.36 -0.13
CA LYS B 417 18.76 -23.08 -0.98
C LYS B 417 19.19 -22.25 -2.18
N ASN B 418 18.26 -21.53 -2.80
CA ASN B 418 18.57 -20.68 -3.93
C ASN B 418 19.09 -19.31 -3.52
N ALA B 419 19.20 -19.04 -2.22
CA ALA B 419 19.60 -17.73 -1.74
C ALA B 419 21.09 -17.51 -1.94
N THR B 420 21.44 -16.24 -2.20
CA THR B 420 22.82 -15.82 -2.19
C THR B 420 22.91 -14.48 -1.46
N VAL B 421 23.94 -14.34 -0.64
CA VAL B 421 24.18 -13.14 0.17
C VAL B 421 25.39 -12.41 -0.40
N TYR B 422 25.23 -11.11 -0.63
CA TYR B 422 26.27 -10.25 -1.16
C TYR B 422 26.54 -9.14 -0.16
N ILE B 423 27.81 -8.89 0.11
CA ILE B 423 28.22 -7.78 0.97
C ILE B 423 29.20 -6.92 0.20
N GLY B 424 29.17 -5.62 0.48
CA GLY B 424 29.98 -4.68 -0.26
C GLY B 424 29.47 -4.35 -1.65
N LYS B 425 28.32 -4.87 -2.03
CA LYS B 425 27.73 -4.61 -3.34
C LYS B 425 26.73 -3.47 -3.24
N ASP B 426 26.49 -2.82 -4.37
CA ASP B 426 25.60 -1.66 -4.41
C ASP B 426 24.37 -1.97 -5.26
N LEU B 427 23.53 -0.96 -5.45
CA LEU B 427 22.26 -1.16 -6.15
C LEU B 427 22.44 -1.37 -7.64
N TRP B 428 23.59 -1.02 -8.21
CA TRP B 428 23.85 -1.37 -9.61
C TRP B 428 24.12 -2.87 -9.75
N HIS B 429 24.89 -3.44 -8.81
CA HIS B 429 25.04 -4.88 -8.74
C HIS B 429 23.68 -5.55 -8.62
N LEU B 430 22.80 -5.01 -7.77
CA LEU B 430 21.49 -5.60 -7.60
C LEU B 430 20.63 -5.43 -8.84
N ARG B 431 20.81 -4.33 -9.58
CA ARG B 431 20.13 -4.17 -10.85
C ARG B 431 20.51 -5.30 -11.80
N SER B 432 21.82 -5.59 -11.90
CA SER B 432 22.25 -6.71 -12.72
C SER B 432 21.66 -8.02 -12.22
N LEU B 433 21.62 -8.22 -10.90
CA LEU B 433 21.11 -9.46 -10.34
C LEU B 433 19.63 -9.65 -10.66
N VAL B 434 18.83 -8.59 -10.51
CA VAL B 434 17.40 -8.70 -10.75
C VAL B 434 17.11 -8.77 -12.24
N PHE B 435 18.06 -8.40 -13.10
CA PHE B 435 17.89 -8.68 -14.52
C PHE B 435 18.20 -10.14 -14.85
N THR B 436 19.38 -10.64 -14.43
CA THR B 436 19.82 -11.95 -14.88
C THR B 436 19.12 -13.10 -14.16
N ASP B 437 18.82 -12.93 -12.88
CA ASP B 437 18.10 -13.93 -12.09
C ASP B 437 16.91 -13.21 -11.46
N LYS B 438 15.82 -13.12 -12.20
CA LYS B 438 14.73 -12.22 -11.83
C LYS B 438 14.01 -12.70 -10.57
N PRO B 439 13.96 -11.91 -9.52
CA PRO B 439 13.06 -12.21 -8.41
C PRO B 439 11.65 -11.69 -8.71
N ASP B 440 10.72 -12.07 -7.84
CA ASP B 440 9.36 -11.57 -7.97
C ASP B 440 9.23 -10.14 -7.49
N PHE B 441 10.01 -9.74 -6.47
CA PHE B 441 9.83 -8.44 -5.85
C PHE B 441 11.16 -7.98 -5.28
N MET B 442 11.24 -6.67 -5.04
CA MET B 442 12.34 -6.07 -4.30
C MET B 442 11.81 -5.51 -3.00
N ILE B 443 12.59 -5.66 -1.93
CA ILE B 443 12.33 -5.00 -0.66
C ILE B 443 13.53 -4.12 -0.34
N GLY B 444 13.30 -2.82 -0.23
CA GLY B 444 14.40 -1.91 0.02
C GLY B 444 13.91 -0.49 0.11
N ASN B 445 14.86 0.45 0.11
CA ASN B 445 14.56 1.85 0.31
C ASN B 445 14.15 2.49 -1.03
N SER B 446 13.97 3.81 -1.03
CA SER B 446 13.42 4.51 -2.19
C SER B 446 14.35 4.45 -3.38
N TYR B 447 15.66 4.30 -3.16
CA TYR B 447 16.59 4.22 -4.28
C TYR B 447 16.31 3.03 -5.18
N GLY B 448 15.56 2.05 -4.70
CA GLY B 448 15.18 0.92 -5.53
C GLY B 448 14.24 1.27 -6.65
N LYS B 449 13.55 2.42 -6.56
CA LYS B 449 12.56 2.77 -7.58
C LYS B 449 13.18 2.82 -8.96
N PHE B 450 14.40 3.39 -9.07
CA PHE B 450 15.06 3.47 -10.36
C PHE B 450 15.32 2.08 -10.92
N ILE B 451 15.67 1.11 -10.06
CA ILE B 451 15.81 -0.26 -10.52
C ILE B 451 14.50 -0.75 -11.12
N GLN B 452 13.38 -0.51 -10.41
CA GLN B 452 12.09 -0.87 -10.97
C GLN B 452 11.84 -0.16 -12.29
N ARG B 453 12.35 1.07 -12.43
CA ARG B 453 12.29 1.75 -13.71
C ARG B 453 13.01 0.93 -14.77
N ASP B 454 14.25 0.56 -14.51
CA ASP B 454 15.08 -0.09 -15.52
C ASP B 454 14.46 -1.40 -15.97
N THR B 455 14.02 -2.23 -15.02
CA THR B 455 13.38 -3.49 -15.38
C THR B 455 12.15 -3.24 -16.25
N LEU B 456 11.34 -2.25 -15.90
CA LEU B 456 10.16 -1.97 -16.71
C LEU B 456 10.55 -1.58 -18.13
N HIS B 457 11.71 -0.94 -18.29
CA HIS B 457 12.17 -0.58 -19.63
C HIS B 457 12.43 -1.81 -20.48
N LYS B 458 12.91 -2.90 -19.88
CA LYS B 458 13.09 -4.13 -20.65
C LYS B 458 11.76 -4.70 -21.09
N GLY B 459 10.75 -4.59 -20.25
CA GLY B 459 9.42 -5.06 -20.56
C GLY B 459 8.61 -5.25 -19.31
N LYS B 460 7.30 -5.21 -19.47
CA LYS B 460 6.41 -5.39 -18.33
C LYS B 460 6.61 -6.76 -17.69
N GLU B 461 6.85 -7.79 -18.51
CA GLU B 461 7.08 -9.13 -17.99
C GLU B 461 8.41 -9.26 -17.26
N PHE B 462 9.31 -8.29 -17.39
CA PHE B 462 10.57 -8.29 -16.67
C PHE B 462 10.59 -7.31 -15.51
N GLU B 463 9.51 -6.57 -15.28
CA GLU B 463 9.49 -5.55 -14.25
C GLU B 463 9.52 -6.18 -12.86
N VAL B 464 10.39 -5.67 -12.00
CA VAL B 464 10.46 -6.13 -10.61
C VAL B 464 9.96 -5.01 -9.71
N PRO B 465 8.75 -5.12 -9.17
CA PRO B 465 8.22 -4.04 -8.33
C PRO B 465 8.99 -3.91 -7.03
N LEU B 466 9.07 -2.68 -6.52
CA LEU B 466 9.77 -2.38 -5.29
C LEU B 466 8.78 -2.33 -4.14
N ILE B 467 9.15 -2.96 -3.02
CA ILE B 467 8.41 -2.85 -1.77
C ILE B 467 9.27 -2.03 -0.82
N ARG B 468 8.73 -0.90 -0.37
CA ARG B 468 9.52 0.10 0.36
C ARG B 468 9.54 -0.26 1.84
N ILE B 469 10.61 -0.92 2.27
CA ILE B 469 10.87 -1.16 3.69
C ILE B 469 12.33 -0.83 3.94
N GLY B 470 12.58 0.10 4.86
CA GLY B 470 13.94 0.47 5.18
C GLY B 470 14.17 1.96 5.27
N PHE B 471 15.39 2.39 4.94
CA PHE B 471 15.79 3.79 5.07
C PHE B 471 16.79 4.11 3.98
N PRO B 472 16.67 5.26 3.33
CA PRO B 472 15.62 6.27 3.50
C PRO B 472 14.42 6.02 2.60
N ILE B 473 13.25 6.50 2.99
CA ILE B 473 12.05 6.43 2.15
C ILE B 473 11.64 7.86 1.85
N PHE B 474 11.90 8.33 0.64
CA PHE B 474 11.70 9.71 0.25
C PHE B 474 10.45 9.94 -0.60
N ASP B 475 10.05 8.94 -1.40
CA ASP B 475 8.95 9.11 -2.34
C ASP B 475 7.62 8.62 -1.79
N ARG B 476 7.54 8.33 -0.50
CA ARG B 476 6.30 8.01 0.17
C ARG B 476 6.24 8.81 1.47
N HIS B 477 5.03 9.08 1.94
CA HIS B 477 4.82 9.93 3.10
C HIS B 477 4.50 9.08 4.33
N HIS B 478 5.17 9.41 5.44
CA HIS B 478 4.83 8.91 6.77
C HIS B 478 5.07 7.41 6.94
N LEU B 479 5.84 6.80 6.05
CA LEU B 479 6.20 5.39 6.25
C LEU B 479 7.13 5.20 7.43
N HIS B 480 7.82 6.27 7.87
CA HIS B 480 8.68 6.21 9.04
C HIS B 480 7.90 5.94 10.32
N ARG B 481 6.57 6.09 10.31
CA ARG B 481 5.74 5.77 11.45
C ARG B 481 5.48 4.27 11.59
N SER B 482 5.92 3.46 10.63
CA SER B 482 5.61 2.04 10.63
C SER B 482 6.46 1.31 11.67
N THR B 483 6.18 0.01 11.81
CA THR B 483 6.87 -0.87 12.74
C THR B 483 7.41 -2.08 11.99
N THR B 484 8.60 -2.53 12.38
CA THR B 484 9.18 -3.74 11.82
C THR B 484 9.61 -4.77 12.85
N LEU B 485 9.76 -4.39 14.12
CA LEU B 485 10.15 -5.33 15.17
C LEU B 485 8.93 -5.92 15.87
N GLY B 486 9.15 -7.04 16.54
CA GLY B 486 8.12 -7.66 17.34
C GLY B 486 7.03 -8.28 16.48
N TYR B 487 6.02 -8.82 17.18
CA TYR B 487 4.88 -9.38 16.48
C TYR B 487 4.16 -8.32 15.65
N GLU B 488 4.01 -7.12 16.21
CA GLU B 488 3.33 -6.05 15.48
C GLU B 488 4.06 -5.69 14.19
N GLY B 489 5.38 -5.55 14.27
CA GLY B 489 6.16 -5.27 13.09
C GLY B 489 6.11 -6.40 12.08
N ALA B 490 6.12 -7.65 12.57
CA ALA B 490 6.00 -8.79 11.67
C ALA B 490 4.65 -8.79 10.96
N MET B 491 3.58 -8.44 11.68
CA MET B 491 2.27 -8.35 11.05
C MET B 491 2.24 -7.26 9.99
N GLN B 492 2.87 -6.12 10.27
CA GLN B 492 2.93 -5.04 9.28
C GLN B 492 3.70 -5.48 8.04
N ILE B 493 4.84 -6.14 8.23
CA ILE B 493 5.65 -6.60 7.10
C ILE B 493 4.90 -7.65 6.29
N LEU B 494 4.27 -8.59 6.97
CA LEU B 494 3.49 -9.64 6.29
C LEU B 494 2.37 -9.02 5.46
N THR B 495 1.64 -8.08 6.04
CA THR B 495 0.55 -7.43 5.32
C THR B 495 1.09 -6.71 4.09
N THR B 496 2.18 -5.95 4.25
CA THR B 496 2.79 -5.26 3.12
C THR B 496 3.17 -6.24 2.03
N LEU B 497 3.82 -7.33 2.38
CA LEU B 497 4.31 -8.28 1.39
C LEU B 497 3.17 -8.96 0.65
N VAL B 498 2.20 -9.50 1.38
CA VAL B 498 1.13 -10.24 0.74
C VAL B 498 0.28 -9.30 -0.12
N ASN B 499 0.05 -8.06 0.35
CA ASN B 499 -0.74 -7.14 -0.44
C ASN B 499 0.02 -6.57 -1.62
N SER B 500 1.36 -6.50 -1.54
CA SER B 500 2.15 -6.17 -2.73
C SER B 500 2.04 -7.27 -3.77
N ILE B 501 2.14 -8.53 -3.34
CA ILE B 501 1.97 -9.65 -4.26
C ILE B 501 0.59 -9.58 -4.92
N LEU B 502 -0.45 -9.33 -4.12
CA LEU B 502 -1.80 -9.30 -4.65
C LEU B 502 -2.02 -8.11 -5.57
N GLU B 503 -1.41 -6.96 -5.26
CA GLU B 503 -1.52 -5.79 -6.13
C GLU B 503 -0.85 -6.05 -7.48
N ARG B 504 0.34 -6.68 -7.45
CA ARG B 504 1.01 -7.04 -8.70
C ARG B 504 0.17 -8.02 -9.52
N LEU B 505 -0.40 -9.03 -8.87
CA LEU B 505 -1.23 -10.00 -9.60
C LEU B 505 -2.48 -9.33 -10.17
N ASP B 506 -3.09 -8.41 -9.41
CA ASP B 506 -4.24 -7.67 -9.90
C ASP B 506 -3.88 -6.85 -11.12
N GLU B 507 -2.72 -6.18 -11.09
CA GLU B 507 -2.28 -5.43 -12.25
C GLU B 507 -2.07 -6.35 -13.45
N GLU B 508 -1.45 -7.51 -13.22
CA GLU B 508 -1.16 -8.43 -14.31
C GLU B 508 -2.42 -9.04 -14.90
N THR B 509 -3.49 -9.14 -14.13
CA THR B 509 -4.74 -9.75 -14.60
C THR B 509 -5.84 -8.72 -14.82
N ARG B 510 -5.48 -7.46 -15.07
CA ARG B 510 -6.48 -6.42 -15.28
C ARG B 510 -6.85 -6.23 -16.76
N GLY B 511 -6.09 -6.80 -17.68
CA GLY B 511 -6.41 -6.67 -19.10
C GLY B 511 -7.62 -7.47 -19.50
N MET B 512 -8.70 -6.79 -19.88
CA MET B 512 -9.94 -7.48 -20.17
C MET B 512 -9.82 -8.33 -21.44
N GLN B 513 -10.41 -9.52 -21.38
CA GLN B 513 -10.45 -10.53 -22.44
C GLN B 513 -9.07 -11.10 -22.78
N ALA B 514 -8.03 -10.72 -22.04
CA ALA B 514 -6.70 -11.28 -22.24
C ALA B 514 -6.17 -11.97 -21.00
N THR B 515 -6.28 -11.33 -19.84
CA THR B 515 -5.77 -11.90 -18.60
C THR B 515 -6.76 -11.77 -17.45
N ASP B 516 -7.90 -11.12 -17.64
CA ASP B 516 -8.82 -10.86 -16.55
C ASP B 516 -9.66 -12.07 -16.16
N TYR B 517 -9.44 -13.23 -16.79
CA TYR B 517 -10.07 -14.45 -16.30
C TYR B 517 -9.61 -14.78 -14.89
N ASN B 518 -8.40 -14.34 -14.52
CA ASN B 518 -7.87 -14.51 -13.18
C ASN B 518 -7.95 -13.24 -12.35
N HIS B 519 -8.83 -12.31 -12.72
CA HIS B 519 -9.05 -11.10 -11.92
C HIS B 519 -10.06 -11.41 -10.82
N ASP B 520 -9.63 -12.28 -9.91
CA ASP B 520 -10.52 -12.81 -8.89
C ASP B 520 -10.93 -11.72 -7.90
N LEU B 521 -12.22 -11.71 -7.55
CA LEU B 521 -12.66 -10.85 -6.45
C LEU B 521 -12.05 -11.29 -5.13
N VAL B 522 -11.98 -12.60 -4.89
CA VAL B 522 -11.53 -13.16 -3.62
C VAL B 522 -10.14 -13.73 -3.80
N ARG B 523 -9.22 -13.34 -2.92
CA ARG B 523 -7.88 -13.89 -2.92
C ARG B 523 -7.44 -14.27 -1.50
N MET C 4 -6.05 -47.41 11.45
CA MET C 4 -6.78 -47.59 12.70
C MET C 4 -7.99 -48.50 12.48
N SER C 5 -8.29 -49.31 13.50
CA SER C 5 -9.25 -50.39 13.34
C SER C 5 -10.67 -49.85 13.12
N ARG C 6 -11.52 -50.71 12.54
CA ARG C 6 -12.92 -50.35 12.32
C ARG C 6 -13.64 -50.12 13.64
N GLU C 7 -13.35 -50.95 14.65
CA GLU C 7 -14.01 -50.79 15.95
C GLU C 7 -13.62 -49.47 16.61
N GLU C 8 -12.37 -49.04 16.43
CA GLU C 8 -11.98 -47.73 16.95
C GLU C 8 -12.79 -46.61 16.30
N VAL C 9 -13.02 -46.70 14.99
CA VAL C 9 -13.82 -45.70 14.31
C VAL C 9 -15.27 -45.76 14.76
N GLU C 10 -15.79 -46.97 15.00
CA GLU C 10 -17.16 -47.12 15.47
C GLU C 10 -17.35 -46.48 16.84
N SER C 11 -16.41 -46.73 17.76
CA SER C 11 -16.43 -46.09 19.07
C SER C 11 -16.26 -44.59 18.95
N LEU C 12 -15.43 -44.13 18.02
CA LEU C 12 -15.31 -42.71 17.72
C LEU C 12 -16.67 -42.11 17.37
N ILE C 13 -17.38 -42.76 16.46
CA ILE C 13 -18.68 -42.25 16.01
C ILE C 13 -19.65 -42.18 17.17
N GLN C 14 -19.70 -43.24 17.98
CA GLN C 14 -20.60 -43.25 19.13
C GLN C 14 -20.25 -42.16 20.14
N GLU C 15 -18.96 -42.00 20.42
CA GLU C 15 -18.52 -40.98 21.39
C GLU C 15 -18.89 -39.59 20.92
N VAL C 16 -18.67 -39.30 19.62
CA VAL C 16 -19.03 -37.99 19.09
C VAL C 16 -20.54 -37.79 19.17
N LEU C 17 -21.31 -38.84 18.85
CA LEU C 17 -22.76 -38.72 18.87
C LEU C 17 -23.33 -38.54 20.28
N GLU C 18 -22.58 -38.94 21.30
CA GLU C 18 -23.12 -38.95 22.66
C GLU C 18 -23.66 -37.58 23.10
N VAL C 19 -23.01 -36.49 22.69
CA VAL C 19 -23.40 -35.17 23.19
C VAL C 19 -24.68 -34.64 22.57
N TYR C 20 -25.22 -35.31 21.56
CA TYR C 20 -26.41 -34.84 20.87
C TYR C 20 -27.66 -35.17 21.67
N PRO C 21 -28.73 -34.39 21.50
CA PRO C 21 -30.04 -34.84 21.94
C PRO C 21 -30.44 -36.11 21.20
N GLU C 22 -31.37 -36.86 21.79
CA GLU C 22 -31.66 -38.21 21.31
C GLU C 22 -32.11 -38.20 19.85
N LYS C 23 -33.02 -37.29 19.50
CA LYS C 23 -33.51 -37.24 18.13
C LYS C 23 -32.37 -36.90 17.16
N ALA C 24 -31.58 -35.89 17.50
CA ALA C 24 -30.44 -35.54 16.65
C ALA C 24 -29.42 -36.67 16.61
N ARG C 25 -29.22 -37.35 17.73
CA ARG C 25 -28.27 -38.46 17.77
C ARG C 25 -28.70 -39.59 16.84
N LYS C 26 -29.97 -39.98 16.90
CA LYS C 26 -30.44 -41.07 16.05
C LYS C 26 -30.48 -40.66 14.59
N ASP C 27 -30.77 -39.40 14.29
CA ASP C 27 -30.71 -38.94 12.90
C ASP C 27 -29.28 -38.98 12.38
N ARG C 28 -28.35 -38.38 13.12
CA ARG C 28 -26.97 -38.28 12.65
C ARG C 28 -26.25 -39.62 12.68
N ASN C 29 -26.74 -40.60 13.44
CA ASN C 29 -26.14 -41.92 13.41
C ASN C 29 -26.25 -42.55 12.02
N LYS C 30 -27.32 -42.22 11.29
CA LYS C 30 -27.51 -42.79 9.96
C LYS C 30 -26.57 -42.16 8.93
N HIS C 31 -25.93 -41.04 9.25
CA HIS C 31 -25.10 -40.31 8.31
C HIS C 31 -23.62 -40.52 8.54
N LEU C 32 -23.24 -41.42 9.45
CA LEU C 32 -21.85 -41.71 9.74
C LEU C 32 -21.62 -43.21 9.55
N ALA C 33 -20.52 -43.57 8.89
CA ALA C 33 -20.29 -44.97 8.60
C ALA C 33 -18.78 -45.25 8.53
N VAL C 34 -18.44 -46.52 8.67
CA VAL C 34 -17.09 -47.00 8.49
C VAL C 34 -17.04 -47.72 7.14
N ASN C 35 -16.14 -47.27 6.28
CA ASN C 35 -16.15 -47.73 4.89
C ASN C 35 -15.76 -49.20 4.78
N ASP C 36 -16.50 -49.92 3.94
CA ASP C 36 -16.11 -51.27 3.51
C ASP C 36 -16.10 -51.27 1.99
N PRO C 37 -14.93 -51.31 1.35
CA PRO C 37 -14.88 -51.26 -0.11
C PRO C 37 -15.50 -52.47 -0.79
N ALA C 38 -15.69 -53.58 -0.08
CA ALA C 38 -16.31 -54.74 -0.69
C ALA C 38 -17.80 -54.51 -0.97
N VAL C 39 -18.48 -53.76 -0.10
CA VAL C 39 -19.90 -53.52 -0.25
C VAL C 39 -20.14 -52.57 -1.41
N THR C 40 -21.11 -52.90 -2.26
CA THR C 40 -21.45 -52.11 -3.44
C THR C 40 -22.79 -51.40 -3.31
N GLN C 41 -23.31 -51.27 -2.09
CA GLN C 41 -24.58 -50.61 -1.84
C GLN C 41 -24.42 -49.61 -0.72
N SER C 42 -25.22 -48.54 -0.77
CA SER C 42 -25.15 -47.47 0.22
C SER C 42 -26.32 -47.45 1.18
N LYS C 43 -27.52 -47.76 0.70
CA LYS C 43 -28.71 -47.73 1.57
C LYS C 43 -28.60 -48.69 2.75
N LYS C 44 -27.75 -49.70 2.66
CA LYS C 44 -27.49 -50.62 3.77
C LYS C 44 -26.32 -50.17 4.65
N CYS C 45 -25.65 -49.09 4.29
CA CYS C 45 -24.50 -48.63 5.07
C CYS C 45 -24.60 -47.17 5.49
N ILE C 46 -25.16 -46.30 4.66
CA ILE C 46 -25.24 -44.87 4.94
C ILE C 46 -26.53 -44.31 4.37
N ILE C 47 -26.93 -43.16 4.90
CA ILE C 47 -28.08 -42.42 4.41
C ILE C 47 -27.59 -41.05 3.95
N SER C 48 -28.21 -40.52 2.90
CA SER C 48 -27.78 -39.25 2.33
C SER C 48 -28.97 -38.53 1.74
N ASN C 49 -28.72 -37.34 1.21
CA ASN C 49 -29.74 -36.51 0.58
C ASN C 49 -30.89 -36.22 1.54
N LYS C 50 -30.56 -36.07 2.82
CA LYS C 50 -31.55 -35.85 3.86
C LYS C 50 -31.37 -34.48 4.47
N LYS C 51 -32.45 -33.99 5.08
CA LYS C 51 -32.45 -32.66 5.70
C LYS C 51 -31.37 -32.58 6.78
N SER C 52 -30.73 -31.42 6.86
CA SER C 52 -29.77 -31.17 7.93
C SER C 52 -30.51 -30.97 9.24
N GLN C 53 -29.87 -31.38 10.32
CA GLN C 53 -30.44 -31.18 11.65
C GLN C 53 -30.38 -29.70 11.99
N PRO C 54 -31.47 -29.09 12.45
CA PRO C 54 -31.45 -27.65 12.76
C PRO C 54 -30.45 -27.32 13.86
N GLY C 55 -29.77 -26.20 13.70
CA GLY C 55 -28.90 -25.68 14.73
C GLY C 55 -27.58 -26.40 14.90
N LEU C 56 -27.23 -27.30 13.99
CA LEU C 56 -26.02 -28.09 14.12
C LEU C 56 -24.87 -27.56 13.27
N MET C 57 -25.00 -26.36 12.70
CA MET C 57 -23.99 -25.74 11.84
C MET C 57 -23.66 -26.63 10.64
N THR C 58 -24.68 -26.86 9.82
CA THR C 58 -24.46 -27.56 8.56
C THR C 58 -23.71 -26.68 7.58
N ILE C 59 -22.85 -27.32 6.78
CA ILE C 59 -22.05 -26.63 5.78
C ILE C 59 -22.78 -26.46 4.45
N ARG C 60 -23.93 -27.10 4.29
CA ARG C 60 -24.65 -27.09 3.02
C ARG C 60 -25.21 -25.70 2.71
N GLY C 61 -25.35 -25.43 1.42
CA GLY C 61 -25.98 -24.23 0.90
C GLY C 61 -27.42 -24.45 0.55
N CYS C 62 -27.92 -23.66 -0.40
CA CYS C 62 -29.31 -23.68 -0.81
C CYS C 62 -29.42 -24.05 -2.28
N ALA C 63 -30.67 -24.17 -2.75
CA ALA C 63 -30.92 -24.47 -4.15
C ALA C 63 -30.45 -23.33 -5.06
N TYR C 64 -30.56 -22.08 -4.61
CA TYR C 64 -30.08 -20.96 -5.40
C TYR C 64 -28.58 -21.06 -5.62
N ALA C 65 -27.83 -21.42 -4.57
CA ALA C 65 -26.40 -21.61 -4.72
C ALA C 65 -26.08 -22.73 -5.71
N GLY C 66 -26.83 -23.82 -5.65
CA GLY C 66 -26.60 -24.93 -6.55
C GLY C 66 -27.09 -24.69 -7.97
N SER C 67 -27.90 -23.65 -8.18
CA SER C 67 -28.41 -23.33 -9.51
C SER C 67 -27.79 -22.07 -10.07
N LYS C 68 -27.90 -20.94 -9.36
CA LYS C 68 -27.25 -19.71 -9.81
C LYS C 68 -25.74 -19.82 -9.68
N GLY C 69 -25.26 -20.14 -8.48
CA GLY C 69 -23.83 -20.15 -8.25
C GLY C 69 -23.11 -21.26 -8.98
N VAL C 70 -23.81 -22.35 -9.30
CA VAL C 70 -23.14 -23.54 -9.80
C VAL C 70 -23.34 -23.72 -11.31
N VAL C 71 -24.58 -23.90 -11.75
CA VAL C 71 -24.83 -24.34 -13.12
C VAL C 71 -24.99 -23.15 -14.05
N TRP C 72 -25.95 -22.28 -13.75
CA TRP C 72 -26.29 -21.20 -14.68
C TRP C 72 -25.24 -20.08 -14.67
N GLY C 73 -24.73 -19.74 -13.49
CA GLY C 73 -23.83 -18.63 -13.33
C GLY C 73 -22.64 -18.59 -14.27
N PRO C 74 -21.93 -19.72 -14.44
CA PRO C 74 -20.75 -19.70 -15.30
C PRO C 74 -21.04 -19.35 -16.75
N ILE C 75 -22.26 -19.55 -17.24
CA ILE C 75 -22.59 -19.28 -18.63
C ILE C 75 -22.40 -17.79 -18.90
N LYS C 76 -21.39 -17.46 -19.71
CA LYS C 76 -20.86 -16.11 -19.71
C LYS C 76 -21.74 -15.13 -20.49
N ASP C 77 -22.12 -15.48 -21.72
CA ASP C 77 -22.83 -14.48 -22.54
C ASP C 77 -24.27 -14.28 -22.12
N MET C 78 -24.71 -14.93 -21.06
CA MET C 78 -26.03 -14.72 -20.49
C MET C 78 -25.96 -13.76 -19.31
N ILE C 79 -27.08 -13.10 -19.06
CA ILE C 79 -27.24 -12.23 -17.90
C ILE C 79 -28.13 -12.95 -16.90
N HIS C 80 -27.58 -13.24 -15.72
CA HIS C 80 -28.30 -13.98 -14.68
C HIS C 80 -28.76 -12.99 -13.62
N ILE C 81 -30.06 -12.80 -13.52
CA ILE C 81 -30.67 -11.91 -12.54
C ILE C 81 -30.95 -12.70 -11.27
N SER C 82 -30.34 -12.28 -10.16
CA SER C 82 -30.70 -12.81 -8.85
C SER C 82 -31.99 -12.12 -8.44
N HIS C 83 -33.12 -12.79 -8.64
CA HIS C 83 -34.43 -12.17 -8.45
C HIS C 83 -34.83 -12.24 -6.99
N GLY C 84 -34.91 -11.08 -6.33
CA GLY C 84 -35.22 -11.01 -4.93
C GLY C 84 -34.37 -9.97 -4.23
N PRO C 85 -34.23 -10.10 -2.90
CA PRO C 85 -33.44 -9.13 -2.15
C PRO C 85 -31.97 -9.19 -2.49
N VAL C 86 -31.26 -8.11 -2.13
CA VAL C 86 -29.89 -7.88 -2.57
C VAL C 86 -28.90 -8.92 -2.05
N GLY C 87 -29.23 -9.57 -0.93
CA GLY C 87 -28.28 -10.41 -0.22
C GLY C 87 -27.65 -11.55 -1.01
N CYS C 88 -28.47 -12.44 -1.56
CA CYS C 88 -27.93 -13.65 -2.17
C CYS C 88 -27.06 -13.33 -3.38
N GLY C 89 -27.52 -12.43 -4.23
CA GLY C 89 -26.71 -12.01 -5.36
C GLY C 89 -25.41 -11.35 -4.90
N GLN C 90 -25.46 -10.55 -3.84
CA GLN C 90 -24.23 -9.92 -3.36
C GLN C 90 -23.25 -10.95 -2.82
N TYR C 91 -23.75 -11.94 -2.06
CA TYR C 91 -22.85 -12.93 -1.46
C TYR C 91 -22.30 -13.89 -2.48
N SER C 92 -23.06 -14.17 -3.55
CA SER C 92 -22.62 -15.10 -4.57
C SER C 92 -21.90 -14.41 -5.73
N ARG C 93 -21.76 -13.08 -5.70
CA ARG C 93 -21.11 -12.37 -6.79
C ARG C 93 -19.61 -12.70 -6.79
N ALA C 94 -19.16 -13.37 -7.85
CA ALA C 94 -17.75 -13.69 -8.04
C ALA C 94 -17.16 -14.49 -6.87
N GLY C 95 -18.01 -15.27 -6.20
CA GLY C 95 -17.52 -16.12 -5.13
C GLY C 95 -16.92 -17.42 -5.61
N ARG C 96 -17.33 -17.88 -6.79
CA ARG C 96 -16.90 -19.16 -7.36
C ARG C 96 -16.11 -18.89 -8.63
N ARG C 97 -14.94 -19.51 -8.74
CA ARG C 97 -13.98 -19.16 -9.78
C ARG C 97 -14.23 -19.93 -11.08
N ASN C 98 -15.45 -19.82 -11.59
CA ASN C 98 -15.81 -20.43 -12.86
C ASN C 98 -15.29 -19.54 -13.98
N TYR C 99 -14.07 -19.83 -14.45
CA TYR C 99 -13.33 -18.95 -15.32
C TYR C 99 -13.92 -18.92 -16.72
N TYR C 100 -13.73 -17.78 -17.39
CA TYR C 100 -14.30 -17.56 -18.72
C TYR C 100 -13.47 -16.52 -19.45
N ILE C 101 -13.67 -16.46 -20.77
CA ILE C 101 -13.08 -15.44 -21.62
C ILE C 101 -14.19 -14.54 -22.13
N GLY C 102 -14.04 -13.24 -21.94
CA GLY C 102 -15.04 -12.30 -22.39
C GLY C 102 -14.69 -10.89 -21.99
N THR C 103 -15.56 -9.97 -22.42
CA THR C 103 -15.44 -8.55 -22.08
C THR C 103 -16.55 -8.25 -21.10
N THR C 104 -16.19 -8.17 -19.81
CA THR C 104 -17.19 -8.05 -18.76
C THR C 104 -17.97 -6.75 -18.87
N GLY C 105 -19.29 -6.85 -18.73
CA GLY C 105 -20.17 -5.71 -18.92
C GLY C 105 -20.52 -5.42 -20.37
N VAL C 106 -19.89 -6.11 -21.33
CA VAL C 106 -20.15 -5.87 -22.74
C VAL C 106 -20.74 -7.12 -23.37
N ASN C 107 -19.97 -8.21 -23.38
CA ASN C 107 -20.43 -9.47 -23.95
C ASN C 107 -20.38 -10.64 -22.98
N ALA C 108 -19.88 -10.46 -21.77
CA ALA C 108 -19.82 -11.48 -20.75
C ALA C 108 -20.13 -10.86 -19.39
N PHE C 109 -20.86 -11.59 -18.54
CA PHE C 109 -21.40 -10.98 -17.33
C PHE C 109 -21.32 -11.91 -16.12
N VAL C 110 -20.31 -12.79 -16.08
CA VAL C 110 -20.25 -13.81 -15.03
C VAL C 110 -20.05 -13.17 -13.66
N THR C 111 -19.10 -12.25 -13.54
CA THR C 111 -18.71 -11.69 -12.26
C THR C 111 -19.50 -10.45 -11.88
N MET C 112 -20.64 -10.21 -12.51
CA MET C 112 -21.49 -9.08 -12.21
C MET C 112 -22.71 -9.54 -11.44
N ASN C 113 -23.21 -8.67 -10.54
CA ASN C 113 -24.39 -8.97 -9.75
C ASN C 113 -25.56 -8.20 -10.34
N PHE C 114 -26.38 -8.90 -11.13
CA PHE C 114 -27.64 -8.36 -11.60
C PHE C 114 -28.73 -8.81 -10.63
N THR C 115 -29.47 -7.85 -10.09
CA THR C 115 -30.47 -8.19 -9.09
C THR C 115 -31.62 -7.19 -9.18
N SER C 116 -32.81 -7.65 -8.80
CA SER C 116 -33.96 -6.77 -8.72
C SER C 116 -33.99 -5.97 -7.41
N ASP C 117 -33.11 -6.27 -6.47
CA ASP C 117 -32.95 -5.51 -5.23
C ASP C 117 -34.31 -5.29 -4.54
N PHE C 118 -34.92 -6.40 -4.13
CA PHE C 118 -36.27 -6.37 -3.61
C PHE C 118 -36.37 -5.46 -2.38
N GLN C 119 -37.39 -4.61 -2.38
CA GLN C 119 -37.70 -3.75 -1.26
C GLN C 119 -39.00 -4.22 -0.61
N GLU C 120 -39.48 -3.46 0.37
CA GLU C 120 -40.72 -3.82 1.06
C GLU C 120 -41.89 -3.89 0.08
N LYS C 121 -41.98 -2.89 -0.81
CA LYS C 121 -43.10 -2.85 -1.75
C LYS C 121 -43.05 -4.01 -2.73
N ASP C 122 -41.84 -4.46 -3.11
CA ASP C 122 -41.73 -5.62 -3.98
C ASP C 122 -42.23 -6.88 -3.29
N ILE C 123 -41.93 -7.03 -1.99
CA ILE C 123 -42.44 -8.17 -1.24
C ILE C 123 -43.95 -8.11 -1.12
N VAL C 124 -44.50 -6.92 -0.84
CA VAL C 124 -45.93 -6.80 -0.59
C VAL C 124 -46.73 -6.98 -1.88
N PHE C 125 -46.31 -6.30 -2.95
CA PHE C 125 -47.08 -6.27 -4.20
C PHE C 125 -46.58 -7.24 -5.26
N GLY C 126 -45.38 -7.79 -5.11
CA GLY C 126 -44.84 -8.66 -6.13
C GLY C 126 -43.79 -7.95 -6.98
N GLY C 127 -43.01 -8.75 -7.70
CA GLY C 127 -41.92 -8.21 -8.49
C GLY C 127 -41.97 -8.50 -9.97
N ASP C 128 -43.12 -8.98 -10.46
CA ASP C 128 -43.24 -9.31 -11.88
C ASP C 128 -43.13 -8.08 -12.76
N LYS C 129 -43.82 -6.99 -12.40
CA LYS C 129 -43.66 -5.74 -13.12
C LYS C 129 -42.23 -5.22 -13.00
N LYS C 130 -41.65 -5.31 -11.80
CA LYS C 130 -40.25 -4.96 -11.63
C LYS C 130 -39.36 -5.83 -12.49
N LEU C 131 -39.67 -7.12 -12.61
CA LEU C 131 -38.87 -8.00 -13.43
C LEU C 131 -38.94 -7.61 -14.90
N ALA C 132 -40.14 -7.25 -15.39
CA ALA C 132 -40.28 -6.84 -16.78
C ALA C 132 -39.49 -5.56 -17.05
N LYS C 133 -39.62 -4.57 -16.16
CA LYS C 133 -38.87 -3.32 -16.34
C LYS C 133 -37.37 -3.57 -16.25
N LEU C 134 -36.96 -4.47 -15.35
CA LEU C 134 -35.54 -4.81 -15.23
C LEU C 134 -35.03 -5.46 -16.51
N ILE C 135 -35.83 -6.33 -17.13
CA ILE C 135 -35.42 -6.96 -18.37
C ILE C 135 -35.28 -5.91 -19.47
N ASP C 136 -36.22 -4.97 -19.54
CA ASP C 136 -36.12 -3.90 -20.52
C ASP C 136 -34.86 -3.06 -20.31
N GLU C 137 -34.55 -2.74 -19.06
CA GLU C 137 -33.34 -1.98 -18.76
C GLU C 137 -32.09 -2.79 -19.07
N VAL C 138 -32.14 -4.11 -18.87
CA VAL C 138 -31.02 -4.98 -19.20
C VAL C 138 -30.75 -4.93 -20.70
N GLU C 139 -31.81 -5.03 -21.50
CA GLU C 139 -31.63 -4.97 -22.95
C GLU C 139 -31.14 -3.61 -23.40
N THR C 140 -31.65 -2.54 -22.78
CA THR C 140 -31.18 -1.20 -23.14
C THR C 140 -29.71 -1.01 -22.81
N LEU C 141 -29.28 -1.49 -21.63
CA LEU C 141 -27.95 -1.20 -21.13
C LEU C 141 -26.91 -2.26 -21.46
N PHE C 142 -27.34 -3.48 -21.82
CA PHE C 142 -26.43 -4.56 -22.18
C PHE C 142 -26.94 -5.23 -23.44
N PRO C 143 -26.83 -4.54 -24.58
CA PRO C 143 -27.46 -5.06 -25.82
C PRO C 143 -26.81 -6.31 -26.39
N LEU C 144 -25.58 -6.62 -25.98
CA LEU C 144 -24.87 -7.78 -26.53
C LEU C 144 -25.09 -9.05 -25.73
N ASN C 145 -25.94 -9.04 -24.71
CA ASN C 145 -26.24 -10.26 -23.99
C ASN C 145 -27.00 -11.23 -24.89
N LYS C 146 -26.70 -12.52 -24.77
CA LYS C 146 -27.27 -13.53 -25.64
C LYS C 146 -28.33 -14.37 -24.93
N GLY C 147 -29.02 -13.79 -23.98
CA GLY C 147 -30.02 -14.49 -23.21
C GLY C 147 -30.01 -14.05 -21.76
N ILE C 148 -31.14 -14.28 -21.09
CA ILE C 148 -31.33 -13.89 -19.70
C ILE C 148 -31.82 -15.08 -18.93
N SER C 149 -31.25 -15.31 -17.75
CA SER C 149 -31.79 -16.26 -16.79
C SER C 149 -32.23 -15.53 -15.54
N VAL C 150 -33.29 -16.01 -14.91
CA VAL C 150 -33.86 -15.39 -13.72
C VAL C 150 -33.80 -16.44 -12.61
N GLN C 151 -32.86 -16.27 -11.69
CA GLN C 151 -32.65 -17.21 -10.59
C GLN C 151 -33.47 -16.76 -9.39
N SER C 152 -34.50 -17.54 -9.05
CA SER C 152 -35.41 -17.17 -7.97
C SER C 152 -34.72 -17.31 -6.61
N GLU C 153 -34.94 -16.32 -5.75
CA GLU C 153 -34.55 -16.39 -4.36
C GLU C 153 -35.78 -16.67 -3.51
N CYS C 154 -35.57 -17.04 -2.25
CA CYS C 154 -36.63 -17.50 -1.35
C CYS C 154 -37.95 -16.74 -1.45
N PRO C 155 -37.99 -15.40 -1.33
CA PRO C 155 -39.29 -14.72 -1.39
C PRO C 155 -40.01 -14.88 -2.70
N ILE C 156 -39.30 -15.16 -3.81
CA ILE C 156 -39.95 -15.28 -5.10
C ILE C 156 -40.94 -16.44 -5.08
N GLY C 157 -40.50 -17.59 -4.58
CA GLY C 157 -41.40 -18.71 -4.41
C GLY C 157 -42.29 -18.58 -3.21
N LEU C 158 -41.93 -17.68 -2.27
CA LEU C 158 -42.78 -17.52 -1.10
C LEU C 158 -43.95 -16.57 -1.35
N ILE C 159 -43.77 -15.53 -2.17
CA ILE C 159 -44.82 -14.54 -2.39
C ILE C 159 -45.68 -14.85 -3.60
N GLY C 160 -45.49 -16.00 -4.23
CA GLY C 160 -46.28 -16.34 -5.41
C GLY C 160 -45.99 -15.51 -6.63
N ASP C 161 -44.73 -15.18 -6.88
CA ASP C 161 -44.36 -14.50 -8.12
C ASP C 161 -44.45 -15.47 -9.29
N ASP C 162 -44.89 -14.96 -10.44
CA ASP C 162 -45.00 -15.76 -11.66
C ASP C 162 -43.91 -15.26 -12.61
N ILE C 163 -42.71 -15.82 -12.46
CA ILE C 163 -41.60 -15.44 -13.31
C ILE C 163 -41.58 -16.21 -14.62
N GLU C 164 -42.26 -17.36 -14.69
CA GLU C 164 -42.37 -18.08 -15.96
C GLU C 164 -43.15 -17.26 -16.98
N SER C 165 -44.26 -16.66 -16.56
CA SER C 165 -45.05 -15.84 -17.48
C SER C 165 -44.26 -14.63 -17.96
N VAL C 166 -43.57 -13.95 -17.04
CA VAL C 166 -42.76 -12.80 -17.42
C VAL C 166 -41.68 -13.22 -18.39
N SER C 167 -41.00 -14.34 -18.11
CA SER C 167 -39.95 -14.83 -19.00
C SER C 167 -40.51 -15.11 -20.38
N LYS C 168 -41.64 -15.82 -20.46
CA LYS C 168 -42.22 -16.16 -21.76
C LYS C 168 -42.63 -14.91 -22.54
N VAL C 169 -43.32 -13.98 -21.87
CA VAL C 169 -43.84 -12.80 -22.56
C VAL C 169 -42.70 -11.93 -23.04
N LYS C 170 -41.73 -11.64 -22.17
CA LYS C 170 -40.61 -10.79 -22.58
C LYS C 170 -39.72 -11.50 -23.59
N GLY C 171 -39.65 -12.83 -23.56
CA GLY C 171 -38.92 -13.54 -24.59
C GLY C 171 -39.59 -13.43 -25.95
N ALA C 172 -40.90 -13.58 -25.99
CA ALA C 172 -41.63 -13.41 -27.24
C ALA C 172 -41.50 -11.99 -27.76
N GLU C 173 -41.58 -11.00 -26.86
CA GLU C 173 -41.52 -9.60 -27.28
C GLU C 173 -40.12 -9.19 -27.72
N LEU C 174 -39.10 -9.70 -27.05
CA LEU C 174 -37.72 -9.31 -27.29
C LEU C 174 -36.99 -10.26 -28.23
N SER C 175 -37.62 -11.36 -28.63
CA SER C 175 -36.98 -12.40 -29.45
C SER C 175 -35.70 -12.88 -28.79
N LYS C 176 -35.76 -13.14 -27.48
CA LYS C 176 -34.61 -13.55 -26.70
C LYS C 176 -35.01 -14.65 -25.73
N THR C 177 -34.08 -15.56 -25.47
CA THR C 177 -34.35 -16.65 -24.55
C THR C 177 -34.24 -16.16 -23.12
N ILE C 178 -35.33 -16.26 -22.36
CA ILE C 178 -35.37 -15.88 -20.96
C ILE C 178 -35.80 -17.11 -20.17
N VAL C 179 -34.92 -17.57 -19.28
CA VAL C 179 -35.07 -18.85 -18.60
C VAL C 179 -35.45 -18.58 -17.15
N PRO C 180 -36.68 -18.89 -16.73
CA PRO C 180 -37.03 -18.79 -15.30
C PRO C 180 -36.58 -20.03 -14.56
N VAL C 181 -35.80 -19.85 -13.49
CA VAL C 181 -35.26 -20.95 -12.71
C VAL C 181 -35.79 -20.83 -11.29
N ARG C 182 -36.72 -21.72 -10.93
CA ARG C 182 -37.34 -21.74 -9.60
C ARG C 182 -36.39 -22.44 -8.62
N CYS C 183 -35.31 -21.75 -8.29
CA CYS C 183 -34.26 -22.26 -7.43
C CYS C 183 -34.27 -21.60 -6.06
N GLU C 184 -35.46 -21.33 -5.54
CA GLU C 184 -35.58 -20.71 -4.22
C GLU C 184 -34.87 -21.56 -3.17
N GLY C 185 -34.18 -20.89 -2.25
CA GLY C 185 -33.29 -21.56 -1.33
C GLY C 185 -33.94 -22.54 -0.38
N PHE C 186 -35.26 -22.42 -0.15
CA PHE C 186 -35.92 -23.35 0.75
C PHE C 186 -36.24 -24.69 0.11
N ARG C 187 -36.28 -24.76 -1.23
CA ARG C 187 -36.56 -26.03 -1.89
C ARG C 187 -35.41 -27.01 -1.70
N GLY C 188 -35.74 -28.27 -1.46
CA GLY C 188 -34.70 -29.25 -1.27
C GLY C 188 -34.05 -29.12 0.09
N VAL C 189 -32.85 -29.69 0.19
CA VAL C 189 -32.13 -29.74 1.46
C VAL C 189 -30.74 -29.13 1.32
N SER C 190 -30.34 -28.83 0.10
CA SER C 190 -28.97 -28.43 -0.17
C SER C 190 -28.88 -27.86 -1.59
N GLN C 191 -27.65 -27.69 -2.07
CA GLN C 191 -27.39 -27.25 -3.43
C GLN C 191 -27.80 -28.27 -4.48
N SER C 192 -27.94 -29.54 -4.11
CA SER C 192 -28.15 -30.60 -5.11
C SER C 192 -29.47 -30.42 -5.85
N LEU C 193 -30.55 -30.09 -5.13
CA LEU C 193 -31.80 -29.82 -5.84
C LEU C 193 -31.65 -28.61 -6.74
N GLY C 194 -30.77 -27.67 -6.38
CA GLY C 194 -30.43 -26.62 -7.31
C GLY C 194 -29.85 -27.15 -8.60
N HIS C 195 -28.94 -28.13 -8.49
CA HIS C 195 -28.42 -28.80 -9.69
C HIS C 195 -29.56 -29.33 -10.54
N HIS C 196 -30.50 -30.06 -9.92
CA HIS C 196 -31.57 -30.69 -10.69
C HIS C 196 -32.49 -29.65 -11.33
N ILE C 197 -32.87 -28.61 -10.58
CA ILE C 197 -33.78 -27.60 -11.12
C ILE C 197 -33.11 -26.81 -12.24
N ALA C 198 -31.83 -26.48 -12.08
CA ALA C 198 -31.10 -25.80 -13.15
C ALA C 198 -30.99 -26.70 -14.39
N ASN C 199 -30.77 -28.00 -14.17
CA ASN C 199 -30.72 -28.94 -15.29
C ASN C 199 -32.04 -28.96 -16.04
N ASP C 200 -33.16 -29.00 -15.31
CA ASP C 200 -34.46 -28.98 -15.96
C ASP C 200 -34.68 -27.68 -16.70
N ALA C 201 -34.20 -26.57 -16.14
CA ALA C 201 -34.32 -25.28 -16.82
C ALA C 201 -33.55 -25.29 -18.15
N VAL C 202 -32.32 -25.81 -18.13
CA VAL C 202 -31.55 -25.93 -19.37
C VAL C 202 -32.29 -26.80 -20.38
N ARG C 203 -32.80 -27.94 -19.91
CA ARG C 203 -33.50 -28.86 -20.81
C ARG C 203 -34.73 -28.23 -21.42
N ASP C 204 -35.49 -27.47 -20.63
CA ASP C 204 -36.81 -27.01 -21.05
C ASP C 204 -36.77 -25.68 -21.80
N TRP C 205 -35.77 -24.84 -21.58
CA TRP C 205 -35.80 -23.50 -22.16
C TRP C 205 -34.70 -23.24 -23.18
N VAL C 206 -33.61 -24.01 -23.16
CA VAL C 206 -32.45 -23.73 -24.00
C VAL C 206 -32.11 -24.90 -24.91
N LEU C 207 -32.15 -26.13 -24.39
CA LEU C 207 -31.53 -27.26 -25.07
C LEU C 207 -32.19 -27.54 -26.42
N GLY C 208 -33.52 -27.47 -26.48
CA GLY C 208 -34.22 -27.87 -27.69
C GLY C 208 -34.51 -26.75 -28.67
N LYS C 209 -33.57 -25.81 -28.82
CA LYS C 209 -33.77 -24.71 -29.75
C LYS C 209 -33.05 -24.92 -31.08
N ARG C 210 -32.11 -25.85 -31.16
CA ARG C 210 -31.48 -26.23 -32.41
C ARG C 210 -31.82 -27.66 -32.79
N ASP C 211 -32.95 -28.17 -32.30
CA ASP C 211 -33.36 -29.53 -32.59
C ASP C 211 -33.58 -29.73 -34.09
N GLU C 212 -34.19 -28.74 -34.74
CA GLU C 212 -34.45 -28.78 -36.18
C GLU C 212 -33.36 -28.08 -36.98
N ASP C 213 -32.28 -27.65 -36.34
CA ASP C 213 -31.18 -26.95 -36.98
C ASP C 213 -30.12 -27.97 -37.39
N THR C 214 -29.97 -28.19 -38.69
CA THR C 214 -28.97 -29.10 -39.22
C THR C 214 -27.79 -28.37 -39.85
N THR C 215 -27.69 -27.05 -39.66
CA THR C 215 -26.63 -26.27 -40.28
C THR C 215 -25.28 -26.50 -39.62
N PHE C 216 -25.23 -27.12 -38.44
CA PHE C 216 -23.97 -27.33 -37.75
C PHE C 216 -23.28 -28.57 -38.32
N ALA C 217 -22.06 -28.40 -38.80
CA ALA C 217 -21.30 -29.49 -39.39
C ALA C 217 -20.82 -30.43 -38.27
N SER C 218 -21.42 -31.62 -38.21
CA SER C 218 -21.12 -32.60 -37.17
C SER C 218 -20.14 -33.64 -37.69
N THR C 219 -19.30 -34.12 -36.80
CA THR C 219 -18.29 -35.13 -37.08
C THR C 219 -18.46 -36.29 -36.11
N PRO C 220 -18.02 -37.49 -36.49
CA PRO C 220 -18.05 -38.61 -35.55
C PRO C 220 -17.08 -38.47 -34.37
N TYR C 221 -16.29 -37.38 -34.32
CA TYR C 221 -15.40 -37.12 -33.20
C TYR C 221 -15.92 -36.01 -32.29
N ASP C 222 -17.24 -35.86 -32.19
CA ASP C 222 -17.83 -34.78 -31.42
C ASP C 222 -18.15 -35.25 -30.01
N VAL C 223 -17.62 -34.52 -29.02
CA VAL C 223 -17.89 -34.77 -27.61
C VAL C 223 -18.31 -33.46 -26.97
N ALA C 224 -19.03 -33.58 -25.87
CA ALA C 224 -19.41 -32.42 -25.06
C ALA C 224 -19.00 -32.68 -23.62
N ILE C 225 -18.25 -31.75 -23.04
CA ILE C 225 -17.90 -31.83 -21.62
C ILE C 225 -19.13 -31.40 -20.82
N ILE C 226 -19.57 -32.25 -19.90
CA ILE C 226 -20.79 -32.06 -19.14
C ILE C 226 -20.45 -32.07 -17.66
N GLY C 227 -20.87 -31.05 -16.94
CA GLY C 227 -20.58 -30.96 -15.52
C GLY C 227 -19.17 -30.55 -15.18
N ASP C 228 -18.52 -29.73 -16.02
CA ASP C 228 -17.25 -29.12 -15.68
C ASP C 228 -17.43 -27.62 -15.65
N TYR C 229 -17.03 -27.00 -14.55
CA TYR C 229 -17.31 -25.59 -14.31
C TYR C 229 -16.07 -24.72 -14.34
N ASN C 230 -14.97 -25.23 -14.89
CA ASN C 230 -13.81 -24.43 -15.22
C ASN C 230 -13.23 -23.72 -14.01
N ILE C 231 -13.32 -24.35 -12.84
CA ILE C 231 -12.85 -23.74 -11.61
C ILE C 231 -11.35 -23.51 -11.70
N GLY C 232 -10.95 -22.24 -11.75
CA GLY C 232 -9.56 -21.91 -11.99
C GLY C 232 -9.03 -22.38 -13.33
N GLY C 233 -9.92 -22.67 -14.28
CA GLY C 233 -9.52 -23.20 -15.56
C GLY C 233 -9.52 -24.71 -15.70
N ASP C 234 -10.28 -25.43 -14.86
CA ASP C 234 -10.28 -26.89 -14.91
C ASP C 234 -10.81 -27.41 -16.24
N ALA C 235 -11.90 -26.82 -16.73
CA ALA C 235 -12.49 -27.28 -17.98
C ALA C 235 -11.53 -27.09 -19.14
N TRP C 236 -10.76 -26.01 -19.13
CA TRP C 236 -9.79 -25.78 -20.21
C TRP C 236 -8.69 -26.83 -20.18
N SER C 237 -8.21 -27.17 -18.99
CA SER C 237 -7.18 -28.19 -18.85
C SER C 237 -7.70 -29.58 -19.22
N SER C 238 -9.01 -29.81 -19.15
CA SER C 238 -9.55 -31.07 -19.65
C SER C 238 -9.77 -31.04 -21.16
N ARG C 239 -10.27 -29.92 -21.68
CA ARG C 239 -10.54 -29.78 -23.10
C ARG C 239 -9.27 -29.87 -23.93
N ILE C 240 -8.16 -29.34 -23.40
CA ILE C 240 -6.90 -29.46 -24.12
C ILE C 240 -6.55 -30.91 -24.39
N LEU C 241 -6.72 -31.78 -23.39
CA LEU C 241 -6.42 -33.19 -23.58
C LEU C 241 -7.44 -33.85 -24.48
N LEU C 242 -8.70 -33.44 -24.38
CA LEU C 242 -9.72 -34.00 -25.25
C LEU C 242 -9.41 -33.72 -26.72
N GLU C 243 -8.99 -32.49 -27.03
CA GLU C 243 -8.73 -32.12 -28.42
C GLU C 243 -7.39 -32.65 -28.90
N GLU C 244 -6.38 -32.74 -28.03
CA GLU C 244 -5.13 -33.38 -28.44
C GLU C 244 -5.31 -34.84 -28.82
N MET C 245 -6.30 -35.52 -28.23
CA MET C 245 -6.65 -36.89 -28.58
C MET C 245 -7.39 -36.97 -29.91
N GLY C 246 -7.62 -35.84 -30.57
CA GLY C 246 -8.27 -35.82 -31.86
C GLY C 246 -9.76 -35.52 -31.84
N LEU C 247 -10.37 -35.47 -30.66
CA LEU C 247 -11.80 -35.21 -30.58
C LEU C 247 -12.08 -33.72 -30.70
N ARG C 248 -13.32 -33.41 -31.06
CA ARG C 248 -13.79 -32.03 -31.10
C ARG C 248 -14.75 -31.82 -29.94
N CYS C 249 -14.38 -30.91 -29.03
CA CYS C 249 -15.25 -30.55 -27.92
C CYS C 249 -16.17 -29.42 -28.36
N VAL C 250 -17.43 -29.74 -28.59
CA VAL C 250 -18.38 -28.78 -29.14
C VAL C 250 -18.92 -27.86 -28.05
N ALA C 251 -19.12 -28.36 -26.84
CA ALA C 251 -19.74 -27.58 -25.78
C ALA C 251 -19.02 -27.81 -24.46
N GLN C 252 -19.09 -26.81 -23.59
CA GLN C 252 -18.65 -26.91 -22.21
C GLN C 252 -19.81 -26.57 -21.30
N TRP C 253 -20.03 -27.38 -20.29
CA TRP C 253 -21.17 -27.26 -19.38
C TRP C 253 -20.66 -27.21 -17.95
N SER C 254 -20.59 -26.00 -17.38
CA SER C 254 -20.97 -24.76 -18.03
C SER C 254 -19.90 -23.70 -17.82
N GLY C 255 -18.75 -24.13 -17.30
CA GLY C 255 -17.61 -23.23 -17.15
C GLY C 255 -17.11 -22.73 -18.48
N ASP C 256 -16.95 -21.41 -18.60
CA ASP C 256 -16.63 -20.77 -19.88
C ASP C 256 -17.65 -21.16 -20.95
N GLY C 257 -18.86 -21.47 -20.52
CA GLY C 257 -19.86 -22.00 -21.42
C GLY C 257 -20.73 -20.93 -22.05
N SER C 258 -20.80 -20.94 -23.38
CA SER C 258 -21.72 -20.07 -24.07
C SER C 258 -23.06 -20.78 -24.25
N ILE C 259 -24.12 -19.97 -24.41
CA ILE C 259 -25.44 -20.55 -24.60
C ILE C 259 -25.52 -21.30 -25.93
N SER C 260 -24.84 -20.79 -26.96
CA SER C 260 -24.80 -21.48 -28.24
C SER C 260 -24.17 -22.86 -28.12
N GLU C 261 -23.15 -23.00 -27.26
CA GLU C 261 -22.58 -24.31 -27.00
C GLU C 261 -23.62 -25.27 -26.45
N ILE C 262 -24.44 -24.79 -25.50
CA ILE C 262 -25.51 -25.61 -24.95
C ILE C 262 -26.48 -26.02 -26.03
N GLU C 263 -26.85 -25.08 -26.91
CA GLU C 263 -27.79 -25.41 -27.98
C GLU C 263 -27.18 -26.38 -28.98
N LEU C 264 -25.85 -26.41 -29.10
CA LEU C 264 -25.16 -27.33 -30.00
C LEU C 264 -24.89 -28.70 -29.39
N THR C 265 -25.09 -28.85 -28.09
CA THR C 265 -24.76 -30.12 -27.42
C THR C 265 -25.51 -31.33 -28.00
N PRO C 266 -26.81 -31.26 -28.34
CA PRO C 266 -27.47 -32.45 -28.89
C PRO C 266 -26.88 -33.00 -30.18
N LYS C 267 -25.89 -32.30 -30.76
CA LYS C 267 -25.28 -32.75 -32.00
C LYS C 267 -24.00 -33.57 -31.79
N VAL C 268 -23.55 -33.73 -30.55
CA VAL C 268 -22.28 -34.41 -30.29
C VAL C 268 -22.47 -35.92 -30.32
N LYS C 269 -21.36 -36.65 -30.39
CA LYS C 269 -21.39 -38.11 -30.40
C LYS C 269 -21.22 -38.70 -29.01
N LEU C 270 -20.50 -38.04 -28.12
CA LEU C 270 -20.28 -38.58 -26.77
C LEU C 270 -20.32 -37.46 -25.74
N ASN C 271 -21.09 -37.68 -24.68
CA ASN C 271 -21.13 -36.75 -23.55
C ASN C 271 -20.16 -37.26 -22.49
N LEU C 272 -19.18 -36.43 -22.15
CA LEU C 272 -18.20 -36.76 -21.13
C LEU C 272 -18.63 -36.06 -19.84
N VAL C 273 -19.32 -36.81 -18.97
CA VAL C 273 -19.88 -36.25 -17.75
C VAL C 273 -18.81 -36.33 -16.67
N HIS C 274 -18.29 -35.18 -16.27
CA HIS C 274 -17.32 -35.16 -15.18
C HIS C 274 -18.02 -35.18 -13.83
N CYS C 275 -18.81 -34.15 -13.53
CA CYS C 275 -19.54 -34.10 -12.28
C CYS C 275 -20.88 -34.80 -12.49
N TYR C 276 -20.91 -36.09 -12.14
CA TYR C 276 -22.16 -36.85 -12.23
C TYR C 276 -23.25 -36.20 -11.40
N ARG C 277 -22.89 -35.68 -10.22
CA ARG C 277 -23.88 -35.17 -9.28
C ARG C 277 -24.73 -34.06 -9.89
N SER C 278 -24.11 -33.12 -10.60
CA SER C 278 -24.83 -31.92 -11.01
C SER C 278 -25.47 -32.03 -12.38
N MET C 279 -24.91 -32.84 -13.31
CA MET C 279 -25.44 -32.89 -14.67
C MET C 279 -25.71 -34.31 -15.17
N ASN C 280 -25.77 -35.30 -14.26
CA ASN C 280 -26.22 -36.62 -14.68
C ASN C 280 -27.67 -36.59 -15.17
N TYR C 281 -28.47 -35.67 -14.64
CA TYR C 281 -29.85 -35.54 -15.10
C TYR C 281 -29.92 -35.14 -16.56
N ILE C 282 -29.19 -34.10 -16.93
CA ILE C 282 -29.19 -33.65 -18.32
C ILE C 282 -28.54 -34.68 -19.21
N SER C 283 -27.52 -35.40 -18.71
CA SER C 283 -26.92 -36.47 -19.50
C SER C 283 -27.93 -37.58 -19.78
N ARG C 284 -28.71 -37.97 -18.77
CA ARG C 284 -29.72 -39.00 -18.96
C ARG C 284 -30.80 -38.54 -19.93
N HIS C 285 -31.25 -37.28 -19.81
CA HIS C 285 -32.26 -36.78 -20.73
C HIS C 285 -31.72 -36.74 -22.17
N MET C 286 -30.47 -36.33 -22.34
CA MET C 286 -29.87 -36.30 -23.67
C MET C 286 -29.76 -37.71 -24.25
N GLU C 287 -29.41 -38.68 -23.42
CA GLU C 287 -29.36 -40.07 -23.88
C GLU C 287 -30.73 -40.56 -24.28
N GLU C 288 -31.77 -40.16 -23.54
CA GLU C 288 -33.12 -40.62 -23.85
C GLU C 288 -33.65 -40.00 -25.13
N LYS C 289 -33.74 -38.66 -25.16
CA LYS C 289 -34.41 -37.98 -26.27
C LYS C 289 -33.56 -37.93 -27.53
N TYR C 290 -32.25 -37.75 -27.39
CA TYR C 290 -31.39 -37.56 -28.55
C TYR C 290 -30.53 -38.77 -28.88
N GLY C 291 -30.48 -39.77 -28.00
CA GLY C 291 -29.73 -40.98 -28.28
C GLY C 291 -28.24 -40.91 -28.02
N ILE C 292 -27.73 -39.80 -27.50
CA ILE C 292 -26.31 -39.65 -27.25
C ILE C 292 -25.91 -40.42 -26.00
N PRO C 293 -24.97 -41.36 -26.07
CA PRO C 293 -24.51 -42.04 -24.86
C PRO C 293 -23.54 -41.18 -24.08
N TRP C 294 -23.58 -41.30 -22.76
CA TRP C 294 -22.69 -40.56 -21.88
C TRP C 294 -21.92 -41.54 -21.01
N MET C 295 -20.74 -41.12 -20.58
CA MET C 295 -19.95 -41.90 -19.63
C MET C 295 -19.33 -40.96 -18.61
N GLU C 296 -19.19 -41.47 -17.39
CA GLU C 296 -18.50 -40.73 -16.34
C GLU C 296 -17.00 -40.81 -16.56
N TYR C 297 -16.31 -39.70 -16.29
CA TYR C 297 -14.88 -39.65 -16.51
C TYR C 297 -14.21 -38.85 -15.39
N ASN C 298 -12.90 -39.05 -15.26
CA ASN C 298 -12.12 -38.56 -14.12
C ASN C 298 -10.78 -38.07 -14.63
N PHE C 299 -10.50 -36.78 -14.45
CA PHE C 299 -9.23 -36.18 -14.85
C PHE C 299 -8.43 -35.67 -13.66
N PHE C 300 -8.69 -36.20 -12.47
CA PHE C 300 -7.93 -35.83 -11.28
C PHE C 300 -6.75 -36.79 -11.12
N GLY C 301 -5.54 -36.28 -11.34
CA GLY C 301 -4.35 -37.06 -11.14
C GLY C 301 -3.98 -37.89 -12.35
N PRO C 302 -2.71 -38.29 -12.45
CA PRO C 302 -2.23 -38.92 -13.69
C PRO C 302 -2.81 -40.30 -13.96
N THR C 303 -2.88 -41.17 -12.95
CA THR C 303 -3.43 -42.50 -13.16
C THR C 303 -4.88 -42.42 -13.62
N LYS C 304 -5.69 -41.60 -12.93
CA LYS C 304 -7.09 -41.49 -13.28
C LYS C 304 -7.28 -40.83 -14.64
N THR C 305 -6.48 -39.82 -14.98
CA THR C 305 -6.69 -39.19 -16.28
C THR C 305 -6.24 -40.11 -17.40
N ILE C 306 -5.18 -40.91 -17.20
CA ILE C 306 -4.77 -41.87 -18.20
C ILE C 306 -5.85 -42.93 -18.41
N GLU C 307 -6.40 -43.44 -17.31
CA GLU C 307 -7.46 -44.44 -17.41
C GLU C 307 -8.70 -43.88 -18.10
N SER C 308 -9.07 -42.65 -17.77
CA SER C 308 -10.26 -42.04 -18.37
C SER C 308 -10.02 -41.68 -19.83
N LEU C 309 -8.81 -41.21 -20.17
CA LEU C 309 -8.49 -40.94 -21.56
C LEU C 309 -8.58 -42.21 -22.39
N ARG C 310 -8.02 -43.30 -21.88
CA ARG C 310 -8.10 -44.58 -22.61
C ARG C 310 -9.54 -45.03 -22.74
N ALA C 311 -10.34 -44.86 -21.68
CA ALA C 311 -11.75 -45.25 -21.76
C ALA C 311 -12.50 -44.43 -22.80
N ILE C 312 -12.24 -43.12 -22.86
CA ILE C 312 -12.92 -42.26 -23.83
C ILE C 312 -12.50 -42.64 -25.25
N ALA C 313 -11.20 -42.89 -25.46
CA ALA C 313 -10.72 -43.28 -26.78
C ALA C 313 -11.26 -44.64 -27.19
N ALA C 314 -11.58 -45.51 -26.23
CA ALA C 314 -12.14 -46.81 -26.56
C ALA C 314 -13.55 -46.72 -27.15
N LYS C 315 -14.22 -45.57 -27.01
CA LYS C 315 -15.55 -45.38 -27.56
C LYS C 315 -15.53 -44.84 -28.98
N PHE C 316 -14.34 -44.66 -29.57
CA PHE C 316 -14.22 -44.20 -30.95
C PHE C 316 -13.33 -45.15 -31.73
N ASP C 317 -12.95 -44.76 -32.95
CA ASP C 317 -12.23 -45.66 -33.84
C ASP C 317 -10.75 -45.73 -33.44
N GLU C 318 -9.94 -46.36 -34.29
CA GLU C 318 -8.55 -46.65 -33.95
C GLU C 318 -7.67 -45.41 -34.03
N SER C 319 -8.03 -44.44 -34.87
CA SER C 319 -7.26 -43.20 -34.91
C SER C 319 -7.30 -42.49 -33.57
N ILE C 320 -8.47 -42.48 -32.92
CA ILE C 320 -8.59 -41.85 -31.61
C ILE C 320 -7.77 -42.62 -30.58
N GLN C 321 -7.77 -43.95 -30.66
CA GLN C 321 -6.97 -44.74 -29.72
C GLN C 321 -5.48 -44.46 -29.88
N LYS C 322 -5.01 -44.37 -31.13
CA LYS C 322 -3.61 -44.04 -31.36
C LYS C 322 -3.28 -42.64 -30.86
N LYS C 323 -4.18 -41.68 -31.08
CA LYS C 323 -3.96 -40.33 -30.58
C LYS C 323 -3.93 -40.31 -29.06
N CYS C 324 -4.77 -41.12 -28.42
CA CYS C 324 -4.77 -41.22 -26.96
C CYS C 324 -3.45 -41.77 -26.46
N GLU C 325 -2.93 -42.81 -27.12
CA GLU C 325 -1.63 -43.36 -26.73
C GLU C 325 -0.53 -42.32 -26.90
N GLU C 326 -0.57 -41.55 -27.99
CA GLU C 326 0.44 -40.50 -28.20
C GLU C 326 0.34 -39.42 -27.12
N VAL C 327 -0.87 -39.02 -26.76
CA VAL C 327 -1.06 -38.04 -25.69
C VAL C 327 -0.52 -38.57 -24.37
N ILE C 328 -0.84 -39.82 -24.04
CA ILE C 328 -0.36 -40.40 -22.80
C ILE C 328 1.16 -40.47 -22.80
N ALA C 329 1.76 -40.82 -23.94
CA ALA C 329 3.21 -40.88 -24.03
C ALA C 329 3.83 -39.51 -23.84
N LYS C 330 3.25 -38.48 -24.43
CA LYS C 330 3.85 -37.15 -24.31
C LYS C 330 3.64 -36.56 -22.92
N TYR C 331 2.58 -36.95 -22.22
CA TYR C 331 2.32 -36.42 -20.89
C TYR C 331 2.91 -37.27 -19.77
N LYS C 332 3.34 -38.49 -20.07
CA LYS C 332 3.95 -39.34 -19.05
C LYS C 332 5.17 -38.69 -18.38
N PRO C 333 6.14 -38.13 -19.11
CA PRO C 333 7.28 -37.51 -18.42
C PRO C 333 6.88 -36.36 -17.51
N GLU C 334 5.85 -35.59 -17.87
CA GLU C 334 5.46 -34.45 -17.05
C GLU C 334 4.99 -34.89 -15.67
N TRP C 335 4.02 -35.81 -15.63
CA TRP C 335 3.51 -36.22 -14.32
C TRP C 335 4.49 -37.14 -13.61
N GLU C 336 5.34 -37.85 -14.35
CA GLU C 336 6.39 -38.62 -13.68
C GLU C 336 7.38 -37.70 -12.98
N ALA C 337 7.78 -36.59 -13.61
CA ALA C 337 8.67 -35.64 -12.95
C ALA C 337 7.97 -34.96 -11.78
N VAL C 338 6.68 -34.65 -11.93
CA VAL C 338 5.93 -34.08 -10.81
C VAL C 338 5.92 -35.04 -9.63
N VAL C 339 5.65 -36.32 -9.90
CA VAL C 339 5.64 -37.33 -8.86
C VAL C 339 7.01 -37.46 -8.22
N ALA C 340 8.07 -37.49 -9.04
CA ALA C 340 9.41 -37.62 -8.49
C ALA C 340 9.76 -36.44 -7.60
N LYS C 341 9.28 -35.25 -7.93
CA LYS C 341 9.57 -34.08 -7.11
C LYS C 341 8.76 -34.03 -5.83
N TYR C 342 7.49 -34.45 -5.87
CA TYR C 342 6.59 -34.17 -4.75
C TYR C 342 6.16 -35.38 -3.94
N ARG C 343 6.34 -36.61 -4.44
CA ARG C 343 5.94 -37.78 -3.67
C ARG C 343 6.71 -37.95 -2.37
N PRO C 344 8.04 -37.81 -2.32
CA PRO C 344 8.73 -38.05 -1.05
C PRO C 344 8.28 -37.15 0.09
N ARG C 345 7.81 -35.94 -0.21
CA ARG C 345 7.36 -35.02 0.82
C ARG C 345 5.87 -35.16 1.13
N LEU C 346 5.14 -36.01 0.41
CA LEU C 346 3.74 -36.26 0.69
C LEU C 346 3.42 -37.73 0.88
N GLU C 347 4.41 -38.61 0.85
CA GLU C 347 4.15 -40.05 0.85
C GLU C 347 3.61 -40.49 2.21
N GLY C 348 2.52 -41.26 2.19
CA GLY C 348 1.94 -41.82 3.39
C GLY C 348 1.32 -40.84 4.35
N LYS C 349 0.68 -39.78 3.86
CA LYS C 349 0.11 -38.75 4.72
C LYS C 349 -1.40 -38.79 4.62
N ARG C 350 -2.06 -38.81 5.79
CA ARG C 350 -3.49 -39.05 5.84
C ARG C 350 -4.26 -37.76 5.61
N VAL C 351 -5.29 -37.85 4.76
CA VAL C 351 -6.11 -36.72 4.37
C VAL C 351 -7.53 -36.98 4.82
N MET C 352 -8.19 -35.95 5.33
CA MET C 352 -9.63 -35.95 5.49
C MET C 352 -10.20 -34.95 4.51
N LEU C 353 -11.25 -35.35 3.80
CA LEU C 353 -11.89 -34.50 2.81
C LEU C 353 -13.37 -34.34 3.15
N TYR C 354 -13.86 -33.12 2.99
CA TYR C 354 -15.30 -32.84 3.06
C TYR C 354 -15.60 -31.78 2.02
N ILE C 355 -15.99 -32.22 0.84
CA ILE C 355 -16.32 -31.33 -0.26
C ILE C 355 -17.76 -31.65 -0.64
N GLY C 356 -18.28 -30.99 -1.68
CA GLY C 356 -19.71 -31.04 -1.89
C GLY C 356 -20.34 -32.33 -2.37
N GLY C 357 -20.18 -32.68 -3.65
CA GLY C 357 -20.85 -33.87 -4.13
C GLY C 357 -20.16 -34.71 -5.18
N LEU C 358 -19.02 -34.27 -5.67
CA LEU C 358 -18.27 -35.11 -6.59
C LEU C 358 -16.81 -35.23 -6.19
N ARG C 359 -16.20 -34.15 -5.73
CA ARG C 359 -14.82 -34.08 -5.29
C ARG C 359 -14.53 -34.86 -4.01
N PRO C 360 -15.50 -35.15 -3.13
CA PRO C 360 -15.18 -36.10 -2.04
C PRO C 360 -14.59 -37.41 -2.53
N ARG C 361 -15.27 -38.10 -3.45
CA ARG C 361 -14.63 -39.13 -4.25
C ARG C 361 -13.91 -38.42 -5.40
N HIS C 362 -13.40 -39.17 -6.37
CA HIS C 362 -12.95 -38.60 -7.64
C HIS C 362 -11.68 -37.78 -7.52
N VAL C 363 -11.19 -37.54 -6.31
CA VAL C 363 -9.86 -36.97 -6.12
C VAL C 363 -8.98 -37.89 -5.29
N ILE C 364 -9.53 -39.00 -4.79
CA ILE C 364 -8.75 -39.96 -4.03
C ILE C 364 -7.58 -40.48 -4.86
N GLY C 365 -7.83 -40.77 -6.14
CA GLY C 365 -6.75 -41.20 -7.00
C GLY C 365 -5.65 -40.16 -7.12
N ALA C 366 -6.02 -38.89 -7.19
CA ALA C 366 -5.01 -37.82 -7.26
C ALA C 366 -4.15 -37.79 -6.00
N TYR C 367 -4.78 -38.00 -4.84
CA TYR C 367 -4.03 -38.05 -3.59
C TYR C 367 -3.11 -39.27 -3.54
N GLU C 368 -3.60 -40.43 -3.96
CA GLU C 368 -2.80 -41.65 -3.91
C GLU C 368 -1.71 -41.69 -4.95
N ASP C 369 -1.86 -40.95 -6.06
CA ASP C 369 -0.79 -40.88 -7.06
C ASP C 369 0.45 -40.20 -6.49
N LEU C 370 0.30 -39.45 -5.40
CA LEU C 370 1.43 -38.92 -4.66
C LEU C 370 1.75 -39.76 -3.42
N GLY C 371 1.16 -40.95 -3.32
CA GLY C 371 1.37 -41.83 -2.19
C GLY C 371 0.82 -41.30 -0.90
N MET C 372 -0.37 -40.68 -0.93
CA MET C 372 -0.86 -39.86 0.16
C MET C 372 -2.29 -40.32 0.46
N GLU C 373 -2.44 -41.12 1.51
CA GLU C 373 -3.69 -41.83 1.77
C GLU C 373 -4.79 -40.90 2.26
N VAL C 374 -6.03 -41.34 2.08
CA VAL C 374 -7.20 -40.64 2.57
C VAL C 374 -7.87 -41.53 3.62
N VAL C 375 -8.06 -40.99 4.82
CA VAL C 375 -8.63 -41.77 5.93
C VAL C 375 -10.09 -41.41 6.22
N GLY C 376 -10.54 -40.24 5.81
CA GLY C 376 -11.93 -39.89 5.98
C GLY C 376 -12.43 -39.05 4.82
N THR C 377 -13.70 -39.23 4.46
CA THR C 377 -14.31 -38.47 3.40
C THR C 377 -15.77 -38.23 3.75
N GLY C 378 -16.35 -37.23 3.09
CA GLY C 378 -17.73 -36.90 3.35
C GLY C 378 -18.30 -36.00 2.28
N TYR C 379 -19.62 -36.01 2.20
CA TYR C 379 -20.35 -35.26 1.20
C TYR C 379 -21.28 -34.26 1.87
N GLU C 380 -21.35 -33.06 1.29
CA GLU C 380 -22.32 -32.08 1.77
C GLU C 380 -23.73 -32.46 1.35
N PHE C 381 -23.91 -32.87 0.08
CA PHE C 381 -25.24 -32.98 -0.49
C PHE C 381 -25.39 -34.18 -1.43
N ALA C 382 -24.61 -35.23 -1.24
CA ALA C 382 -24.64 -36.31 -2.22
C ALA C 382 -25.86 -37.20 -2.03
N HIS C 383 -26.13 -37.99 -3.06
CA HIS C 383 -27.16 -39.01 -3.05
C HIS C 383 -26.51 -40.37 -2.81
N ASN C 384 -27.33 -41.41 -2.75
CA ASN C 384 -26.81 -42.74 -2.46
C ASN C 384 -25.97 -43.29 -3.60
N ASP C 385 -26.26 -42.90 -4.85
CA ASP C 385 -25.43 -43.33 -5.97
C ASP C 385 -24.01 -42.81 -5.82
N ASP C 386 -23.87 -41.58 -5.34
CA ASP C 386 -22.54 -41.05 -5.05
C ASP C 386 -21.80 -41.93 -4.05
N TYR C 387 -22.50 -42.42 -3.02
CA TYR C 387 -21.82 -43.28 -2.05
C TYR C 387 -21.51 -44.66 -2.63
N ASP C 388 -22.37 -45.22 -3.46
CA ASP C 388 -22.01 -46.47 -4.13
C ASP C 388 -20.75 -46.30 -4.96
N ARG C 389 -20.60 -45.14 -5.62
CA ARG C 389 -19.34 -44.88 -6.32
C ARG C 389 -18.20 -44.54 -5.37
N THR C 390 -18.52 -44.14 -4.14
CA THR C 390 -17.48 -43.74 -3.19
C THR C 390 -16.82 -44.94 -2.49
N MET C 391 -17.61 -45.97 -2.14
CA MET C 391 -17.05 -47.06 -1.35
C MET C 391 -15.97 -47.81 -2.11
N LYS C 392 -16.16 -48.02 -3.42
CA LYS C 392 -15.17 -48.74 -4.20
C LYS C 392 -13.82 -48.02 -4.26
N GLU C 393 -13.82 -46.69 -4.10
CA GLU C 393 -12.59 -45.92 -4.17
C GLU C 393 -11.98 -45.60 -2.82
N MET C 394 -12.79 -45.51 -1.76
CA MET C 394 -12.27 -45.29 -0.43
C MET C 394 -11.62 -46.56 0.11
N GLY C 395 -10.56 -46.36 0.89
CA GLY C 395 -9.86 -47.51 1.46
C GLY C 395 -10.69 -48.18 2.54
N ASP C 396 -10.23 -49.35 2.96
CA ASP C 396 -10.95 -50.13 3.95
C ASP C 396 -10.82 -49.50 5.33
N SER C 397 -11.92 -49.54 6.09
CA SER C 397 -11.97 -49.02 7.46
C SER C 397 -11.61 -47.54 7.50
N THR C 398 -12.22 -46.77 6.61
CA THR C 398 -12.12 -45.32 6.62
C THR C 398 -13.44 -44.72 7.06
N LEU C 399 -13.40 -43.45 7.46
CA LEU C 399 -14.59 -42.78 7.96
C LEU C 399 -15.35 -42.12 6.80
N LEU C 400 -16.67 -42.25 6.82
CA LEU C 400 -17.52 -41.61 5.83
C LEU C 400 -18.60 -40.82 6.54
N TYR C 401 -18.77 -39.55 6.16
CA TYR C 401 -19.72 -38.67 6.79
C TYR C 401 -20.56 -37.93 5.76
N ASP C 402 -21.87 -37.96 5.94
CA ASP C 402 -22.81 -37.23 5.11
C ASP C 402 -23.33 -36.03 5.88
N ASP C 403 -23.26 -34.85 5.27
CA ASP C 403 -23.78 -33.62 5.87
C ASP C 403 -23.19 -33.41 7.27
N VAL C 404 -21.86 -33.51 7.36
CA VAL C 404 -21.19 -33.48 8.65
C VAL C 404 -21.46 -32.15 9.34
N THR C 405 -21.63 -32.20 10.65
CA THR C 405 -21.82 -30.97 11.41
C THR C 405 -20.46 -30.39 11.79
N GLY C 406 -20.47 -29.10 12.12
CA GLY C 406 -19.24 -28.45 12.55
C GLY C 406 -18.62 -29.15 13.74
N TYR C 407 -19.44 -29.51 14.73
CA TYR C 407 -18.94 -30.25 15.89
C TYR C 407 -18.45 -31.63 15.48
N GLU C 408 -19.21 -32.33 14.62
CA GLU C 408 -18.80 -33.66 14.19
C GLU C 408 -17.45 -33.61 13.49
N PHE C 409 -17.30 -32.70 12.54
CA PHE C 409 -16.02 -32.54 11.84
C PHE C 409 -14.91 -32.20 12.82
N GLU C 410 -15.20 -31.30 13.76
CA GLU C 410 -14.21 -30.93 14.78
C GLU C 410 -13.73 -32.16 15.54
N GLU C 411 -14.67 -32.96 16.03
CA GLU C 411 -14.31 -34.14 16.84
C GLU C 411 -13.58 -35.18 16.00
N PHE C 412 -14.04 -35.41 14.77
CA PHE C 412 -13.39 -36.38 13.90
C PHE C 412 -11.95 -36.00 13.65
N VAL C 413 -11.70 -34.73 13.34
CA VAL C 413 -10.33 -34.27 13.11
C VAL C 413 -9.53 -34.33 14.39
N LYS C 414 -10.17 -34.04 15.54
CA LYS C 414 -9.46 -34.08 16.81
C LYS C 414 -8.94 -35.48 17.12
N ARG C 415 -9.75 -36.51 16.87
CA ARG C 415 -9.29 -37.85 17.20
C ARG C 415 -8.43 -38.46 16.10
N ILE C 416 -8.89 -38.40 14.85
CA ILE C 416 -8.14 -39.00 13.74
C ILE C 416 -6.81 -38.29 13.55
N LYS C 417 -6.78 -36.97 13.77
CA LYS C 417 -5.61 -36.14 13.59
C LYS C 417 -5.04 -36.27 12.18
N PRO C 418 -5.82 -35.91 11.15
CA PRO C 418 -5.32 -36.03 9.78
C PRO C 418 -4.15 -35.09 9.51
N ASP C 419 -3.28 -35.51 8.59
CA ASP C 419 -2.18 -34.64 8.19
C ASP C 419 -2.66 -33.43 7.41
N LEU C 420 -3.78 -33.56 6.71
CA LEU C 420 -4.30 -32.50 5.85
C LEU C 420 -5.81 -32.63 5.79
N ILE C 421 -6.46 -31.48 5.61
CA ILE C 421 -7.91 -31.42 5.46
C ILE C 421 -8.21 -30.71 4.14
N GLY C 422 -9.22 -31.20 3.43
CA GLY C 422 -9.72 -30.53 2.26
C GLY C 422 -11.21 -30.26 2.35
N SER C 423 -11.59 -28.99 2.43
CA SER C 423 -12.98 -28.60 2.64
C SER C 423 -13.14 -27.16 2.15
N GLY C 424 -14.26 -26.54 2.54
CA GLY C 424 -14.60 -25.21 2.10
C GLY C 424 -14.03 -24.10 2.96
N ILE C 425 -14.49 -22.87 2.68
CA ILE C 425 -13.97 -21.69 3.36
C ILE C 425 -14.50 -21.58 4.79
N LYS C 426 -15.61 -22.23 5.11
CA LYS C 426 -16.18 -22.15 6.46
C LYS C 426 -15.53 -23.13 7.42
N GLU C 427 -14.59 -23.96 6.95
CA GLU C 427 -13.82 -24.84 7.80
C GLU C 427 -12.34 -24.49 7.82
N LYS C 428 -11.89 -23.68 6.86
CA LYS C 428 -10.47 -23.45 6.66
C LYS C 428 -9.82 -22.86 7.90
N PHE C 429 -10.38 -21.76 8.41
CA PHE C 429 -9.74 -21.07 9.51
C PHE C 429 -9.92 -21.83 10.82
N ILE C 430 -11.04 -22.53 10.97
CA ILE C 430 -11.24 -23.40 12.13
C ILE C 430 -10.12 -24.41 12.23
N PHE C 431 -9.83 -25.11 11.12
CA PHE C 431 -8.82 -26.16 11.17
C PHE C 431 -7.40 -25.61 11.10
N GLN C 432 -7.20 -24.42 10.53
CA GLN C 432 -5.89 -23.80 10.59
C GLN C 432 -5.54 -23.40 12.01
N LYS C 433 -6.53 -22.96 12.79
CA LYS C 433 -6.26 -22.61 14.19
C LYS C 433 -5.86 -23.82 15.03
N MET C 434 -6.25 -25.02 14.63
CA MET C 434 -5.82 -26.23 15.34
C MET C 434 -4.46 -26.73 14.87
N GLY C 435 -3.84 -26.06 13.91
CA GLY C 435 -2.53 -26.45 13.43
C GLY C 435 -2.52 -27.52 12.37
N ILE C 436 -3.67 -27.86 11.79
CA ILE C 436 -3.76 -28.89 10.76
C ILE C 436 -3.78 -28.18 9.40
N PRO C 437 -2.82 -28.46 8.52
CA PRO C 437 -2.80 -27.78 7.22
C PRO C 437 -4.09 -28.02 6.45
N PHE C 438 -4.57 -26.96 5.81
CA PHE C 438 -5.87 -26.95 5.16
C PHE C 438 -5.72 -26.54 3.70
N ARG C 439 -6.39 -27.27 2.83
CA ARG C 439 -6.48 -26.93 1.42
C ARG C 439 -7.95 -26.74 1.07
N GLU C 440 -8.31 -25.56 0.57
CA GLU C 440 -9.65 -25.37 0.05
C GLU C 440 -9.80 -26.22 -1.21
N MET C 441 -10.72 -27.18 -1.17
CA MET C 441 -10.99 -28.04 -2.31
C MET C 441 -12.26 -27.65 -3.07
N HIS C 442 -12.81 -26.47 -2.79
CA HIS C 442 -13.82 -25.88 -3.66
C HIS C 442 -13.19 -24.93 -4.67
N SER C 443 -12.37 -24.00 -4.18
CA SER C 443 -11.80 -22.93 -5.00
C SER C 443 -10.33 -23.17 -5.32
N TRP C 444 -9.78 -24.33 -4.97
CA TRP C 444 -8.35 -24.62 -5.11
C TRP C 444 -7.49 -23.60 -4.38
N ASP C 445 -8.04 -22.96 -3.34
CA ASP C 445 -7.35 -21.90 -2.61
C ASP C 445 -6.87 -20.80 -3.56
N TYR C 446 -7.74 -20.42 -4.50
CA TYR C 446 -7.46 -19.39 -5.50
C TYR C 446 -6.26 -19.77 -6.35
N SER C 447 -6.09 -21.07 -6.56
CA SER C 447 -5.03 -21.63 -7.40
C SER C 447 -5.67 -22.55 -8.43
N GLY C 448 -4.87 -23.35 -9.11
CA GLY C 448 -5.40 -24.29 -10.06
C GLY C 448 -4.98 -23.98 -11.48
N PRO C 449 -5.54 -24.72 -12.45
CA PRO C 449 -6.56 -25.79 -12.30
C PRO C 449 -6.00 -27.06 -11.66
N TYR C 450 -6.86 -28.02 -11.31
CA TYR C 450 -6.42 -29.33 -10.83
C TYR C 450 -6.76 -30.46 -11.80
N HIS C 451 -7.45 -30.17 -12.89
CA HIS C 451 -7.80 -31.19 -13.86
C HIS C 451 -6.65 -31.42 -14.84
N GLY C 452 -6.56 -32.65 -15.35
CA GLY C 452 -5.55 -32.96 -16.33
C GLY C 452 -4.15 -33.06 -15.75
N PHE C 453 -3.17 -33.16 -16.64
CA PHE C 453 -1.78 -33.29 -16.19
C PHE C 453 -1.24 -31.97 -15.65
N ASP C 454 -1.53 -30.87 -16.34
CA ASP C 454 -1.15 -29.55 -15.82
C ASP C 454 -1.82 -29.28 -14.48
N GLY C 455 -3.11 -29.63 -14.38
CA GLY C 455 -3.81 -29.47 -13.13
C GLY C 455 -3.25 -30.35 -12.03
N PHE C 456 -2.79 -31.55 -12.37
CA PHE C 456 -2.18 -32.41 -11.37
C PHE C 456 -0.84 -31.85 -10.89
N ALA C 457 -0.06 -31.26 -11.80
CA ALA C 457 1.17 -30.60 -11.37
C ALA C 457 0.87 -29.50 -10.37
N ILE C 458 -0.15 -28.68 -10.67
CA ILE C 458 -0.55 -27.63 -9.74
C ILE C 458 -1.04 -28.23 -8.42
N PHE C 459 -1.79 -29.33 -8.51
CA PHE C 459 -2.33 -30.01 -7.33
C PHE C 459 -1.21 -30.45 -6.40
N ALA C 460 -0.20 -31.12 -6.96
CA ALA C 460 0.93 -31.58 -6.16
C ALA C 460 1.70 -30.41 -5.56
N ARG C 461 1.92 -29.36 -6.35
CA ARG C 461 2.63 -28.19 -5.84
C ARG C 461 1.88 -27.56 -4.66
N ASP C 462 0.56 -27.39 -4.79
CA ASP C 462 -0.22 -26.77 -3.73
C ASP C 462 -0.26 -27.64 -2.48
N MET C 463 -0.44 -28.94 -2.65
CA MET C 463 -0.46 -29.83 -1.49
C MET C 463 0.88 -29.80 -0.76
N ASP C 464 1.98 -29.78 -1.51
CA ASP C 464 3.28 -29.69 -0.88
C ASP C 464 3.45 -28.35 -0.16
N MET C 465 3.00 -27.25 -0.78
CA MET C 465 3.21 -25.93 -0.19
C MET C 465 2.42 -25.78 1.10
N THR C 466 1.24 -26.38 1.19
CA THR C 466 0.44 -26.21 2.40
C THR C 466 0.75 -27.24 3.46
N LEU C 467 0.93 -28.51 3.07
CA LEU C 467 1.22 -29.55 4.04
C LEU C 467 2.53 -29.28 4.77
N ASN C 468 3.57 -28.89 4.02
CA ASN C 468 4.92 -28.80 4.55
C ASN C 468 5.32 -27.38 4.92
N ASN C 469 4.35 -26.47 5.02
CA ASN C 469 4.67 -25.09 5.30
C ASN C 469 5.27 -24.95 6.70
N PRO C 470 6.28 -24.09 6.86
CA PRO C 470 6.85 -23.87 8.20
C PRO C 470 5.84 -23.40 9.24
N CYS C 471 4.79 -22.70 8.80
CA CYS C 471 3.86 -22.06 9.73
C CYS C 471 3.20 -23.06 10.68
N TRP C 472 3.16 -24.33 10.33
CA TRP C 472 2.49 -25.33 11.17
C TRP C 472 3.36 -25.79 12.33
N LYS C 473 4.66 -25.49 12.32
CA LYS C 473 5.53 -25.81 13.44
C LYS C 473 5.68 -24.63 14.40
N LYS C 474 4.70 -23.73 14.43
CA LYS C 474 4.83 -22.48 15.15
C LYS C 474 3.62 -22.12 15.99
N LEU C 475 2.54 -22.90 15.94
CA LEU C 475 1.31 -22.51 16.63
C LEU C 475 1.48 -22.53 18.14
N GLN C 476 2.31 -23.43 18.66
CA GLN C 476 2.55 -23.52 20.09
C GLN C 476 3.69 -22.57 20.47
N ALA C 477 3.40 -21.64 21.39
CA ALA C 477 4.44 -20.74 21.87
C ALA C 477 5.51 -21.54 22.62
N PRO C 478 6.78 -21.18 22.46
CA PRO C 478 7.84 -21.98 23.10
C PRO C 478 7.80 -21.95 24.61
N TRP C 479 7.17 -20.95 25.22
CA TRP C 479 7.07 -20.85 26.67
C TRP C 479 5.82 -21.51 27.21
N GLU C 480 5.12 -22.30 26.40
CA GLU C 480 3.94 -23.02 26.86
C GLU C 480 4.07 -24.51 26.58
N SER D 2 0.79 -27.79 -21.24
CA SER D 2 1.92 -28.47 -20.60
C SER D 2 2.32 -27.78 -19.31
N GLN D 3 3.31 -28.34 -18.62
CA GLN D 3 3.81 -27.76 -17.38
C GLN D 3 5.27 -28.12 -17.21
N GLN D 4 6.03 -27.20 -16.64
CA GLN D 4 7.42 -27.46 -16.27
C GLN D 4 7.48 -27.67 -14.76
N VAL D 5 8.09 -28.78 -14.34
CA VAL D 5 8.13 -29.11 -12.92
C VAL D 5 8.90 -28.06 -12.13
N ASP D 6 9.92 -27.44 -12.75
CA ASP D 6 10.71 -26.44 -12.04
C ASP D 6 9.90 -25.16 -11.80
N LYS D 7 9.11 -24.74 -12.77
CA LYS D 7 8.31 -23.51 -12.67
C LYS D 7 6.87 -23.85 -13.08
N ILE D 8 6.09 -24.30 -12.11
CA ILE D 8 4.70 -24.67 -12.38
C ILE D 8 3.86 -23.40 -12.47
N LYS D 9 3.00 -23.33 -13.48
CA LYS D 9 2.18 -22.17 -13.74
C LYS D 9 0.76 -22.41 -13.26
N ALA D 10 0.26 -21.51 -12.42
CA ALA D 10 -1.17 -21.48 -12.15
C ALA D 10 -1.90 -20.90 -13.36
N SER D 11 -3.24 -20.87 -13.27
CA SER D 11 -4.11 -20.47 -14.38
C SER D 11 -3.54 -19.29 -15.16
N TYR D 12 -3.12 -18.25 -14.44
CA TYR D 12 -2.26 -17.22 -15.01
C TYR D 12 -0.84 -17.47 -14.58
N PRO D 13 0.14 -17.51 -15.50
CA PRO D 13 0.02 -17.33 -16.96
C PRO D 13 -0.09 -18.63 -17.74
N LEU D 14 -0.54 -19.74 -17.15
CA LEU D 14 -0.58 -21.01 -17.86
C LEU D 14 -1.45 -20.92 -19.11
N PHE D 15 -2.60 -20.26 -19.01
CA PHE D 15 -3.53 -20.21 -20.13
C PHE D 15 -3.16 -19.15 -21.16
N LEU D 16 -2.07 -18.42 -20.95
CA LEU D 16 -1.49 -17.57 -21.98
C LEU D 16 -0.57 -18.34 -22.92
N ASP D 17 -0.38 -19.64 -22.70
CA ASP D 17 0.45 -20.43 -23.57
C ASP D 17 -0.16 -20.50 -24.97
N GLN D 18 0.71 -20.68 -25.96
CA GLN D 18 0.26 -20.66 -27.35
C GLN D 18 -0.76 -21.76 -27.61
N ASP D 19 -0.52 -22.97 -27.12
CA ASP D 19 -1.46 -24.06 -27.33
C ASP D 19 -2.81 -23.78 -26.68
N TYR D 20 -2.81 -23.27 -25.45
CA TYR D 20 -4.07 -22.88 -24.82
C TYR D 20 -4.72 -21.72 -25.57
N LYS D 21 -3.92 -20.79 -26.07
CA LYS D 21 -4.46 -19.67 -26.85
C LYS D 21 -5.18 -20.17 -28.09
N ASP D 22 -4.56 -21.11 -28.82
CA ASP D 22 -5.19 -21.66 -30.02
C ASP D 22 -6.44 -22.46 -29.68
N MET D 23 -6.38 -23.24 -28.58
CA MET D 23 -7.57 -23.98 -28.15
C MET D 23 -8.73 -23.03 -27.85
N LEU D 24 -8.45 -21.94 -27.13
CA LEU D 24 -9.51 -21.00 -26.77
C LEU D 24 -10.03 -20.26 -28.00
N ALA D 25 -9.14 -19.91 -28.95
CA ALA D 25 -9.58 -19.28 -30.19
C ALA D 25 -10.46 -20.21 -31.01
N LYS D 26 -10.09 -21.50 -31.08
CA LYS D 26 -10.90 -22.47 -31.78
C LYS D 26 -12.27 -22.63 -31.12
N LYS D 27 -12.29 -22.66 -29.79
CA LYS D 27 -13.56 -22.73 -29.07
C LYS D 27 -14.42 -21.51 -29.36
N ARG D 28 -13.81 -20.33 -29.38
CA ARG D 28 -14.57 -19.10 -29.62
C ARG D 28 -15.14 -19.08 -31.03
N ASP D 29 -14.31 -19.43 -32.02
CA ASP D 29 -14.75 -19.31 -33.42
C ASP D 29 -15.74 -20.41 -33.79
N GLY D 30 -15.48 -21.64 -33.37
CA GLY D 30 -16.30 -22.76 -33.77
C GLY D 30 -17.68 -22.82 -33.16
N PHE D 31 -17.80 -22.50 -31.87
CA PHE D 31 -19.03 -22.80 -31.14
C PHE D 31 -19.58 -21.67 -30.29
N GLU D 32 -18.78 -20.67 -29.91
CA GLU D 32 -19.28 -19.63 -29.02
C GLU D 32 -20.22 -18.66 -29.73
N GLU D 33 -20.10 -18.53 -31.06
CA GLU D 33 -20.90 -17.58 -31.83
C GLU D 33 -20.77 -16.17 -31.26
N LYS D 34 -19.53 -15.78 -30.99
CA LYS D 34 -19.24 -14.53 -30.33
C LYS D 34 -19.48 -13.34 -31.26
N TYR D 35 -19.86 -12.22 -30.67
CA TYR D 35 -19.98 -10.98 -31.42
C TYR D 35 -18.60 -10.58 -31.94
N PRO D 36 -18.55 -9.94 -33.12
CA PRO D 36 -17.25 -9.49 -33.63
C PRO D 36 -16.60 -8.50 -32.68
N GLN D 37 -15.26 -8.53 -32.65
CA GLN D 37 -14.52 -7.70 -31.71
C GLN D 37 -14.80 -6.21 -31.92
N ASP D 38 -15.02 -5.80 -33.17
CA ASP D 38 -15.29 -4.39 -33.43
C ASP D 38 -16.63 -3.96 -32.82
N LYS D 39 -17.63 -4.83 -32.88
CA LYS D 39 -18.91 -4.53 -32.23
C LYS D 39 -18.75 -4.45 -30.72
N ILE D 40 -17.94 -5.34 -30.14
CA ILE D 40 -17.69 -5.31 -28.71
C ILE D 40 -17.02 -4.00 -28.30
N ASP D 41 -16.01 -3.59 -29.08
CA ASP D 41 -15.32 -2.34 -28.81
C ASP D 41 -16.27 -1.15 -28.92
N GLU D 42 -17.12 -1.15 -29.95
CA GLU D 42 -18.09 -0.08 -30.13
C GLU D 42 -19.05 0.00 -28.95
N VAL D 43 -19.56 -1.14 -28.49
CA VAL D 43 -20.48 -1.14 -27.37
C VAL D 43 -19.79 -0.67 -26.09
N PHE D 44 -18.55 -1.10 -25.87
CA PHE D 44 -17.83 -0.63 -24.69
C PHE D 44 -17.64 0.88 -24.72
N GLN D 45 -17.13 1.39 -25.84
CA GLN D 45 -16.96 2.83 -26.00
C GLN D 45 -18.27 3.56 -25.74
N TRP D 46 -19.39 2.98 -26.21
CA TRP D 46 -20.69 3.56 -25.92
C TRP D 46 -20.98 3.57 -24.42
N THR D 47 -20.63 2.50 -23.73
CA THR D 47 -20.87 2.44 -22.28
C THR D 47 -19.99 3.43 -21.53
N THR D 48 -18.96 3.98 -22.16
CA THR D 48 -18.15 5.01 -21.51
C THR D 48 -18.71 6.42 -21.67
N THR D 49 -19.82 6.61 -22.37
CA THR D 49 -20.25 7.94 -22.79
C THR D 49 -21.24 8.55 -21.82
N LYS D 50 -21.53 9.84 -22.05
CA LYS D 50 -22.49 10.58 -21.25
C LYS D 50 -23.93 10.18 -21.57
N GLU D 51 -24.22 9.84 -22.82
CA GLU D 51 -25.55 9.34 -23.16
C GLU D 51 -25.83 8.02 -22.46
N TYR D 52 -24.84 7.12 -22.42
CA TYR D 52 -24.99 5.91 -21.65
C TYR D 52 -25.16 6.20 -20.17
N GLN D 53 -24.48 7.22 -19.66
CA GLN D 53 -24.66 7.61 -18.27
C GLN D 53 -26.09 8.06 -18.02
N GLU D 54 -26.68 8.80 -18.95
CA GLU D 54 -28.08 9.20 -18.81
C GLU D 54 -28.99 7.98 -18.77
N LEU D 55 -28.81 7.05 -19.71
CA LEU D 55 -29.61 5.83 -19.71
C LEU D 55 -29.41 5.03 -18.43
N ASN D 56 -28.17 4.95 -17.97
CA ASN D 56 -27.84 4.26 -16.72
C ASN D 56 -28.60 4.86 -15.54
N PHE D 57 -28.54 6.17 -15.39
CA PHE D 57 -29.19 6.85 -14.28
C PHE D 57 -30.69 6.94 -14.44
N GLN D 58 -31.24 6.55 -15.60
CA GLN D 58 -32.68 6.40 -15.71
C GLN D 58 -33.18 5.07 -15.19
N ARG D 59 -32.29 4.21 -14.67
CA ARG D 59 -32.69 2.89 -14.18
C ARG D 59 -33.66 3.01 -13.01
N GLU D 60 -34.72 2.19 -13.05
CA GLU D 60 -35.72 2.16 -12.00
C GLU D 60 -35.93 0.79 -11.37
N ALA D 61 -35.62 -0.29 -12.07
CA ALA D 61 -35.84 -1.62 -11.54
C ALA D 61 -34.60 -2.50 -11.54
N LEU D 62 -33.57 -2.19 -12.32
CA LEU D 62 -32.39 -3.03 -12.41
C LEU D 62 -31.29 -2.45 -11.53
N THR D 63 -30.70 -3.31 -10.70
CA THR D 63 -29.55 -2.97 -9.89
C THR D 63 -28.36 -3.80 -10.38
N VAL D 64 -27.26 -3.13 -10.69
CA VAL D 64 -26.05 -3.78 -11.18
C VAL D 64 -24.93 -3.50 -10.19
N ASN D 65 -24.31 -4.55 -9.69
CA ASN D 65 -23.19 -4.45 -8.76
C ASN D 65 -23.55 -3.55 -7.58
N PRO D 66 -24.48 -3.97 -6.73
CA PRO D 66 -24.87 -3.15 -5.58
C PRO D 66 -23.73 -3.00 -4.60
N ALA D 67 -23.84 -1.97 -3.75
CA ALA D 67 -22.85 -1.67 -2.74
C ALA D 67 -23.42 -1.84 -1.33
N LYS D 68 -24.17 -2.91 -1.12
CA LYS D 68 -24.80 -3.18 0.17
C LYS D 68 -25.17 -4.66 0.26
N ALA D 69 -25.41 -5.11 1.48
CA ALA D 69 -25.82 -6.48 1.78
C ALA D 69 -27.18 -6.45 2.50
N CYS D 70 -27.60 -7.62 2.98
CA CYS D 70 -28.89 -7.72 3.65
C CYS D 70 -28.73 -7.72 5.17
N GLN D 71 -29.82 -7.39 5.86
CA GLN D 71 -29.84 -7.16 7.31
C GLN D 71 -29.25 -8.30 8.14
N PRO D 72 -29.60 -9.58 7.93
CA PRO D 72 -29.09 -10.61 8.84
C PRO D 72 -27.59 -10.71 8.89
N LEU D 73 -26.86 -10.25 7.88
CA LEU D 73 -25.41 -10.19 7.97
C LEU D 73 -24.97 -9.26 9.11
N GLY D 74 -25.55 -8.07 9.16
CA GLY D 74 -25.26 -7.16 10.25
C GLY D 74 -25.74 -7.70 11.59
N ALA D 75 -26.88 -8.39 11.59
CA ALA D 75 -27.35 -9.03 12.81
C ALA D 75 -26.35 -10.07 13.31
N VAL D 76 -25.79 -10.88 12.40
CA VAL D 76 -24.80 -11.88 12.78
C VAL D 76 -23.57 -11.23 13.37
N LEU D 77 -23.08 -10.15 12.73
CA LEU D 77 -21.91 -9.46 13.26
C LEU D 77 -22.18 -8.91 14.67
N CYS D 78 -23.31 -8.23 14.84
CA CYS D 78 -23.65 -7.70 16.16
C CYS D 78 -23.74 -8.81 17.19
N ALA D 79 -24.39 -9.93 16.84
CA ALA D 79 -24.50 -11.04 17.78
C ALA D 79 -23.13 -11.59 18.15
N LEU D 80 -22.23 -11.69 17.17
CA LEU D 80 -20.85 -12.08 17.45
C LEU D 80 -20.18 -11.11 18.41
N GLY D 81 -20.69 -9.89 18.50
CA GLY D 81 -20.16 -8.94 19.47
C GLY D 81 -20.29 -9.34 20.93
N PHE D 82 -21.10 -10.34 21.26
CA PHE D 82 -21.43 -10.64 22.66
C PHE D 82 -20.77 -11.93 23.13
N GLU D 83 -20.64 -12.04 24.46
CA GLU D 83 -19.86 -13.10 25.07
C GLU D 83 -20.53 -14.46 24.93
N LYS D 84 -19.79 -15.44 24.40
CA LYS D 84 -20.24 -16.83 24.27
C LYS D 84 -21.61 -16.90 23.62
N THR D 85 -21.84 -16.02 22.65
CA THR D 85 -23.13 -15.90 22.00
C THR D 85 -23.07 -16.57 20.64
N MET D 86 -24.04 -17.41 20.36
CA MET D 86 -24.14 -18.04 19.06
C MET D 86 -25.13 -17.27 18.21
N PRO D 87 -24.70 -16.66 17.10
CA PRO D 87 -25.69 -16.13 16.14
C PRO D 87 -26.52 -17.26 15.57
N TYR D 88 -27.83 -17.07 15.57
CA TYR D 88 -28.78 -18.09 15.17
C TYR D 88 -29.77 -17.42 14.24
N VAL D 89 -29.73 -17.76 12.96
CA VAL D 89 -30.60 -17.12 11.98
C VAL D 89 -31.75 -18.06 11.68
N HIS D 90 -32.96 -17.63 12.05
CA HIS D 90 -34.16 -18.43 11.83
C HIS D 90 -34.57 -18.31 10.37
N GLY D 91 -34.44 -19.40 9.63
CA GLY D 91 -34.73 -19.37 8.21
C GLY D 91 -34.01 -20.50 7.49
N SER D 92 -33.62 -20.24 6.26
CA SER D 92 -33.00 -21.24 5.41
C SER D 92 -31.48 -21.23 5.57
N GLN D 93 -30.88 -22.41 5.42
CA GLN D 93 -29.46 -22.58 5.70
C GLN D 93 -28.56 -21.88 4.68
N GLY D 94 -29.01 -21.72 3.44
CA GLY D 94 -28.17 -21.10 2.43
C GLY D 94 -27.75 -19.69 2.82
N CYS D 95 -28.65 -18.95 3.45
CA CYS D 95 -28.31 -17.61 3.94
C CYS D 95 -27.16 -17.67 4.93
N VAL D 96 -27.21 -18.62 5.87
CA VAL D 96 -26.15 -18.73 6.87
C VAL D 96 -24.84 -19.13 6.21
N ALA D 97 -24.90 -20.04 5.24
CA ALA D 97 -23.69 -20.40 4.50
C ALA D 97 -23.08 -19.17 3.84
N TYR D 98 -23.91 -18.33 3.23
CA TYR D 98 -23.40 -17.15 2.56
C TYR D 98 -22.85 -16.12 3.55
N PHE D 99 -23.56 -15.89 4.66
CA PHE D 99 -23.05 -14.96 5.67
C PHE D 99 -21.70 -15.44 6.19
N ARG D 100 -21.60 -16.72 6.52
CA ARG D 100 -20.37 -17.27 7.06
C ARG D 100 -19.24 -17.14 6.06
N SER D 101 -19.49 -17.44 4.79
CA SER D 101 -18.43 -17.33 3.79
C SER D 101 -18.04 -15.89 3.54
N TYR D 102 -19.01 -14.97 3.51
CA TYR D 102 -18.74 -13.55 3.34
C TYR D 102 -17.81 -13.04 4.44
N PHE D 103 -18.17 -13.31 5.69
CA PHE D 103 -17.35 -12.85 6.80
C PHE D 103 -16.03 -13.63 6.88
N ASN D 104 -16.01 -14.91 6.50
CA ASN D 104 -14.77 -15.65 6.44
C ASN D 104 -13.80 -15.02 5.46
N ARG D 105 -14.31 -14.60 4.30
CA ARG D 105 -13.45 -14.01 3.29
C ARG D 105 -12.95 -12.64 3.72
N HIS D 106 -13.83 -11.83 4.33
CA HIS D 106 -13.39 -10.50 4.75
C HIS D 106 -12.41 -10.57 5.93
N PHE D 107 -12.76 -11.32 6.97
CA PHE D 107 -11.98 -11.34 8.20
C PHE D 107 -10.91 -12.42 8.22
N ARG D 108 -11.00 -13.43 7.33
CA ARG D 108 -10.07 -14.56 7.32
C ARG D 108 -10.01 -15.23 8.68
N GLU D 109 -11.19 -15.47 9.26
CA GLU D 109 -11.34 -16.05 10.58
C GLU D 109 -12.58 -16.92 10.58
N PRO D 110 -12.67 -17.88 11.50
CA PRO D 110 -13.91 -18.65 11.63
C PRO D 110 -15.07 -17.74 11.98
N VAL D 111 -16.22 -18.01 11.39
CA VAL D 111 -17.45 -17.31 11.72
C VAL D 111 -18.45 -18.38 12.11
N SER D 112 -18.87 -18.36 13.37
CA SER D 112 -19.78 -19.37 13.90
C SER D 112 -21.20 -18.82 13.84
N CYS D 113 -22.06 -19.51 13.10
CA CYS D 113 -23.45 -19.13 12.95
C CYS D 113 -24.23 -20.36 12.56
N VAL D 114 -25.41 -20.53 13.14
CA VAL D 114 -26.23 -21.70 12.87
C VAL D 114 -27.56 -21.26 12.29
N SER D 115 -28.20 -22.19 11.58
CA SER D 115 -29.52 -22.01 11.03
C SER D 115 -30.40 -23.15 11.54
N ASP D 116 -31.71 -22.90 11.61
CA ASP D 116 -32.62 -24.00 11.87
C ASP D 116 -32.97 -24.77 10.62
N SER D 117 -32.33 -24.45 9.49
CA SER D 117 -32.42 -25.25 8.26
C SER D 117 -33.87 -25.45 7.83
N MET D 118 -34.62 -24.35 7.79
CA MET D 118 -36.00 -24.42 7.35
C MET D 118 -36.07 -24.78 5.86
N THR D 119 -37.04 -25.63 5.53
CA THR D 119 -37.20 -26.10 4.15
C THR D 119 -38.62 -25.86 3.66
N GLU D 120 -38.97 -26.47 2.53
CA GLU D 120 -40.29 -26.27 1.95
C GLU D 120 -41.41 -26.73 2.88
N ASP D 121 -41.12 -27.71 3.75
CA ASP D 121 -42.11 -28.14 4.73
C ASP D 121 -42.47 -26.99 5.68
N ALA D 122 -41.48 -26.22 6.12
CA ALA D 122 -41.75 -25.08 6.98
C ALA D 122 -42.48 -23.96 6.24
N ALA D 123 -42.30 -23.88 4.92
CA ALA D 123 -42.83 -22.76 4.15
C ALA D 123 -44.34 -22.61 4.31
N VAL D 124 -45.03 -23.71 4.60
CA VAL D 124 -46.47 -23.66 4.86
C VAL D 124 -46.82 -23.97 6.30
N PHE D 125 -45.86 -24.41 7.12
CA PHE D 125 -46.13 -24.73 8.52
C PHE D 125 -45.36 -23.87 9.50
N GLY D 126 -44.48 -22.99 9.03
CA GLY D 126 -43.67 -22.17 9.91
C GLY D 126 -42.47 -22.91 10.43
N GLY D 127 -41.61 -22.16 11.13
CA GLY D 127 -40.38 -22.72 11.65
C GLY D 127 -40.38 -22.95 13.14
N GLN D 128 -41.56 -23.13 13.73
CA GLN D 128 -41.66 -23.32 15.17
C GLN D 128 -40.92 -24.58 15.62
N GLN D 129 -41.19 -25.71 14.98
CA GLN D 129 -40.48 -26.93 15.34
C GLN D 129 -39.00 -26.83 14.96
N ASN D 130 -38.72 -26.19 13.82
CA ASN D 130 -37.34 -25.84 13.49
C ASN D 130 -36.72 -25.04 14.62
N MET D 131 -37.45 -24.08 15.18
CA MET D 131 -36.92 -23.25 16.25
C MET D 131 -36.60 -24.08 17.48
N LYS D 132 -37.54 -24.93 17.91
CA LYS D 132 -37.31 -25.74 19.10
C LYS D 132 -36.13 -26.68 18.92
N ASP D 133 -36.13 -27.44 17.83
CA ASP D 133 -35.06 -28.40 17.59
C ASP D 133 -33.72 -27.70 17.43
N GLY D 134 -33.68 -26.59 16.69
CA GLY D 134 -32.43 -25.88 16.49
C GLY D 134 -31.88 -25.27 17.76
N LEU D 135 -32.75 -24.68 18.58
CA LEU D 135 -32.31 -24.12 19.85
C LEU D 135 -31.73 -25.21 20.74
N GLN D 136 -32.44 -26.33 20.86
CA GLN D 136 -31.97 -27.43 21.70
C GLN D 136 -30.65 -27.99 21.20
N ASN D 137 -30.56 -28.23 19.89
CA ASN D 137 -29.34 -28.79 19.31
C ASN D 137 -28.16 -27.84 19.46
N CYS D 138 -28.39 -26.54 19.21
CA CYS D 138 -27.32 -25.56 19.34
C CYS D 138 -26.81 -25.49 20.77
N LYS D 139 -27.72 -25.42 21.74
CA LYS D 139 -27.29 -25.37 23.13
C LYS D 139 -26.53 -26.63 23.52
N ALA D 140 -27.07 -27.80 23.17
CA ALA D 140 -26.44 -29.05 23.58
C ALA D 140 -25.09 -29.26 22.89
N THR D 141 -24.94 -28.77 21.66
CA THR D 141 -23.77 -29.09 20.85
C THR D 141 -22.65 -28.07 21.02
N TYR D 142 -22.95 -26.78 20.88
CA TYR D 142 -21.91 -25.76 20.93
C TYR D 142 -21.88 -25.02 22.25
N LYS D 143 -22.80 -25.32 23.16
CA LYS D 143 -22.84 -24.76 24.50
C LYS D 143 -22.62 -23.24 24.54
N PRO D 144 -23.48 -22.47 23.90
CA PRO D 144 -23.40 -21.01 24.05
C PRO D 144 -23.99 -20.58 25.37
N ASP D 145 -23.52 -19.44 25.87
CA ASP D 145 -24.16 -18.82 27.02
C ASP D 145 -25.39 -18.01 26.62
N MET D 146 -25.54 -17.69 25.35
CA MET D 146 -26.71 -16.96 24.87
C MET D 146 -26.87 -17.20 23.38
N ILE D 147 -28.12 -17.17 22.91
CA ILE D 147 -28.44 -17.40 21.50
C ILE D 147 -29.17 -16.16 21.00
N ALA D 148 -28.58 -15.48 20.03
CA ALA D 148 -29.16 -14.28 19.44
C ALA D 148 -29.78 -14.63 18.10
N VAL D 149 -31.10 -14.44 17.98
CA VAL D 149 -31.86 -14.96 16.85
C VAL D 149 -32.20 -13.82 15.90
N SER D 150 -31.80 -13.98 14.65
CA SER D 150 -32.24 -13.13 13.55
C SER D 150 -33.04 -13.98 12.56
N THR D 151 -33.45 -13.38 11.46
CA THR D 151 -34.29 -14.05 10.48
C THR D 151 -33.72 -13.88 9.08
N THR D 152 -33.95 -14.89 8.24
CA THR D 152 -33.77 -14.76 6.81
C THR D 152 -35.06 -14.25 6.18
N CYS D 153 -34.97 -13.86 4.91
CA CYS D 153 -36.16 -13.29 4.25
C CYS D 153 -37.28 -14.31 4.14
N MET D 154 -36.95 -15.61 4.14
CA MET D 154 -37.99 -16.64 4.14
C MET D 154 -38.87 -16.54 5.38
N ALA D 155 -38.23 -16.53 6.55
CA ALA D 155 -38.98 -16.45 7.80
C ALA D 155 -39.74 -15.13 7.90
N GLU D 156 -39.12 -14.04 7.45
CA GLU D 156 -39.78 -12.74 7.46
C GLU D 156 -41.01 -12.75 6.57
N VAL D 157 -40.93 -13.40 5.41
CA VAL D 157 -42.04 -13.41 4.47
C VAL D 157 -43.19 -14.26 5.01
N ILE D 158 -42.87 -15.44 5.54
CA ILE D 158 -43.95 -16.30 6.04
C ILE D 158 -44.52 -15.78 7.35
N GLY D 159 -43.81 -14.90 8.05
CA GLY D 159 -44.37 -14.25 9.23
C GLY D 159 -44.11 -14.99 10.53
N ASP D 160 -42.93 -15.59 10.65
CA ASP D 160 -42.59 -16.37 11.84
C ASP D 160 -42.49 -15.45 13.06
N ASP D 161 -43.28 -15.76 14.10
CA ASP D 161 -43.24 -15.00 15.35
C ASP D 161 -42.04 -15.47 16.15
N LEU D 162 -40.95 -14.71 16.10
CA LEU D 162 -39.74 -15.08 16.82
C LEU D 162 -40.01 -15.17 18.31
N ASN D 163 -40.71 -14.18 18.87
CA ASN D 163 -40.95 -14.14 20.31
C ASN D 163 -41.79 -15.33 20.74
N ALA D 164 -42.88 -15.61 20.03
CA ALA D 164 -43.72 -16.75 20.37
C ALA D 164 -42.96 -18.07 20.22
N PHE D 165 -42.16 -18.19 19.17
CA PHE D 165 -41.43 -19.44 18.94
C PHE D 165 -40.42 -19.69 20.06
N ILE D 166 -39.67 -18.67 20.45
CA ILE D 166 -38.70 -18.82 21.54
C ILE D 166 -39.42 -19.10 22.85
N ASN D 167 -40.54 -18.42 23.11
CA ASN D 167 -41.29 -18.65 24.33
C ASN D 167 -41.80 -20.08 24.40
N ASN D 168 -42.33 -20.59 23.29
CA ASN D 168 -42.82 -21.97 23.26
C ASN D 168 -41.68 -22.96 23.36
N SER D 169 -40.50 -22.61 22.85
CA SER D 169 -39.33 -23.46 23.06
C SER D 169 -38.98 -23.56 24.54
N LYS D 170 -39.03 -22.44 25.26
CA LYS D 170 -38.76 -22.46 26.69
C LYS D 170 -39.84 -23.21 27.45
N LYS D 171 -41.10 -23.03 27.07
CA LYS D 171 -42.20 -23.68 27.79
C LYS D 171 -42.12 -25.20 27.67
N GLU D 172 -41.82 -25.70 26.47
CA GLU D 172 -41.76 -27.14 26.22
C GLU D 172 -40.47 -27.78 26.71
N GLY D 173 -39.54 -27.00 27.26
CA GLY D 173 -38.33 -27.57 27.83
C GLY D 173 -37.21 -27.84 26.85
N PHE D 174 -37.33 -27.37 25.60
CA PHE D 174 -36.24 -27.51 24.66
C PHE D 174 -35.04 -26.68 25.10
N ILE D 175 -35.29 -25.54 25.74
CA ILE D 175 -34.24 -24.63 26.20
C ILE D 175 -34.63 -24.17 27.60
N PRO D 176 -33.67 -23.95 28.51
CA PRO D 176 -34.04 -23.51 29.86
C PRO D 176 -34.73 -22.15 29.83
N ASP D 177 -35.65 -21.96 30.78
CA ASP D 177 -36.41 -20.71 30.85
C ASP D 177 -35.52 -19.50 31.10
N GLU D 178 -34.41 -19.70 31.80
CA GLU D 178 -33.49 -18.60 32.12
C GLU D 178 -32.39 -18.42 31.11
N PHE D 179 -32.35 -19.22 30.05
CA PHE D 179 -31.31 -19.08 29.04
C PHE D 179 -31.60 -17.86 28.17
N PRO D 180 -30.67 -16.91 28.06
CA PRO D 180 -30.96 -15.68 27.30
C PRO D 180 -31.04 -15.96 25.80
N VAL D 181 -32.20 -15.66 25.23
CA VAL D 181 -32.40 -15.80 23.79
C VAL D 181 -32.99 -14.51 23.25
N PRO D 182 -32.19 -13.46 23.07
CA PRO D 182 -32.70 -12.25 22.41
C PRO D 182 -32.97 -12.50 20.94
N PHE D 183 -33.86 -11.69 20.38
CA PHE D 183 -34.31 -11.87 19.01
C PHE D 183 -34.51 -10.50 18.37
N ALA D 184 -34.40 -10.49 17.05
CA ALA D 184 -34.67 -9.30 16.26
C ALA D 184 -35.09 -9.72 14.86
N HIS D 185 -36.14 -9.11 14.35
CA HIS D 185 -36.55 -9.36 12.97
C HIS D 185 -35.66 -8.51 12.05
N THR D 186 -34.98 -9.17 11.12
CA THR D 186 -33.98 -8.53 10.27
C THR D 186 -34.36 -8.82 8.81
N PRO D 187 -35.37 -8.12 8.30
CA PRO D 187 -35.86 -8.41 6.94
C PRO D 187 -34.85 -7.96 5.90
N SER D 188 -34.48 -8.89 5.01
CA SER D 188 -33.46 -8.61 4.01
C SER D 188 -33.95 -7.64 2.95
N PHE D 189 -35.26 -7.44 2.83
CA PHE D 189 -35.82 -6.49 1.87
C PHE D 189 -36.05 -5.11 2.47
N VAL D 190 -35.50 -4.84 3.66
CA VAL D 190 -35.58 -3.53 4.29
C VAL D 190 -34.18 -3.06 4.60
N GLY D 191 -33.85 -1.84 4.16
CA GLY D 191 -32.55 -1.27 4.46
C GLY D 191 -31.41 -2.08 3.91
N SER D 192 -30.37 -2.26 4.73
CA SER D 192 -29.18 -3.00 4.33
C SER D 192 -28.66 -3.73 5.57
N HIS D 193 -27.42 -4.21 5.50
CA HIS D 193 -26.83 -4.93 6.62
C HIS D 193 -26.75 -4.08 7.88
N VAL D 194 -26.54 -2.77 7.72
CA VAL D 194 -26.34 -1.90 8.89
C VAL D 194 -27.60 -1.81 9.72
N THR D 195 -28.77 -1.75 9.08
CA THR D 195 -30.00 -1.74 9.88
C THR D 195 -30.28 -3.10 10.50
N GLY D 196 -29.74 -4.18 9.91
CA GLY D 196 -29.75 -5.46 10.61
C GLY D 196 -28.93 -5.44 11.88
N TRP D 197 -27.74 -4.82 11.82
CA TRP D 197 -26.95 -4.62 13.03
C TRP D 197 -27.72 -3.81 14.06
N ASP D 198 -28.34 -2.71 13.62
CA ASP D 198 -29.14 -1.87 14.51
C ASP D 198 -30.25 -2.67 15.17
N ASN D 199 -30.99 -3.45 14.38
CA ASN D 199 -32.09 -4.24 14.90
C ASN D 199 -31.61 -5.28 15.90
N MET D 200 -30.50 -5.96 15.59
CA MET D 200 -29.99 -6.98 16.49
C MET D 200 -29.58 -6.36 17.83
N PHE D 201 -28.83 -5.25 17.77
CA PHE D 201 -28.40 -4.60 18.99
C PHE D 201 -29.58 -4.13 19.82
N GLU D 202 -30.57 -3.52 19.17
CA GLU D 202 -31.73 -3.04 19.90
C GLU D 202 -32.50 -4.20 20.52
N GLY D 203 -32.61 -5.32 19.81
CA GLY D 203 -33.26 -6.49 20.38
C GLY D 203 -32.55 -7.03 21.60
N ILE D 204 -31.22 -7.11 21.54
CA ILE D 204 -30.45 -7.60 22.68
C ILE D 204 -30.59 -6.65 23.87
N ALA D 205 -30.51 -5.34 23.61
CA ALA D 205 -30.64 -4.36 24.69
C ALA D 205 -32.03 -4.41 25.31
N ARG D 206 -33.07 -4.58 24.49
CA ARG D 206 -34.42 -4.69 25.01
C ARG D 206 -34.59 -5.98 25.81
N TYR D 207 -33.97 -7.06 25.36
CA TYR D 207 -34.01 -8.31 26.12
C TYR D 207 -33.39 -8.14 27.49
N PHE D 208 -32.28 -7.41 27.58
CA PHE D 208 -31.55 -7.34 28.84
C PHE D 208 -31.89 -6.14 29.71
N THR D 209 -32.70 -5.20 29.23
CA THR D 209 -32.89 -3.97 30.02
C THR D 209 -34.35 -3.57 30.21
N LEU D 210 -35.23 -3.98 29.28
CA LEU D 210 -36.59 -3.44 29.26
C LEU D 210 -37.34 -3.75 30.55
N LYS D 211 -37.19 -4.96 31.09
CA LYS D 211 -37.99 -5.40 32.22
C LYS D 211 -37.37 -5.07 33.56
N SER D 212 -36.21 -4.43 33.60
CA SER D 212 -35.49 -4.19 34.85
C SER D 212 -35.01 -2.75 34.92
N MET D 213 -35.88 -1.81 34.56
CA MET D 213 -35.54 -0.40 34.61
C MET D 213 -35.89 0.26 35.94
N ASP D 214 -36.43 -0.49 36.90
CA ASP D 214 -36.85 0.12 38.15
C ASP D 214 -35.66 0.52 39.01
N ASP D 215 -34.62 -0.31 39.05
CA ASP D 215 -33.46 -0.06 39.89
C ASP D 215 -32.34 0.66 39.16
N LYS D 216 -32.62 1.23 37.99
CA LYS D 216 -31.59 1.86 37.18
C LYS D 216 -31.54 3.36 37.47
N VAL D 217 -30.34 3.87 37.74
CA VAL D 217 -30.08 5.29 37.94
C VAL D 217 -29.01 5.73 36.95
N VAL D 218 -29.32 6.77 36.17
CA VAL D 218 -28.39 7.24 35.14
C VAL D 218 -27.13 7.77 35.80
N GLY D 219 -25.98 7.30 35.31
CA GLY D 219 -24.71 7.74 35.83
C GLY D 219 -24.26 7.06 37.10
N SER D 220 -25.04 6.12 37.63
CA SER D 220 -24.69 5.51 38.92
C SER D 220 -23.44 4.65 38.82
N ASN D 221 -23.13 4.11 37.64
CA ASN D 221 -21.89 3.36 37.49
C ASN D 221 -20.74 4.20 36.95
N LYS D 222 -20.97 5.50 36.70
CA LYS D 222 -19.92 6.43 36.29
C LYS D 222 -19.22 5.97 35.01
N LYS D 223 -20.00 5.45 34.08
CA LYS D 223 -19.46 4.94 32.82
C LYS D 223 -20.20 5.56 31.65
N ILE D 224 -19.59 5.45 30.47
CA ILE D 224 -20.18 5.89 29.22
C ILE D 224 -20.35 4.67 28.32
N ASN D 225 -21.56 4.47 27.83
CA ASN D 225 -21.81 3.38 26.88
C ASN D 225 -21.38 3.80 25.49
N ILE D 226 -20.70 2.90 24.79
CA ILE D 226 -20.28 3.10 23.41
C ILE D 226 -20.91 2.00 22.56
N VAL D 227 -21.76 2.40 21.61
CA VAL D 227 -22.35 1.49 20.64
C VAL D 227 -21.65 1.72 19.31
N PRO D 228 -20.87 0.76 18.81
CA PRO D 228 -20.07 1.03 17.60
C PRO D 228 -20.83 0.87 16.29
N GLY D 229 -21.92 0.12 16.25
CA GLY D 229 -22.60 -0.13 15.01
C GLY D 229 -21.89 -1.17 14.16
N PHE D 230 -22.37 -1.33 12.93
CA PHE D 230 -21.76 -2.28 12.01
C PHE D 230 -20.33 -1.85 11.70
N GLU D 231 -19.37 -2.59 12.24
CA GLU D 231 -17.97 -2.23 12.12
C GLU D 231 -17.17 -3.46 11.74
N THR D 232 -16.38 -3.35 10.69
CA THR D 232 -15.56 -4.45 10.20
C THR D 232 -14.08 -4.15 10.24
N TYR D 233 -13.67 -3.07 10.91
CA TYR D 233 -12.27 -2.79 11.19
C TYR D 233 -12.07 -3.02 12.68
N LEU D 234 -11.29 -4.07 13.01
CA LEU D 234 -11.00 -4.34 14.42
C LEU D 234 -10.25 -3.18 15.07
N GLY D 235 -9.45 -2.47 14.28
CA GLY D 235 -8.74 -1.32 14.78
C GLY D 235 -9.66 -0.23 15.29
N ASN D 236 -10.90 -0.17 14.78
CA ASN D 236 -11.83 0.85 15.24
C ASN D 236 -12.31 0.57 16.66
N PHE D 237 -12.72 -0.68 16.93
CA PHE D 237 -13.01 -1.07 18.31
C PHE D 237 -11.81 -0.79 19.20
N ARG D 238 -10.62 -1.21 18.76
CA ARG D 238 -9.43 -1.07 19.58
C ARG D 238 -9.11 0.39 19.87
N VAL D 239 -9.26 1.26 18.87
CA VAL D 239 -8.90 2.67 19.04
C VAL D 239 -9.92 3.36 19.93
N ILE D 240 -11.20 3.00 19.84
CA ILE D 240 -12.19 3.60 20.72
C ILE D 240 -11.89 3.21 22.17
N LYS D 241 -11.60 1.93 22.40
CA LYS D 241 -11.27 1.49 23.76
C LYS D 241 -9.99 2.16 24.26
N ARG D 242 -8.98 2.27 23.40
CA ARG D 242 -7.72 2.88 23.81
C ARG D 242 -7.89 4.36 24.14
N MET D 243 -8.63 5.10 23.30
CA MET D 243 -8.82 6.52 23.55
C MET D 243 -9.61 6.75 24.83
N LEU D 244 -10.64 5.93 25.08
CA LEU D 244 -11.39 6.08 26.31
C LEU D 244 -10.58 5.69 27.54
N SER D 245 -9.69 4.69 27.40
CA SER D 245 -8.84 4.31 28.52
C SER D 245 -7.81 5.39 28.82
N GLU D 246 -7.29 6.05 27.77
CA GLU D 246 -6.30 7.11 27.98
C GLU D 246 -6.90 8.27 28.76
N MET D 247 -8.16 8.64 28.45
CA MET D 247 -8.83 9.72 29.15
C MET D 247 -9.20 9.36 30.58
N GLY D 248 -9.06 8.09 30.98
CA GLY D 248 -9.54 7.67 32.28
C GLY D 248 -11.03 7.57 32.39
N VAL D 249 -11.73 7.42 31.27
CA VAL D 249 -13.18 7.34 31.24
C VAL D 249 -13.61 5.89 31.33
N GLY D 250 -14.34 5.56 32.38
CA GLY D 250 -14.97 4.25 32.46
C GLY D 250 -15.96 4.08 31.33
N TYR D 251 -15.90 2.96 30.63
CA TYR D 251 -16.73 2.75 29.45
C TYR D 251 -17.19 1.30 29.39
N SER D 252 -18.28 1.09 28.66
CA SER D 252 -18.77 -0.23 28.32
C SER D 252 -18.96 -0.28 26.81
N LEU D 253 -18.14 -1.06 26.12
CA LEU D 253 -18.28 -1.25 24.69
C LEU D 253 -19.27 -2.38 24.45
N LEU D 254 -20.50 -2.02 24.07
CA LEU D 254 -21.54 -3.00 23.86
C LEU D 254 -21.47 -3.53 22.44
N SER D 255 -21.62 -4.85 22.30
CA SER D 255 -21.40 -5.54 21.02
C SER D 255 -19.97 -5.34 20.52
N ASP D 256 -19.05 -5.96 21.26
CA ASP D 256 -17.62 -5.93 20.96
C ASP D 256 -17.17 -7.27 20.38
N PRO D 257 -17.20 -7.45 19.06
CA PRO D 257 -16.73 -8.70 18.45
C PRO D 257 -15.23 -8.76 18.19
N GLU D 258 -14.45 -7.85 18.78
CA GLU D 258 -13.03 -7.74 18.42
C GLU D 258 -12.25 -9.00 18.78
N GLU D 259 -12.56 -9.60 19.93
CA GLU D 259 -11.79 -10.76 20.36
C GLU D 259 -12.11 -11.99 19.52
N VAL D 260 -13.40 -12.24 19.25
CA VAL D 260 -13.78 -13.46 18.54
C VAL D 260 -13.38 -13.42 17.08
N LEU D 261 -13.20 -12.23 16.51
CA LEU D 261 -12.76 -12.10 15.11
C LEU D 261 -11.26 -12.02 14.98
N ASP D 262 -10.51 -12.13 16.08
CA ASP D 262 -9.05 -12.09 16.02
C ASP D 262 -8.45 -13.10 16.98
N THR D 263 -9.02 -14.31 17.02
CA THR D 263 -8.54 -15.31 17.94
C THR D 263 -7.17 -15.84 17.51
N PRO D 264 -6.27 -16.09 18.45
CA PRO D 264 -4.95 -16.60 18.08
C PRO D 264 -5.02 -18.03 17.53
N ALA D 265 -4.11 -18.33 16.63
CA ALA D 265 -3.93 -19.70 16.13
C ALA D 265 -2.86 -20.35 17.00
N ASP D 266 -3.30 -21.03 18.06
CA ASP D 266 -2.37 -21.55 19.06
C ASP D 266 -2.60 -23.05 19.30
N GLY D 267 -3.14 -23.75 18.31
CA GLY D 267 -3.35 -25.18 18.40
C GLY D 267 -4.75 -25.60 18.78
N GLN D 268 -5.61 -24.66 19.16
CA GLN D 268 -7.01 -24.97 19.46
C GLN D 268 -7.90 -23.93 18.80
N PHE D 269 -9.14 -24.33 18.53
CA PHE D 269 -10.14 -23.47 17.91
C PHE D 269 -11.09 -22.97 19.00
N ARG D 270 -11.20 -21.65 19.11
CA ARG D 270 -12.10 -21.03 20.08
C ARG D 270 -13.34 -20.53 19.36
N MET D 271 -14.47 -21.21 19.58
CA MET D 271 -15.71 -20.74 18.98
C MET D 271 -16.19 -19.44 19.60
N TYR D 272 -15.83 -19.19 20.86
CA TYR D 272 -16.19 -17.97 21.55
C TYR D 272 -14.94 -17.35 22.16
N ALA D 273 -14.95 -16.02 22.24
CA ALA D 273 -13.83 -15.28 22.83
C ALA D 273 -14.28 -13.86 23.11
N GLY D 274 -14.01 -13.38 24.32
CA GLY D 274 -14.30 -12.00 24.66
C GLY D 274 -15.77 -11.66 24.50
N GLY D 275 -16.03 -10.45 24.03
CA GLY D 275 -17.38 -10.01 23.78
C GLY D 275 -18.01 -9.33 24.97
N THR D 276 -19.09 -8.59 24.69
CA THR D 276 -19.81 -7.89 25.74
C THR D 276 -20.53 -8.88 26.64
N THR D 277 -20.25 -8.81 27.94
CA THR D 277 -20.89 -9.71 28.88
C THR D 277 -22.36 -9.35 29.10
N GLN D 278 -23.12 -10.33 29.56
CA GLN D 278 -24.52 -10.09 29.88
C GLN D 278 -24.67 -9.09 31.03
N GLU D 279 -23.73 -9.12 31.99
CA GLU D 279 -23.77 -8.17 33.09
C GLU D 279 -23.61 -6.73 32.59
N GLU D 280 -22.72 -6.52 31.62
CA GLU D 280 -22.54 -5.19 31.06
C GLU D 280 -23.82 -4.68 30.40
N MET D 281 -24.49 -5.53 29.63
CA MET D 281 -25.74 -5.13 29.02
C MET D 281 -26.81 -4.86 30.07
N LYS D 282 -26.82 -5.66 31.14
CA LYS D 282 -27.78 -5.45 32.21
C LYS D 282 -27.56 -4.12 32.92
N ASP D 283 -26.30 -3.75 33.13
CA ASP D 283 -25.93 -2.53 33.85
C ASP D 283 -25.83 -1.31 32.95
N ALA D 284 -25.95 -1.48 31.63
CA ALA D 284 -25.84 -0.35 30.71
C ALA D 284 -26.75 0.84 31.03
N PRO D 285 -28.02 0.67 31.44
CA PRO D 285 -28.83 1.86 31.76
C PRO D 285 -28.30 2.67 32.93
N ASN D 286 -27.32 2.17 33.68
CA ASN D 286 -26.74 2.91 34.79
C ASN D 286 -25.58 3.81 34.37
N ALA D 287 -25.27 3.86 33.07
CA ALA D 287 -24.19 4.69 32.57
C ALA D 287 -24.57 6.16 32.61
N LEU D 288 -23.55 7.01 32.56
CA LEU D 288 -23.79 8.45 32.46
C LEU D 288 -24.50 8.79 31.16
N ASN D 289 -24.04 8.23 30.05
CA ASN D 289 -24.62 8.49 28.75
C ASN D 289 -24.20 7.37 27.80
N THR D 290 -24.87 7.32 26.65
CA THR D 290 -24.56 6.39 25.58
C THR D 290 -24.17 7.18 24.35
N VAL D 291 -23.02 6.85 23.77
CA VAL D 291 -22.53 7.50 22.57
C VAL D 291 -22.61 6.49 21.42
N LEU D 292 -23.27 6.88 20.34
CA LEU D 292 -23.36 6.06 19.14
C LEU D 292 -22.28 6.52 18.15
N LEU D 293 -21.37 5.61 17.82
CA LEU D 293 -20.28 5.97 16.91
C LEU D 293 -20.76 6.19 15.49
N GLN D 294 -21.82 5.50 15.08
CA GLN D 294 -22.33 5.57 13.72
C GLN D 294 -23.83 5.88 13.80
N PRO D 295 -24.19 7.13 14.11
CA PRO D 295 -25.61 7.44 14.35
C PRO D 295 -26.52 7.20 13.17
N TRP D 296 -26.02 7.31 11.94
CA TRP D 296 -26.92 7.27 10.79
C TRP D 296 -27.48 5.90 10.48
N HIS D 297 -26.97 4.83 11.10
CA HIS D 297 -27.62 3.53 11.00
C HIS D 297 -27.98 2.95 12.36
N LEU D 298 -27.87 3.74 13.43
CA LEU D 298 -28.27 3.32 14.77
C LEU D 298 -29.49 4.10 15.25
N GLU D 299 -30.45 4.32 14.35
CA GLU D 299 -31.65 5.07 14.70
C GLU D 299 -32.48 4.32 15.75
N LYS D 300 -32.80 3.05 15.48
CA LYS D 300 -33.62 2.29 16.41
C LYS D 300 -32.96 2.18 17.78
N THR D 301 -31.65 1.92 17.79
CA THR D 301 -30.90 1.90 19.05
C THR D 301 -30.97 3.27 19.74
N LYS D 302 -30.89 4.34 18.96
CA LYS D 302 -30.96 5.68 19.53
C LYS D 302 -32.30 5.92 20.23
N LYS D 303 -33.40 5.59 19.55
CA LYS D 303 -34.72 5.76 20.16
C LYS D 303 -34.87 4.88 21.40
N PHE D 304 -34.40 3.64 21.36
CA PHE D 304 -34.51 2.80 22.55
C PHE D 304 -33.70 3.35 23.71
N VAL D 305 -32.47 3.79 23.45
CA VAL D 305 -31.60 4.28 24.52
C VAL D 305 -32.16 5.57 25.11
N GLU D 306 -32.61 6.49 24.26
CA GLU D 306 -33.15 7.75 24.77
C GLU D 306 -34.46 7.53 25.52
N GLY D 307 -35.36 6.72 24.97
CA GLY D 307 -36.68 6.58 25.53
C GLY D 307 -36.81 5.67 26.73
N THR D 308 -35.93 4.68 26.84
CA THR D 308 -36.00 3.69 27.92
C THR D 308 -34.91 3.87 28.95
N TRP D 309 -33.66 4.00 28.53
CA TRP D 309 -32.57 4.26 29.47
C TRP D 309 -32.52 5.71 29.93
N LYS D 310 -33.30 6.59 29.33
CA LYS D 310 -33.33 8.02 29.68
C LYS D 310 -31.97 8.67 29.48
N HIS D 311 -31.19 8.17 28.53
CA HIS D 311 -29.87 8.71 28.23
C HIS D 311 -30.03 9.83 27.21
N GLU D 312 -29.45 10.99 27.50
CA GLU D 312 -29.47 12.11 26.57
C GLU D 312 -28.32 11.93 25.59
N VAL D 313 -28.59 11.15 24.54
CA VAL D 313 -27.57 10.74 23.57
C VAL D 313 -27.03 11.96 22.85
N PRO D 314 -25.73 12.22 22.90
CA PRO D 314 -25.19 13.43 22.28
C PRO D 314 -25.23 13.34 20.76
N LYS D 315 -25.52 14.49 20.14
CA LYS D 315 -25.56 14.59 18.69
C LYS D 315 -24.14 14.71 18.18
N LEU D 316 -23.52 13.57 17.93
CA LEU D 316 -22.12 13.49 17.54
C LEU D 316 -22.00 12.83 16.18
N ASN D 317 -21.16 13.40 15.32
CA ASN D 317 -20.81 12.73 14.07
C ASN D 317 -19.86 11.58 14.36
N ILE D 318 -19.70 10.72 13.36
CA ILE D 318 -18.75 9.61 13.50
C ILE D 318 -17.37 10.18 13.81
N PRO D 319 -16.64 9.63 14.79
CA PRO D 319 -15.34 10.20 15.13
C PRO D 319 -14.28 9.92 14.08
N MET D 320 -14.45 10.56 12.92
CA MET D 320 -13.52 10.44 11.80
C MET D 320 -12.98 11.81 11.44
N GLY D 321 -11.74 11.86 11.01
CA GLY D 321 -11.12 13.12 10.69
C GLY D 321 -10.66 13.86 11.93
N LEU D 322 -10.43 15.15 11.77
CA LEU D 322 -9.88 15.95 12.87
C LEU D 322 -10.97 16.67 13.66
N ASP D 323 -11.82 17.45 13.00
CA ASP D 323 -12.85 18.20 13.70
C ASP D 323 -13.81 17.28 14.43
N TRP D 324 -14.25 16.20 13.78
CA TRP D 324 -15.25 15.32 14.38
C TRP D 324 -14.67 14.48 15.50
N THR D 325 -13.41 14.04 15.37
CA THR D 325 -12.75 13.38 16.49
C THR D 325 -12.59 14.35 17.66
N ASP D 326 -12.27 15.62 17.36
CA ASP D 326 -12.19 16.62 18.42
C ASP D 326 -13.52 16.78 19.13
N GLU D 327 -14.62 16.81 18.36
CA GLU D 327 -15.94 16.94 18.96
C GLU D 327 -16.26 15.73 19.82
N PHE D 328 -15.89 14.53 19.35
CA PHE D 328 -16.09 13.32 20.14
C PHE D 328 -15.35 13.40 21.47
N LEU D 329 -14.07 13.78 21.42
CA LEU D 329 -13.27 13.84 22.64
C LEU D 329 -13.78 14.91 23.60
N MET D 330 -14.18 16.07 23.06
CA MET D 330 -14.71 17.13 23.92
C MET D 330 -16.03 16.70 24.57
N LYS D 331 -16.90 16.05 23.80
CA LYS D 331 -18.16 15.57 24.36
C LYS D 331 -17.92 14.52 25.44
N VAL D 332 -16.97 13.61 25.21
CA VAL D 332 -16.65 12.62 26.23
C VAL D 332 -16.11 13.29 27.48
N SER D 333 -15.24 14.29 27.29
CA SER D 333 -14.69 15.03 28.43
C SER D 333 -15.79 15.72 29.23
N GLU D 334 -16.75 16.32 28.53
CA GLU D 334 -17.83 17.03 29.23
C GLU D 334 -18.76 16.05 29.94
N ILE D 335 -19.07 14.91 29.31
CA ILE D 335 -20.00 13.96 29.91
C ILE D 335 -19.37 13.30 31.13
N SER D 336 -18.12 12.84 31.01
CA SER D 336 -17.46 12.12 32.08
C SER D 336 -16.80 13.03 33.10
N GLY D 337 -16.60 14.30 32.77
CA GLY D 337 -15.87 15.20 33.63
C GLY D 337 -14.36 15.08 33.56
N GLN D 338 -13.83 14.09 32.83
CA GLN D 338 -12.40 13.88 32.73
C GLN D 338 -11.81 14.83 31.69
N PRO D 339 -10.71 15.51 31.99
CA PRO D 339 -10.06 16.34 30.97
C PRO D 339 -9.39 15.49 29.91
N ILE D 340 -9.20 16.09 28.74
CA ILE D 340 -8.53 15.41 27.64
C ILE D 340 -7.04 15.34 27.95
N PRO D 341 -6.46 14.14 27.98
CA PRO D 341 -5.07 14.00 28.42
C PRO D 341 -4.08 14.52 27.39
N ALA D 342 -2.84 14.71 27.85
CA ALA D 342 -1.81 15.24 26.99
C ALA D 342 -1.48 14.30 25.83
N SER D 343 -1.69 12.99 26.02
CA SER D 343 -1.39 12.03 24.96
C SER D 343 -2.33 12.22 23.77
N LEU D 344 -3.62 12.44 24.03
CA LEU D 344 -4.57 12.62 22.93
C LEU D 344 -4.34 13.96 22.23
N THR D 345 -4.01 15.00 22.99
CA THR D 345 -3.67 16.29 22.37
C THR D 345 -2.42 16.15 21.49
N LYS D 346 -1.42 15.41 21.97
CA LYS D 346 -0.24 15.17 21.16
C LYS D 346 -0.58 14.39 19.89
N GLU D 347 -1.45 13.38 20.02
CA GLU D 347 -1.88 12.63 18.84
C GLU D 347 -2.57 13.54 17.83
N ARG D 348 -3.43 14.44 18.31
CA ARG D 348 -4.06 15.40 17.43
C ARG D 348 -3.04 16.28 16.72
N GLY D 349 -2.04 16.75 17.47
CA GLY D 349 -1.01 17.58 16.88
C GLY D 349 -0.20 16.85 15.82
N ARG D 350 0.07 15.56 16.04
CA ARG D 350 0.82 14.80 15.05
C ARG D 350 -0.02 14.51 13.81
N LEU D 351 -1.32 14.30 13.98
CA LEU D 351 -2.20 14.22 12.81
C LEU D 351 -2.18 15.52 12.02
N VAL D 352 -2.24 16.65 12.72
CA VAL D 352 -2.18 17.94 12.03
C VAL D 352 -0.84 18.11 11.33
N ASP D 353 0.24 17.64 11.96
CA ASP D 353 1.55 17.69 11.33
C ASP D 353 1.58 16.88 10.05
N MET D 354 0.96 15.70 10.06
CA MET D 354 0.89 14.90 8.84
C MET D 354 0.10 15.63 7.75
N MET D 355 -0.99 16.29 8.14
CA MET D 355 -1.77 17.07 7.18
C MET D 355 -0.92 18.18 6.55
N THR D 356 -0.16 18.90 7.38
CA THR D 356 0.70 19.96 6.86
C THR D 356 1.79 19.37 5.94
N ASP D 357 2.35 18.22 6.33
CA ASP D 357 3.39 17.59 5.53
C ASP D 357 2.87 17.17 4.15
N SER D 358 1.64 16.66 4.08
CA SER D 358 1.14 16.01 2.86
C SER D 358 0.12 16.85 2.08
N HIS D 359 -0.17 18.08 2.52
CA HIS D 359 -1.27 18.83 1.91
C HIS D 359 -1.03 19.12 0.43
N THR D 360 0.22 19.37 0.03
CA THR D 360 0.46 19.72 -1.36
C THR D 360 0.11 18.58 -2.30
N TRP D 361 0.46 17.34 -1.93
CA TRP D 361 0.08 16.20 -2.74
C TRP D 361 -1.42 15.93 -2.64
N LEU D 362 -2.02 16.17 -1.47
CA LEU D 362 -3.45 15.93 -1.34
C LEU D 362 -4.31 17.02 -1.97
N HIS D 363 -3.77 18.22 -2.16
CA HIS D 363 -4.60 19.36 -2.55
C HIS D 363 -5.19 19.16 -3.94
N GLY D 364 -6.51 19.35 -4.04
CA GLY D 364 -7.20 19.35 -5.31
C GLY D 364 -7.53 17.99 -5.87
N LYS D 365 -7.04 16.90 -5.27
CA LYS D 365 -7.31 15.57 -5.79
C LYS D 365 -8.80 15.26 -5.75
N ARG D 366 -9.32 14.73 -6.85
CA ARG D 366 -10.73 14.44 -6.99
C ARG D 366 -10.99 12.97 -6.71
N PHE D 367 -12.07 12.69 -5.99
CA PHE D 367 -12.34 11.35 -5.50
C PHE D 367 -13.77 10.92 -5.79
N ALA D 368 -13.92 9.66 -6.16
CA ALA D 368 -15.19 8.95 -6.08
C ALA D 368 -15.09 7.97 -4.92
N LEU D 369 -16.15 7.89 -4.14
CA LEU D 369 -16.11 7.07 -2.94
C LEU D 369 -17.50 6.52 -2.65
N TRP D 370 -17.54 5.39 -1.95
CA TRP D 370 -18.80 4.76 -1.59
C TRP D 370 -18.60 3.90 -0.35
N GLY D 371 -19.72 3.54 0.26
CA GLY D 371 -19.73 2.74 1.47
C GLY D 371 -20.98 3.01 2.27
N ASP D 372 -20.93 2.64 3.55
CA ASP D 372 -22.04 2.87 4.45
C ASP D 372 -22.12 4.35 4.85
N PRO D 373 -23.31 4.81 5.26
CA PRO D 373 -23.50 6.27 5.38
C PRO D 373 -22.55 6.97 6.35
N ASP D 374 -22.42 6.48 7.57
CA ASP D 374 -21.53 7.14 8.54
C ASP D 374 -20.09 7.13 8.06
N PHE D 375 -19.65 5.98 7.55
CA PHE D 375 -18.29 5.88 7.02
C PHE D 375 -18.09 6.83 5.84
N VAL D 376 -19.07 6.91 4.94
CA VAL D 376 -18.96 7.79 3.79
C VAL D 376 -18.87 9.25 4.21
N MET D 377 -19.73 9.68 5.14
CA MET D 377 -19.71 11.08 5.53
C MET D 377 -18.46 11.42 6.30
N GLY D 378 -17.94 10.49 7.11
CA GLY D 378 -16.66 10.71 7.75
C GLY D 378 -15.54 10.85 6.75
N LEU D 379 -15.54 10.01 5.71
CA LEU D 379 -14.56 10.12 4.65
C LEU D 379 -14.67 11.47 3.93
N VAL D 380 -15.89 11.91 3.66
CA VAL D 380 -16.08 13.20 2.98
C VAL D 380 -15.57 14.33 3.85
N LYS D 381 -15.89 14.31 5.15
CA LYS D 381 -15.43 15.36 6.04
C LYS D 381 -13.91 15.40 6.10
N PHE D 382 -13.27 14.23 6.23
CA PHE D 382 -11.81 14.21 6.29
C PHE D 382 -11.20 14.66 4.97
N LEU D 383 -11.82 14.28 3.85
CA LEU D 383 -11.34 14.74 2.54
C LEU D 383 -11.40 16.26 2.44
N LEU D 384 -12.50 16.85 2.90
CA LEU D 384 -12.61 18.31 2.89
C LEU D 384 -11.59 18.94 3.82
N GLU D 385 -11.33 18.30 4.96
CA GLU D 385 -10.29 18.80 5.86
C GLU D 385 -8.91 18.73 5.23
N LEU D 386 -8.69 17.76 4.33
CA LEU D 386 -7.40 17.58 3.70
C LEU D 386 -7.21 18.44 2.46
N GLY D 387 -8.20 19.24 2.08
CA GLY D 387 -8.14 20.00 0.86
C GLY D 387 -8.46 19.21 -0.39
N CYS D 388 -8.84 17.95 -0.27
CA CYS D 388 -9.23 17.15 -1.42
C CYS D 388 -10.65 17.47 -1.83
N GLU D 389 -10.98 17.10 -3.07
CA GLU D 389 -12.29 17.40 -3.64
C GLU D 389 -13.06 16.12 -3.91
N PRO D 390 -13.96 15.72 -3.02
CA PRO D 390 -14.78 14.54 -3.33
C PRO D 390 -15.78 14.85 -4.42
N VAL D 391 -15.52 14.39 -5.64
CA VAL D 391 -16.41 14.77 -6.74
C VAL D 391 -17.63 13.85 -6.77
N HIS D 392 -17.43 12.55 -6.56
CA HIS D 392 -18.53 11.59 -6.57
C HIS D 392 -18.64 10.93 -5.21
N ILE D 393 -19.76 11.15 -4.53
CA ILE D 393 -20.02 10.52 -3.26
C ILE D 393 -21.24 9.64 -3.45
N LEU D 394 -21.11 8.35 -3.15
CA LEU D 394 -22.18 7.40 -3.41
C LEU D 394 -22.45 6.59 -2.15
N CYS D 395 -23.71 6.52 -1.75
CA CYS D 395 -24.12 5.66 -0.64
C CYS D 395 -25.36 4.92 -1.10
N HIS D 396 -25.19 3.63 -1.43
CA HIS D 396 -26.30 2.87 -1.99
C HIS D 396 -27.41 2.69 -0.97
N ASN D 397 -27.07 2.61 0.31
CA ASN D 397 -28.05 2.43 1.36
C ASN D 397 -28.33 3.71 2.15
N GLY D 398 -27.82 4.85 1.70
CA GLY D 398 -28.11 6.10 2.38
C GLY D 398 -29.48 6.64 2.06
N ASN D 399 -29.92 7.62 2.85
CA ASN D 399 -31.25 8.20 2.69
C ASN D 399 -31.13 9.71 2.45
N LYS D 400 -32.31 10.35 2.33
CA LYS D 400 -32.34 11.77 1.98
C LYS D 400 -31.90 12.65 3.13
N ARG D 401 -32.20 12.27 4.38
CA ARG D 401 -31.70 13.03 5.52
C ARG D 401 -30.18 13.01 5.57
N TRP D 402 -29.59 11.84 5.38
CA TRP D 402 -28.13 11.72 5.31
C TRP D 402 -27.57 12.52 4.14
N LYS D 403 -28.28 12.51 3.01
CA LYS D 403 -27.85 13.30 1.86
C LYS D 403 -27.87 14.79 2.17
N LYS D 404 -28.91 15.26 2.86
CA LYS D 404 -28.96 16.67 3.24
C LYS D 404 -27.84 17.02 4.20
N ALA D 405 -27.54 16.13 5.14
CA ALA D 405 -26.45 16.37 6.08
C ALA D 405 -25.11 16.48 5.35
N VAL D 406 -24.85 15.54 4.42
CA VAL D 406 -23.57 15.59 3.72
C VAL D 406 -23.51 16.77 2.75
N ASP D 407 -24.64 17.16 2.17
CA ASP D 407 -24.67 18.36 1.35
C ASP D 407 -24.35 19.60 2.18
N ALA D 408 -24.89 19.67 3.40
CA ALA D 408 -24.56 20.77 4.29
C ALA D 408 -23.07 20.77 4.63
N ILE D 409 -22.50 19.58 4.87
CA ILE D 409 -21.08 19.48 5.17
C ILE D 409 -20.25 19.98 3.99
N LEU D 410 -20.63 19.59 2.77
CA LEU D 410 -19.90 20.02 1.58
C LEU D 410 -20.06 21.52 1.34
N ALA D 411 -21.22 22.09 1.68
CA ALA D 411 -21.45 23.51 1.44
C ALA D 411 -20.66 24.40 2.38
N ALA D 412 -20.14 23.85 3.47
CA ALA D 412 -19.33 24.63 4.41
C ALA D 412 -17.87 24.73 4.00
N SER D 413 -17.48 24.08 2.91
CA SER D 413 -16.10 24.10 2.46
C SER D 413 -16.04 24.44 0.98
N PRO D 414 -15.04 25.20 0.55
CA PRO D 414 -14.89 25.48 -0.90
C PRO D 414 -14.42 24.29 -1.70
N TYR D 415 -14.06 23.18 -1.05
CA TYR D 415 -13.64 21.97 -1.75
C TYR D 415 -14.79 21.02 -2.02
N GLY D 416 -16.01 21.35 -1.61
CA GLY D 416 -17.19 20.58 -1.92
C GLY D 416 -18.06 21.17 -3.01
N LYS D 417 -17.61 22.22 -3.71
CA LYS D 417 -18.46 22.88 -4.69
C LYS D 417 -18.76 21.97 -5.88
N ASN D 418 -17.76 21.23 -6.36
CA ASN D 418 -17.95 20.29 -7.46
C ASN D 418 -18.50 18.95 -7.00
N ALA D 419 -18.74 18.78 -5.70
CA ALA D 419 -19.19 17.50 -5.16
C ALA D 419 -20.65 17.24 -5.51
N THR D 420 -20.97 15.97 -5.72
CA THR D 420 -22.34 15.52 -5.85
C THR D 420 -22.52 14.25 -5.03
N VAL D 421 -23.65 14.16 -4.34
CA VAL D 421 -23.99 13.03 -3.49
C VAL D 421 -25.12 12.25 -4.14
N TYR D 422 -24.94 10.93 -4.24
CA TYR D 422 -25.91 10.03 -4.85
C TYR D 422 -26.30 8.99 -3.81
N ILE D 423 -27.59 8.75 -3.67
CA ILE D 423 -28.10 7.71 -2.78
C ILE D 423 -29.00 6.79 -3.61
N GLY D 424 -28.98 5.52 -3.25
CA GLY D 424 -29.73 4.53 -4.00
C GLY D 424 -29.08 4.08 -5.29
N LYS D 425 -27.88 4.56 -5.60
CA LYS D 425 -27.17 4.19 -6.81
C LYS D 425 -26.15 3.11 -6.51
N ASP D 426 -25.83 2.32 -7.53
CA ASP D 426 -24.94 1.18 -7.39
C ASP D 426 -23.61 1.47 -8.08
N LEU D 427 -22.74 0.47 -8.13
CA LEU D 427 -21.41 0.65 -8.69
C LEU D 427 -21.41 0.75 -10.21
N TRP D 428 -22.50 0.34 -10.88
CA TRP D 428 -22.59 0.60 -12.32
C TRP D 428 -22.84 2.09 -12.59
N HIS D 429 -23.71 2.71 -11.79
CA HIS D 429 -23.86 4.16 -11.83
C HIS D 429 -22.51 4.84 -11.60
N LEU D 430 -21.75 4.36 -10.62
CA LEU D 430 -20.45 4.96 -10.33
C LEU D 430 -19.47 4.73 -11.47
N ARG D 431 -19.56 3.59 -12.15
CA ARG D 431 -18.72 3.35 -13.31
C ARG D 431 -19.00 4.38 -14.40
N SER D 432 -20.28 4.65 -14.65
CA SER D 432 -20.64 5.72 -15.58
C SER D 432 -20.09 7.06 -15.12
N LEU D 433 -20.22 7.35 -13.82
CA LEU D 433 -19.75 8.63 -13.29
C LEU D 433 -18.24 8.81 -13.46
N VAL D 434 -17.47 7.76 -13.14
CA VAL D 434 -16.02 7.87 -13.23
C VAL D 434 -15.56 7.83 -14.67
N PHE D 435 -16.43 7.42 -15.60
CA PHE D 435 -16.09 7.58 -17.01
C PHE D 435 -16.37 9.02 -17.49
N THR D 436 -17.57 9.53 -17.23
CA THR D 436 -17.97 10.81 -17.81
C THR D 436 -17.35 12.01 -17.09
N ASP D 437 -17.23 11.93 -15.76
CA ASP D 437 -16.59 12.98 -14.96
C ASP D 437 -15.48 12.30 -14.16
N LYS D 438 -14.32 12.17 -14.77
CA LYS D 438 -13.28 11.29 -14.24
C LYS D 438 -12.67 11.85 -12.98
N PRO D 439 -12.72 11.14 -11.86
CA PRO D 439 -11.94 11.52 -10.68
C PRO D 439 -10.53 10.99 -10.77
N ASP D 440 -9.70 11.42 -9.81
CA ASP D 440 -8.33 10.91 -9.76
C ASP D 440 -8.26 9.51 -9.18
N PHE D 441 -9.12 9.20 -8.20
CA PHE D 441 -9.07 7.92 -7.51
C PHE D 441 -10.46 7.54 -7.05
N MET D 442 -10.62 6.25 -6.77
CA MET D 442 -11.80 5.73 -6.09
C MET D 442 -11.40 5.27 -4.70
N ILE D 443 -12.29 5.48 -3.73
CA ILE D 443 -12.15 4.90 -2.40
C ILE D 443 -13.38 4.03 -2.16
N GLY D 444 -13.18 2.74 -1.94
CA GLY D 444 -14.30 1.85 -1.74
C GLY D 444 -13.82 0.43 -1.49
N ASN D 445 -14.77 -0.50 -1.55
CA ASN D 445 -14.49 -1.89 -1.23
C ASN D 445 -13.95 -2.62 -2.45
N SER D 446 -13.78 -3.94 -2.34
CA SER D 446 -13.11 -4.70 -3.38
C SER D 446 -13.90 -4.74 -4.68
N TYR D 447 -15.22 -4.58 -4.60
CA TYR D 447 -16.04 -4.57 -5.81
C TYR D 447 -15.65 -3.46 -6.77
N GLY D 448 -14.94 -2.44 -6.28
CA GLY D 448 -14.48 -1.37 -7.15
C GLY D 448 -13.41 -1.79 -8.12
N LYS D 449 -12.74 -2.93 -7.87
CA LYS D 449 -11.64 -3.33 -8.73
C LYS D 449 -12.10 -3.49 -10.17
N PHE D 450 -13.27 -4.09 -10.38
CA PHE D 450 -13.79 -4.26 -11.74
C PHE D 450 -13.98 -2.91 -12.42
N ILE D 451 -14.41 -1.90 -11.67
CA ILE D 451 -14.52 -0.56 -12.25
C ILE D 451 -13.15 -0.09 -12.73
N GLN D 452 -12.13 -0.28 -11.88
CA GLN D 452 -10.77 0.07 -12.31
C GLN D 452 -10.37 -0.73 -13.54
N ARG D 453 -10.85 -1.96 -13.64
CA ARG D 453 -10.63 -2.73 -14.87
C ARG D 453 -11.23 -2.01 -16.07
N ASP D 454 -12.52 -1.64 -15.95
CA ASP D 454 -13.22 -1.06 -17.09
C ASP D 454 -12.54 0.24 -17.55
N THR D 455 -12.21 1.12 -16.61
CA THR D 455 -11.53 2.35 -16.99
C THR D 455 -10.21 2.06 -17.69
N LEU D 456 -9.46 1.08 -17.19
CA LEU D 456 -8.19 0.76 -17.85
C LEU D 456 -8.43 0.28 -19.28
N HIS D 457 -9.56 -0.38 -19.52
CA HIS D 457 -9.86 -0.83 -20.87
C HIS D 457 -10.02 0.34 -21.84
N LYS D 458 -10.52 1.48 -21.35
CA LYS D 458 -10.63 2.64 -22.22
C LYS D 458 -9.26 3.21 -22.57
N GLY D 459 -8.30 3.07 -21.68
CA GLY D 459 -6.95 3.55 -21.89
C GLY D 459 -6.30 3.84 -20.54
N LYS D 460 -4.97 3.78 -20.53
CA LYS D 460 -4.24 4.06 -19.29
C LYS D 460 -4.51 5.46 -18.78
N GLU D 461 -4.67 6.42 -19.70
CA GLU D 461 -4.95 7.80 -19.33
C GLU D 461 -6.35 7.98 -18.74
N PHE D 462 -7.23 6.98 -18.86
CA PHE D 462 -8.56 7.05 -18.30
C PHE D 462 -8.72 6.16 -17.06
N GLU D 463 -7.68 5.45 -16.66
CA GLU D 463 -7.80 4.52 -15.54
C GLU D 463 -7.99 5.27 -14.23
N VAL D 464 -8.95 4.81 -13.43
CA VAL D 464 -9.18 5.36 -12.10
C VAL D 464 -8.78 4.29 -11.08
N PRO D 465 -7.64 4.44 -10.42
CA PRO D 465 -7.21 3.42 -9.45
C PRO D 465 -8.12 3.38 -8.24
N LEU D 466 -8.26 2.18 -7.68
CA LEU D 466 -9.10 1.95 -6.51
C LEU D 466 -8.26 2.00 -5.25
N ILE D 467 -8.73 2.72 -4.25
CA ILE D 467 -8.15 2.70 -2.91
C ILE D 467 -9.11 1.94 -2.01
N ARG D 468 -8.63 0.87 -1.40
CA ARG D 468 -9.49 -0.09 -0.70
C ARG D 468 -9.68 0.35 0.74
N ILE D 469 -10.78 1.05 1.00
CA ILE D 469 -11.22 1.38 2.35
C ILE D 469 -12.70 1.06 2.44
N GLY D 470 -13.06 0.19 3.38
CA GLY D 470 -14.45 -0.17 3.57
C GLY D 470 -14.70 -1.65 3.73
N PHE D 471 -15.88 -2.10 3.35
CA PHE D 471 -16.29 -3.48 3.52
C PHE D 471 -17.17 -3.88 2.33
N PRO D 472 -16.96 -5.08 1.78
CA PRO D 472 -15.93 -6.05 2.15
C PRO D 472 -14.64 -5.88 1.36
N ILE D 473 -13.52 -6.33 1.90
CA ILE D 473 -12.24 -6.33 1.19
C ILE D 473 -11.81 -7.78 1.07
N PHE D 474 -11.91 -8.33 -0.14
CA PHE D 474 -11.67 -9.74 -0.39
C PHE D 474 -10.35 -10.01 -1.09
N ASP D 475 -9.84 -9.07 -1.87
CA ASP D 475 -8.65 -9.29 -2.70
C ASP D 475 -7.38 -8.77 -2.04
N ARG D 476 -7.44 -8.36 -0.79
CA ARG D 476 -6.26 -8.03 0.00
C ARG D 476 -6.38 -8.71 1.36
N HIS D 477 -5.25 -8.96 1.99
CA HIS D 477 -5.20 -9.72 3.23
C HIS D 477 -5.01 -8.78 4.42
N HIS D 478 -5.79 -9.02 5.47
CA HIS D 478 -5.60 -8.44 6.79
C HIS D 478 -5.84 -6.93 6.83
N LEU D 479 -6.51 -6.37 5.83
CA LEU D 479 -6.89 -4.97 5.90
C LEU D 479 -7.95 -4.72 6.96
N HIS D 480 -8.67 -5.77 7.38
CA HIS D 480 -9.67 -5.63 8.43
C HIS D 480 -9.05 -5.25 9.77
N ARG D 481 -7.73 -5.39 9.92
CA ARG D 481 -7.06 -4.98 11.15
C ARG D 481 -6.76 -3.48 11.19
N SER D 482 -7.09 -2.75 10.12
CA SER D 482 -6.79 -1.33 10.04
C SER D 482 -7.74 -0.52 10.92
N THR D 483 -7.46 0.78 11.00
CA THR D 483 -8.24 1.72 11.77
C THR D 483 -8.67 2.88 10.89
N THR D 484 -9.91 3.32 11.06
CA THR D 484 -10.41 4.51 10.37
C THR D 484 -10.97 5.57 11.30
N LEU D 485 -11.18 5.27 12.57
CA LEU D 485 -11.74 6.21 13.54
C LEU D 485 -10.63 6.92 14.31
N GLY D 486 -10.96 8.09 14.83
CA GLY D 486 -10.06 8.82 15.68
C GLY D 486 -8.86 9.38 14.93
N TYR D 487 -7.94 9.96 15.70
CA TYR D 487 -6.72 10.48 15.11
C TYR D 487 -5.90 9.38 14.46
N GLU D 488 -5.81 8.20 15.10
CA GLU D 488 -5.05 7.10 14.54
C GLU D 488 -5.63 6.64 13.20
N GLY D 489 -6.96 6.49 13.14
CA GLY D 489 -7.59 6.12 11.90
C GLY D 489 -7.43 7.18 10.82
N ALA D 490 -7.50 8.46 11.21
CA ALA D 490 -7.27 9.53 10.24
C ALA D 490 -5.85 9.49 9.71
N MET D 491 -4.88 9.19 10.58
CA MET D 491 -3.49 9.07 10.13
C MET D 491 -3.34 7.92 9.15
N GLN D 492 -3.99 6.79 9.43
CA GLN D 492 -3.95 5.66 8.50
C GLN D 492 -4.56 6.01 7.16
N ILE D 493 -5.72 6.68 7.18
CA ILE D 493 -6.40 7.06 5.94
C ILE D 493 -5.55 8.04 5.15
N LEU D 494 -5.00 9.05 5.83
CA LEU D 494 -4.15 10.04 5.17
C LEU D 494 -2.94 9.38 4.52
N THR D 495 -2.28 8.49 5.25
CA THR D 495 -1.13 7.79 4.70
C THR D 495 -1.52 6.99 3.46
N THR D 496 -2.62 6.24 3.56
CA THR D 496 -3.08 5.45 2.43
C THR D 496 -3.35 6.33 1.22
N LEU D 497 -4.04 7.46 1.43
CA LEU D 497 -4.42 8.33 0.31
C LEU D 497 -3.19 8.97 -0.34
N VAL D 498 -2.32 9.57 0.47
CA VAL D 498 -1.18 10.26 -0.11
C VAL D 498 -0.25 9.28 -0.79
N ASN D 499 -0.08 8.08 -0.22
CA ASN D 499 0.81 7.11 -0.85
C ASN D 499 0.17 6.46 -2.08
N SER D 500 -1.16 6.40 -2.14
CA SER D 500 -1.82 5.98 -3.37
C SER D 500 -1.59 7.00 -4.48
N ILE D 501 -1.74 8.28 -4.15
CA ILE D 501 -1.43 9.34 -5.12
C ILE D 501 0.00 9.21 -5.60
N LEU D 502 0.93 8.99 -4.66
CA LEU D 502 2.34 8.93 -5.00
C LEU D 502 2.68 7.71 -5.85
N GLU D 503 2.06 6.55 -5.56
CA GLU D 503 2.36 5.38 -6.37
C GLU D 503 1.76 5.51 -7.76
N ARG D 504 0.58 6.14 -7.88
CA ARG D 504 0.03 6.41 -9.21
C ARG D 504 0.94 7.34 -10.00
N LEU D 505 1.44 8.40 -9.37
CA LEU D 505 2.36 9.31 -10.05
C LEU D 505 3.65 8.59 -10.44
N ASP D 506 4.17 7.74 -9.56
CA ASP D 506 5.37 6.97 -9.87
C ASP D 506 5.15 6.07 -11.07
N GLU D 507 4.01 5.39 -11.13
CA GLU D 507 3.69 4.57 -12.28
C GLU D 507 3.61 5.42 -13.55
N GLU D 508 2.97 6.58 -13.47
CA GLU D 508 2.80 7.43 -14.64
C GLU D 508 4.12 8.00 -15.12
N THR D 509 5.11 8.15 -14.24
CA THR D 509 6.39 8.72 -14.61
C THR D 509 7.51 7.69 -14.63
N ARG D 510 7.18 6.41 -14.83
CA ARG D 510 8.19 5.37 -14.86
C ARG D 510 8.72 5.08 -16.26
N GLY D 511 8.08 5.61 -17.31
CA GLY D 511 8.55 5.38 -18.67
C GLY D 511 9.81 6.15 -18.99
N MET D 512 10.92 5.45 -19.19
CA MET D 512 12.19 6.12 -19.39
C MET D 512 12.23 6.88 -20.71
N GLN D 513 12.81 8.08 -20.67
CA GLN D 513 12.97 9.00 -21.78
C GLN D 513 11.64 9.53 -22.32
N ALA D 514 10.53 9.19 -21.68
CA ALA D 514 9.23 9.73 -22.06
C ALA D 514 8.59 10.54 -20.95
N THR D 515 8.48 9.97 -19.76
CA THR D 515 7.85 10.65 -18.62
C THR D 515 8.70 10.57 -17.36
N ASP D 516 9.85 9.93 -17.39
CA ASP D 516 10.64 9.73 -16.19
C ASP D 516 11.46 10.95 -15.79
N TYR D 517 11.32 12.07 -16.51
CA TYR D 517 11.91 13.31 -16.03
C TYR D 517 11.30 13.73 -14.69
N ASN D 518 10.04 13.35 -14.45
CA ASN D 518 9.37 13.62 -13.19
C ASN D 518 9.34 12.40 -12.27
N HIS D 519 10.28 11.47 -12.44
CA HIS D 519 10.40 10.32 -11.55
C HIS D 519 11.30 10.68 -10.36
N ASP D 520 10.83 11.66 -9.59
CA ASP D 520 11.63 12.22 -8.50
C ASP D 520 11.87 11.19 -7.41
N LEU D 521 13.10 11.19 -6.89
CA LEU D 521 13.38 10.40 -5.70
C LEU D 521 12.61 10.94 -4.49
N VAL D 522 12.55 12.26 -4.35
CA VAL D 522 11.96 12.91 -3.19
C VAL D 522 10.58 13.44 -3.56
N ARG D 523 9.58 13.11 -2.75
CA ARG D 523 8.22 13.60 -2.97
C ARG D 523 7.63 14.14 -1.66
FE1 ICS E . 21.37 30.31 -8.76
MO1 ICS E . 18.60 25.90 -4.03
FE2 ICS E . 21.88 28.62 -6.75
FE3 ICS E . 19.82 28.14 -8.41
FE4 ICS E . 19.70 30.14 -6.68
FE5 ICS E . 18.67 28.51 -4.91
FE6 ICS E . 20.83 26.98 -5.07
FE7 ICS E . 18.81 26.55 -6.65
CX ICS E . 19.94 28.18 -6.43
S1A ICS E . 21.86 30.87 -6.57
S1B ICS E . 19.88 27.69 -3.18
S2A ICS E . 22.05 28.15 -8.93
S2B ICS E . 22.96 27.31 -5.34
S3A ICS E . 18.24 30.72 -5.07
S3B ICS E . 20.07 24.98 -5.65
S4A ICS E . 19.09 30.20 -8.88
S4B ICS E . 17.04 27.02 -5.39
S5A ICS E . 18.50 26.41 -8.83
C1 HCA F . 21.90 23.00 -2.26
C2 HCA F . 20.68 22.44 -2.95
C3 HCA F . 19.46 23.28 -2.60
C4 HCA F . 18.97 22.93 -1.19
C5 HCA F . 17.52 22.45 -1.16
C6 HCA F . 16.80 22.93 0.08
C7 HCA F . 18.38 22.99 -3.64
O1 HCA F . 22.92 22.29 -2.15
O2 HCA F . 21.91 24.15 -1.80
O3 HCA F . 15.55 22.87 0.14
O4 HCA F . 17.43 23.37 1.06
O5 HCA F . 18.24 21.83 -4.10
O6 HCA F . 17.66 23.91 -4.08
O7 HCA F . 19.82 24.68 -2.66
FE1 CLF G . 32.58 18.13 2.81
FE2 CLF G . 30.35 17.72 3.89
FE3 CLF G . 30.31 19.21 1.55
FE4 CLF G . 30.83 16.53 1.69
S1 CLF G . 32.06 15.94 3.63
S2A CLF G . 31.21 19.83 3.56
S4A CLF G . 28.86 17.58 2.17
S3A CLF G . 32.06 18.09 0.55
FE5 CLF G . 30.51 13.98 3.07
FE6 CLF G . 32.35 13.65 4.78
FE7 CLF G . 29.82 12.47 5.27
FE8 CLF G . 30.58 15.10 5.23
S2B CLF G . 31.18 11.69 3.58
S3B CLF G . 31.20 13.56 6.79
S4B CLF G . 28.66 14.18 4.29
S1 1CL H . 31.96 16.07 3.73
FE1 1CL H . 32.52 18.23 2.85
FE2 1CL H . 30.27 17.87 3.92
FE3 1CL H . 30.28 19.27 1.56
FE4 1CL H . 30.77 16.61 1.75
FE5 1CL H . 29.80 13.59 2.63
FE6 1CL H . 32.65 12.91 5.17
FE7 1CL H . 29.87 12.59 5.26
FE8 1CL H . 30.50 15.26 5.37
S2A 1CL H . 31.16 19.95 3.55
S2B 1CL H . 31.26 12.09 3.49
S3A 1CL H . 32.05 18.13 0.59
S3B 1CL H . 31.20 13.65 6.82
S4A 1CL H . 28.80 17.68 2.19
S4B 1CL H . 28.59 14.31 4.45
FE FE I . -6.72 -16.13 10.35
FE1 ICS J . -20.37 -30.95 -8.97
MO1 ICS J . -18.16 -26.18 -4.30
FE2 ICS J . -21.13 -29.11 -7.18
FE3 ICS J . -18.87 -28.76 -8.60
FE4 ICS J . -18.99 -30.61 -6.70
FE5 ICS J . -18.18 -28.85 -4.96
FE6 ICS J . -20.27 -27.33 -5.52
FE7 ICS J . -18.07 -27.03 -6.86
CX ICS J . -19.24 -28.64 -6.65
S1A ICS J . -21.15 -31.35 -6.84
S1B ICS J . -19.57 -27.87 -3.45
S2A ICS J . -21.00 -28.82 -9.40
S2B ICS J . -22.35 -27.69 -6.02
S3A ICS J . -17.81 -31.08 -4.86
S3B ICS J . -19.42 -25.39 -6.15
S4A ICS J . -18.08 -30.85 -8.80
S4B ICS J . -16.47 -27.43 -5.36
S5A ICS J . -17.50 -27.06 -8.99
C1 HCA K . -21.64 -23.19 -3.09
C2 HCA K . -20.37 -22.71 -3.76
C3 HCA K . -19.16 -23.44 -3.17
C4 HCA K . -18.83 -22.91 -1.78
C5 HCA K . -17.32 -22.74 -1.58
C6 HCA K . -16.91 -23.02 -0.16
C7 HCA K . -17.99 -23.23 -4.13
O1 HCA K . -21.79 -24.39 -2.79
O2 HCA K . -22.55 -22.38 -2.82
O3 HCA K . -15.75 -22.77 0.21
O4 HCA K . -17.72 -23.51 0.67
O5 HCA K . -17.76 -22.09 -4.60
O6 HCA K . -17.25 -24.17 -4.46
O7 HCA K . -19.46 -24.85 -3.10
FE FE L . 5.55 16.92 9.86
FE1 CLF M . -32.73 -18.11 0.33
FE2 CLF M . -30.62 -17.63 1.63
FE3 CLF M . -30.34 -19.27 -0.57
FE4 CLF M . -30.83 -16.59 -0.70
S1 CLF M . -32.27 -15.88 1.04
S2A CLF M . -31.47 -19.74 1.37
S4A CLF M . -28.94 -17.60 0.08
S3A CLF M . -31.96 -18.23 -1.85
FE5 CLF M . -30.66 -13.96 0.52
FE6 CLF M . -32.67 -13.53 1.97
FE7 CLF M . -30.25 -12.25 2.67
FE8 CLF M . -30.99 -14.90 2.73
S2B CLF M . -31.39 -11.64 0.76
S3B CLF M . -31.80 -13.25 4.08
S4B CLF M . -28.98 -14.03 1.97
S1 1CL N . -32.27 -15.92 1.16
FE1 1CL N . -32.71 -18.14 0.39
FE2 1CL N . -30.60 -17.67 1.69
FE3 1CL N . -30.32 -19.24 -0.56
FE4 1CL N . -30.85 -16.57 -0.61
FE5 1CL N . -30.06 -13.49 0.16
FE6 1CL N . -33.12 -12.51 2.39
FE7 1CL N . -30.34 -12.31 2.71
FE8 1CL N . -31.03 -14.96 2.90
S2A 1CL N . -31.43 -19.79 1.37
S2B 1CL N . -31.55 -11.90 0.78
S3A 1CL N . -31.97 -18.20 -1.80
S3B 1CL N . -31.85 -13.26 4.19
S4A 1CL N . -28.94 -17.58 0.13
S4B 1CL N . -29.02 -14.09 2.12
#